data_5XOX
#
_entry.id   5XOX
#
_cell.length_a   164.703
_cell.length_b   164.703
_cell.length_c   275.891
_cell.angle_alpha   90.00
_cell.angle_beta   90.00
_cell.angle_gamma   90.00
#
_symmetry.space_group_name_H-M   'I 41'
#
loop_
_entity.id
_entity.type
_entity.pdbx_description
1 polymer 'tRNA(His) guanylyltransferase'
2 non-polymer "GUANOSINE-5'-TRIPHOSPHATE"
3 non-polymer 'MAGNESIUM ION'
4 non-polymer 'PHOSPHATE ION'
#
_entity_poly.entity_id   1
_entity_poly.type   'polypeptide(L)'
_entity_poly.pdbx_seq_one_letter_code
;MANSKFGYVRQFETHDVILPQCYIVVRIDGKKFHEFSKFYEFAKPNDENALKLMNACAKNLVLKYKNDIILAFGESDEYS
FILKSSTTLFNRRKDKLATLFGSFFTSNYVALWAKFFPEKPLNIKHLPYFDSRCVAYPNLQTIKDYLSWRYVDTHINNLY
NTTFWQLIIKCGLTPQESEKKLCGTFSNEKQEILFSECGINYNNEPEMFKKGSLVTRKGEILHINVIAQIDELFEGYHHH
HHH
;
_entity_poly.pdbx_strand_id   A,B,C,D,E,F
#
loop_
_chem_comp.id
_chem_comp.type
_chem_comp.name
_chem_comp.formula
GTP non-polymer GUANOSINE-5'-TRIPHOSPHATE 'C10 H16 N5 O14 P3'
MG non-polymer 'MAGNESIUM ION' 'Mg 2'
PO4 non-polymer 'PHOSPHATE ION' 'O4 P -3'
#
# COMPACT_ATOMS: atom_id res chain seq x y z
N LYS A 5 -15.77 2.28 -7.03
CA LYS A 5 -16.31 3.15 -8.08
C LYS A 5 -15.25 4.20 -8.48
N PHE A 6 -14.98 5.15 -7.60
CA PHE A 6 -13.75 5.93 -7.67
C PHE A 6 -12.78 5.39 -6.64
N GLY A 7 -13.23 4.35 -5.96
CA GLY A 7 -12.59 3.92 -4.72
C GLY A 7 -11.15 3.50 -4.85
N TYR A 8 -10.73 3.18 -6.07
CA TYR A 8 -9.38 2.65 -6.30
C TYR A 8 -8.30 3.62 -5.90
N VAL A 9 -8.64 4.89 -5.76
CA VAL A 9 -7.68 5.91 -5.35
C VAL A 9 -7.14 5.53 -3.98
N ARG A 10 -7.97 4.92 -3.15
CA ARG A 10 -7.53 4.60 -1.78
C ARG A 10 -6.35 3.60 -1.81
N GLN A 11 -6.17 2.90 -2.94
CA GLN A 11 -5.16 1.87 -3.08
C GLN A 11 -3.77 2.52 -3.17
N PHE A 12 -3.74 3.85 -3.23
CA PHE A 12 -2.49 4.57 -3.35
C PHE A 12 -1.87 4.92 -1.99
N GLU A 13 -2.61 4.73 -0.91
CA GLU A 13 -2.15 5.14 0.42
C GLU A 13 -1.08 4.22 0.94
N THR A 14 -0.54 4.59 2.10
CA THR A 14 0.61 3.91 2.66
C THR A 14 0.51 3.76 4.16
N HIS A 15 0.66 2.51 4.55
CA HIS A 15 0.45 2.12 5.92
C HIS A 15 1.74 1.93 6.73
N ASP A 16 2.88 2.37 6.21
CA ASP A 16 4.19 2.12 6.85
C ASP A 16 4.22 2.42 8.36
N VAL A 17 4.78 1.43 9.08
CA VAL A 17 4.81 1.39 10.56
C VAL A 17 6.21 1.30 11.09
N ILE A 18 6.34 1.52 12.40
CA ILE A 18 7.62 1.46 13.12
C ILE A 18 8.01 0.03 13.49
N LEU A 19 9.28 -0.27 13.27
CA LEU A 19 9.78 -1.59 13.53
C LEU A 19 9.50 -2.03 14.98
N PRO A 20 8.97 -3.25 15.15
CA PRO A 20 8.59 -3.77 16.46
C PRO A 20 9.74 -3.82 17.46
N GLN A 21 9.39 -3.70 18.74
CA GLN A 21 10.33 -3.74 19.87
C GLN A 21 11.35 -2.59 19.81
N CYS A 22 10.92 -1.43 19.32
CA CYS A 22 11.74 -0.21 19.35
C CYS A 22 11.03 0.86 20.16
N TYR A 23 11.77 1.56 21.03
CA TYR A 23 11.19 2.71 21.68
C TYR A 23 10.89 3.76 20.63
N ILE A 24 9.81 4.48 20.83
CA ILE A 24 9.49 5.50 19.85
C ILE A 24 9.64 6.86 20.47
N VAL A 25 10.09 7.82 19.68
CA VAL A 25 10.08 9.19 20.14
C VAL A 25 9.18 9.98 19.22
N VAL A 26 8.32 10.77 19.81
CA VAL A 26 7.60 11.76 19.02
C VAL A 26 8.06 13.12 19.45
N ARG A 27 8.77 13.79 18.55
CA ARG A 27 9.28 15.13 18.85
C ARG A 27 8.45 16.22 18.15
N ILE A 28 8.22 17.31 18.90
CA ILE A 28 7.37 18.41 18.46
C ILE A 28 8.14 19.74 18.47
N ASP A 29 8.28 20.39 17.31
CA ASP A 29 9.03 21.64 17.21
C ASP A 29 8.29 22.69 16.41
N GLY A 30 7.86 23.77 17.08
CA GLY A 30 7.00 24.73 16.43
C GLY A 30 7.65 25.45 15.26
N LYS A 31 7.03 25.43 14.06
CA LYS A 31 7.68 26.12 12.94
C LYS A 31 7.70 27.60 13.25
N LYS A 32 8.78 28.22 12.79
CA LYS A 32 9.00 29.65 12.96
C LYS A 32 8.60 30.12 14.37
N PHE A 33 9.31 29.65 15.39
CA PHE A 33 9.04 30.12 16.76
C PHE A 33 9.85 31.31 17.08
N HIS A 34 10.76 31.62 16.18
CA HIS A 34 11.56 32.79 16.33
C HIS A 34 10.67 34.01 16.10
N GLU A 35 9.93 33.97 15.00
CA GLU A 35 9.12 35.11 14.61
C GLU A 35 7.90 35.19 15.51
N PHE A 36 7.43 34.03 15.97
CA PHE A 36 6.28 33.94 16.86
C PHE A 36 6.55 34.62 18.17
N SER A 37 7.61 34.15 18.84
CA SER A 37 8.06 34.78 20.08
C SER A 37 8.53 36.23 19.88
N LYS A 38 8.93 36.59 18.66
CA LYS A 38 9.27 37.99 18.38
C LYS A 38 7.96 38.81 18.38
N PHE A 39 6.97 38.30 17.68
CA PHE A 39 5.70 38.98 17.51
C PHE A 39 4.96 39.16 18.82
N TYR A 40 4.94 38.10 19.63
CA TYR A 40 4.25 38.10 20.91
C TYR A 40 5.13 38.63 22.00
N GLU A 41 6.34 38.99 21.64
CA GLU A 41 7.29 39.58 22.57
C GLU A 41 7.42 38.74 23.84
N PHE A 42 8.01 37.57 23.66
CA PHE A 42 8.29 36.64 24.75
C PHE A 42 9.43 37.15 25.60
N ALA A 43 9.76 36.47 26.68
CA ALA A 43 10.81 36.96 27.58
C ALA A 43 12.23 36.54 27.30
N LYS A 44 13.05 37.49 26.79
CA LYS A 44 14.48 37.36 26.42
C LYS A 44 14.85 35.98 25.98
N PRO A 45 15.90 35.32 26.46
CA PRO A 45 15.64 33.96 25.95
C PRO A 45 15.07 32.93 26.97
N ASN A 46 14.21 33.36 27.88
CA ASN A 46 13.58 32.35 28.68
C ASN A 46 12.18 32.92 29.08
N ASP A 47 11.08 32.45 28.49
CA ASP A 47 9.81 32.96 29.01
C ASP A 47 9.12 31.91 29.84
N GLU A 48 9.13 32.18 31.14
CA GLU A 48 8.60 31.32 32.18
C GLU A 48 7.20 30.82 31.78
N ASN A 49 6.33 31.75 31.41
CA ASN A 49 4.95 31.45 31.09
C ASN A 49 4.88 30.56 29.85
N ALA A 50 5.63 30.91 28.81
CA ALA A 50 5.69 30.11 27.59
C ALA A 50 6.02 28.67 27.91
N LEU A 51 7.07 28.52 28.69
CA LEU A 51 7.59 27.22 29.09
C LEU A 51 6.54 26.41 29.87
N LYS A 52 5.82 27.05 30.78
CA LYS A 52 4.84 26.33 31.60
C LYS A 52 3.56 26.01 30.79
N LEU A 53 3.31 26.78 29.74
CA LEU A 53 2.23 26.49 28.81
C LEU A 53 2.59 25.21 28.11
N MET A 54 3.77 25.22 27.50
CA MET A 54 4.30 24.03 26.85
C MET A 54 4.21 22.86 27.77
N ASN A 55 4.55 23.09 29.02
CA ASN A 55 4.53 22.01 29.95
C ASN A 55 3.11 21.49 30.19
N ALA A 56 2.13 22.36 30.39
CA ALA A 56 0.77 21.89 30.71
C ALA A 56 0.22 21.04 29.58
N CYS A 57 0.58 21.45 28.35
CA CYS A 57 0.19 20.72 27.15
C CYS A 57 0.74 19.32 27.17
N ALA A 58 2.06 19.21 27.29
CA ALA A 58 2.67 17.88 27.40
C ALA A 58 2.09 17.03 28.55
N LYS A 59 1.74 17.66 29.67
CA LYS A 59 1.17 16.90 30.77
C LYS A 59 -0.16 16.31 30.34
N ASN A 60 -0.97 17.12 29.66
CA ASN A 60 -2.25 16.64 29.19
C ASN A 60 -2.06 15.55 28.16
N LEU A 61 -0.97 15.62 27.41
CA LEU A 61 -0.71 14.64 26.39
C LEU A 61 -0.31 13.31 26.99
N VAL A 62 0.62 13.31 27.94
CA VAL A 62 1.03 12.07 28.60
C VAL A 62 -0.17 11.54 29.36
N LEU A 63 -0.94 12.45 29.93
CA LEU A 63 -2.18 12.14 30.61
C LEU A 63 -3.06 11.31 29.67
N LYS A 64 -3.27 11.82 28.46
CA LYS A 64 -4.14 11.21 27.44
C LYS A 64 -3.75 9.78 27.13
N TYR A 65 -2.51 9.57 26.71
CA TYR A 65 -1.97 8.20 26.66
C TYR A 65 -1.07 7.97 27.84
N LYS A 66 -1.63 7.42 28.90
CA LYS A 66 -0.91 7.20 30.15
C LYS A 66 -0.24 5.84 30.03
N ASN A 67 -0.75 5.03 29.11
CA ASN A 67 -0.33 3.63 29.03
C ASN A 67 0.98 3.46 28.28
N ASP A 68 1.14 4.20 27.20
CA ASP A 68 2.26 3.92 26.30
C ASP A 68 3.49 4.84 26.45
N ILE A 69 3.41 5.83 27.36
CA ILE A 69 4.51 6.80 27.52
C ILE A 69 5.34 6.43 28.76
N ILE A 70 6.66 6.35 28.60
CA ILE A 70 7.59 6.26 29.72
C ILE A 70 7.65 7.62 30.38
N LEU A 71 7.87 8.64 29.53
CA LEU A 71 7.98 10.04 29.94
C LEU A 71 8.17 10.96 28.76
N ALA A 72 8.17 12.27 29.07
CA ALA A 72 8.33 13.31 28.07
C ALA A 72 9.33 14.31 28.56
N PHE A 73 10.11 14.91 27.64
CA PHE A 73 11.04 15.97 28.00
C PHE A 73 10.99 17.16 27.04
N GLY A 74 10.54 18.31 27.54
CA GLY A 74 10.54 19.57 26.82
C GLY A 74 11.69 20.55 27.08
N GLU A 75 11.97 21.39 26.07
CA GLU A 75 13.06 22.35 26.11
C GLU A 75 12.58 23.74 25.69
N SER A 76 12.32 23.98 24.41
CA SER A 76 12.03 25.37 24.08
C SER A 76 10.69 25.57 23.42
N ASP A 77 10.69 25.37 22.11
CA ASP A 77 9.50 25.21 21.32
C ASP A 77 9.38 23.72 21.13
N GLU A 78 10.25 23.00 21.80
CA GLU A 78 10.39 21.58 21.56
C GLU A 78 9.80 20.78 22.68
N TYR A 79 9.27 19.60 22.35
CA TYR A 79 8.94 18.62 23.39
C TYR A 79 9.13 17.21 22.83
N SER A 80 9.63 16.27 23.66
CA SER A 80 9.88 14.90 23.18
C SER A 80 9.09 13.86 24.01
N PHE A 81 8.40 12.90 23.36
CA PHE A 81 7.63 11.93 24.12
C PHE A 81 8.08 10.50 23.80
N ILE A 82 8.48 9.78 24.83
CA ILE A 82 9.13 8.50 24.69
C ILE A 82 8.07 7.46 24.89
N LEU A 83 7.84 6.66 23.85
CA LEU A 83 6.87 5.59 23.89
C LEU A 83 7.54 4.25 24.11
N LYS A 84 6.92 3.44 24.96
CA LYS A 84 7.53 2.17 25.37
C LYS A 84 7.72 1.22 24.20
N SER A 85 8.84 0.50 24.23
CA SER A 85 9.24 -0.42 23.16
C SER A 85 8.14 -1.40 22.75
N SER A 86 7.17 -1.63 23.61
CA SER A 86 6.15 -2.60 23.28
C SER A 86 4.87 -1.98 22.73
N THR A 87 4.82 -0.67 22.55
CA THR A 87 3.52 -0.05 22.29
C THR A 87 2.80 -0.45 20.99
N THR A 88 1.48 -0.62 21.07
CA THR A 88 0.60 -0.88 19.92
C THR A 88 -0.19 0.33 19.47
N LEU A 89 0.04 1.48 20.07
CA LEU A 89 -0.76 2.67 19.78
C LEU A 89 -0.84 3.09 18.30
N PHE A 90 -2.07 3.20 17.81
CA PHE A 90 -2.33 3.52 16.40
C PHE A 90 -1.68 2.46 15.53
N ASN A 91 -1.61 1.26 16.10
CA ASN A 91 -0.93 0.14 15.48
C ASN A 91 0.44 0.55 14.98
N ARG A 92 1.15 1.35 15.78
CA ARG A 92 2.53 1.69 15.47
C ARG A 92 2.69 2.51 14.18
N ARG A 93 1.68 3.27 13.80
CA ARG A 93 1.71 3.91 12.48
C ARG A 93 2.41 5.27 12.53
N LYS A 94 3.31 5.52 11.58
CA LYS A 94 4.06 6.78 11.60
C LYS A 94 3.12 7.98 11.61
N ASP A 95 2.32 8.03 10.53
CA ASP A 95 1.38 9.11 10.23
C ASP A 95 0.51 9.49 11.43
N LYS A 96 -0.14 8.49 11.99
CA LYS A 96 -1.03 8.69 13.13
C LYS A 96 -0.24 9.19 14.36
N LEU A 97 0.94 8.66 14.63
CA LEU A 97 1.63 9.06 15.83
C LEU A 97 2.11 10.53 15.82
N ALA A 98 2.77 10.88 14.72
CA ALA A 98 3.25 12.23 14.53
C ALA A 98 2.13 13.25 14.45
N THR A 99 1.22 13.04 13.50
CA THR A 99 0.14 14.00 13.27
C THR A 99 -0.81 14.11 14.44
N LEU A 100 -1.05 13.01 15.12
CA LEU A 100 -1.99 13.03 16.21
C LEU A 100 -1.42 13.74 17.43
N PHE A 101 -0.17 13.46 17.77
CA PHE A 101 0.40 14.16 18.93
C PHE A 101 0.52 15.61 18.55
N GLY A 102 0.97 15.83 17.31
CA GLY A 102 1.10 17.16 16.75
C GLY A 102 -0.16 17.98 16.95
N SER A 103 -1.29 17.37 16.61
CA SER A 103 -2.55 18.10 16.56
C SER A 103 -3.11 18.31 17.94
N PHE A 104 -3.04 17.27 18.77
CA PHE A 104 -3.52 17.35 20.13
C PHE A 104 -2.82 18.43 20.86
N PHE A 105 -1.51 18.41 20.70
CA PHE A 105 -0.65 19.37 21.32
C PHE A 105 -0.97 20.77 20.83
N THR A 106 -0.93 20.96 19.51
CA THR A 106 -1.27 22.27 18.95
C THR A 106 -2.58 22.79 19.55
N SER A 107 -3.58 21.92 19.58
CA SER A 107 -4.87 22.26 20.12
C SER A 107 -4.69 22.73 21.55
N ASN A 108 -3.95 21.97 22.35
CA ASN A 108 -3.77 22.31 23.77
C ASN A 108 -3.03 23.65 24.00
N TYR A 109 -2.07 23.94 23.15
CA TYR A 109 -1.37 25.21 23.19
C TYR A 109 -2.34 26.35 22.98
N VAL A 110 -3.12 26.27 21.91
CA VAL A 110 -3.99 27.39 21.54
C VAL A 110 -5.09 27.57 22.58
N ALA A 111 -5.58 26.46 23.11
CA ALA A 111 -6.61 26.47 24.15
C ALA A 111 -6.15 27.16 25.43
N LEU A 112 -5.03 26.69 25.99
CA LEU A 112 -4.56 27.11 27.31
C LEU A 112 -3.73 28.39 27.26
N TRP A 113 -3.56 28.92 26.05
CA TRP A 113 -2.99 30.24 25.89
C TRP A 113 -3.68 31.35 26.69
N ALA A 114 -5.01 31.31 26.71
CA ALA A 114 -5.80 32.19 27.56
C ALA A 114 -5.23 32.23 29.00
N LYS A 115 -4.99 31.04 29.56
CA LYS A 115 -4.54 30.94 30.95
C LYS A 115 -3.16 31.50 31.07
N PHE A 116 -2.26 31.05 30.22
CA PHE A 116 -0.88 31.49 30.40
C PHE A 116 -0.57 32.93 29.98
N PHE A 117 -1.34 33.50 29.05
CA PHE A 117 -1.09 34.87 28.61
C PHE A 117 -2.33 35.74 28.50
N PRO A 118 -2.87 36.13 29.64
CA PRO A 118 -3.98 37.07 29.60
C PRO A 118 -3.52 38.41 29.02
N GLU A 119 -2.21 38.64 29.04
CA GLU A 119 -1.59 39.86 28.52
C GLU A 119 -1.94 40.17 27.07
N LYS A 120 -1.41 39.36 26.17
CA LYS A 120 -1.68 39.50 24.75
C LYS A 120 -2.34 38.22 24.22
N PRO A 121 -3.60 38.33 23.75
CA PRO A 121 -4.30 37.24 23.07
C PRO A 121 -3.74 36.93 21.69
N LEU A 122 -4.29 35.89 21.07
CA LEU A 122 -3.61 35.22 19.95
C LEU A 122 -3.56 35.88 18.59
N ASN A 123 -4.31 36.95 18.36
CA ASN A 123 -4.41 37.50 17.02
C ASN A 123 -4.90 36.39 16.06
N ILE A 124 -4.53 36.41 14.78
CA ILE A 124 -4.89 35.33 13.84
C ILE A 124 -3.75 35.07 12.90
N LYS A 125 -3.40 36.13 12.16
CA LYS A 125 -2.41 36.10 11.10
C LYS A 125 -1.08 35.51 11.59
N HIS A 126 -0.87 35.55 12.90
CA HIS A 126 0.25 34.85 13.52
C HIS A 126 -0.24 33.82 14.55
N LEU A 127 -0.11 32.54 14.20
CA LEU A 127 -0.64 31.47 15.00
C LEU A 127 0.38 30.37 15.21
N PRO A 128 0.38 29.74 16.39
CA PRO A 128 1.33 28.67 16.69
C PRO A 128 1.01 27.39 15.92
N TYR A 129 1.99 26.76 15.27
CA TYR A 129 1.76 25.49 14.58
C TYR A 129 3.04 24.71 14.63
N PHE A 130 2.93 23.38 14.78
CA PHE A 130 4.11 22.64 15.20
C PHE A 130 4.46 21.51 14.21
N ASP A 131 5.74 21.36 13.90
CA ASP A 131 6.23 20.18 13.18
C ASP A 131 6.29 18.98 14.14
N SER A 132 5.85 17.82 13.69
CA SER A 132 5.97 16.61 14.50
C SER A 132 6.73 15.48 13.74
N ARG A 133 7.37 14.58 14.50
CA ARG A 133 8.28 13.57 13.94
C ARG A 133 8.29 12.32 14.74
N CYS A 134 8.55 11.21 14.05
CA CYS A 134 8.77 9.92 14.72
C CYS A 134 10.18 9.30 14.58
N VAL A 135 10.75 8.80 15.66
CA VAL A 135 12.05 8.13 15.55
C VAL A 135 12.11 6.83 16.30
N ALA A 136 12.69 5.82 15.67
CA ALA A 136 12.75 4.50 16.33
C ALA A 136 14.10 4.25 17.01
N TYR A 137 14.06 3.86 18.27
CA TYR A 137 15.27 3.51 18.97
C TYR A 137 15.27 2.05 19.42
N PRO A 138 16.20 1.27 18.88
CA PRO A 138 16.15 -0.19 19.07
C PRO A 138 16.47 -0.63 20.49
N ASN A 139 17.10 0.24 21.27
CA ASN A 139 17.42 -0.15 22.64
C ASN A 139 17.59 0.99 23.64
N LEU A 140 17.50 0.58 24.89
CA LEU A 140 17.39 1.49 26.01
C LEU A 140 18.58 2.40 26.01
N GLN A 141 19.75 1.85 25.68
CA GLN A 141 20.94 2.70 25.65
C GLN A 141 20.62 3.95 24.84
N THR A 142 20.20 3.73 23.60
CA THR A 142 19.99 4.81 22.67
C THR A 142 18.85 5.75 23.08
N ILE A 143 17.86 5.21 23.76
CA ILE A 143 16.74 6.06 24.16
C ILE A 143 17.28 6.96 25.29
N LYS A 144 18.14 6.37 26.13
CA LYS A 144 18.73 7.09 27.24
C LYS A 144 19.59 8.17 26.71
N ASP A 145 20.40 7.83 25.72
CA ASP A 145 21.31 8.76 25.10
C ASP A 145 20.56 9.87 24.38
N TYR A 146 19.36 9.54 23.87
CA TYR A 146 18.53 10.51 23.18
C TYR A 146 18.20 11.57 24.14
N LEU A 147 17.67 11.10 25.25
CA LEU A 147 17.22 11.99 26.29
C LEU A 147 18.39 12.84 26.78
N SER A 148 19.50 12.17 27.00
CA SER A 148 20.71 12.86 27.41
C SER A 148 21.06 13.96 26.39
N TRP A 149 21.15 13.58 25.14
CA TRP A 149 21.42 14.50 24.04
C TRP A 149 20.55 15.75 24.15
N ARG A 150 19.27 15.54 24.43
CA ARG A 150 18.40 16.68 24.64
C ARG A 150 18.79 17.54 25.85
N TYR A 151 18.81 16.94 27.04
CA TYR A 151 19.19 17.68 28.25
C TYR A 151 20.51 18.45 28.11
N VAL A 152 21.51 17.78 27.54
CA VAL A 152 22.74 18.42 27.09
C VAL A 152 22.46 19.65 26.26
N ASP A 153 21.78 19.50 25.13
CA ASP A 153 21.51 20.65 24.26
C ASP A 153 20.88 21.82 25.00
N THR A 154 19.97 21.53 25.94
CA THR A 154 19.29 22.62 26.65
C THR A 154 20.23 23.30 27.65
N HIS A 155 21.06 22.52 28.35
CA HIS A 155 22.02 23.09 29.30
C HIS A 155 22.98 24.06 28.57
N ILE A 156 23.68 23.51 27.58
CA ILE A 156 24.58 24.28 26.71
C ILE A 156 23.94 25.55 26.12
N ASN A 157 22.80 25.38 25.48
CA ASN A 157 22.09 26.51 24.92
C ASN A 157 21.69 27.58 25.95
N ASN A 158 21.29 27.13 27.13
CA ASN A 158 20.82 28.06 28.15
C ASN A 158 21.96 28.94 28.59
N LEU A 159 23.11 28.33 28.87
CA LEU A 159 24.28 29.12 29.24
C LEU A 159 24.61 30.10 28.10
N TYR A 160 24.90 29.59 26.90
CA TYR A 160 25.32 30.47 25.79
C TYR A 160 24.34 31.62 25.56
N ASN A 161 23.06 31.30 25.44
CA ASN A 161 22.11 32.34 25.10
C ASN A 161 21.93 33.32 26.26
N THR A 162 22.09 32.82 27.48
CA THR A 162 21.88 33.67 28.63
C THR A 162 22.98 34.69 28.67
N THR A 163 24.24 34.27 28.61
CA THR A 163 25.30 35.27 28.74
C THR A 163 25.36 36.08 27.44
N PHE A 164 24.79 35.53 26.38
CA PHE A 164 24.70 36.27 25.15
C PHE A 164 23.87 37.53 25.34
N TRP A 165 22.66 37.32 25.86
CA TRP A 165 21.68 38.39 26.01
C TRP A 165 22.01 39.26 27.20
N GLN A 166 22.76 38.73 28.14
CA GLN A 166 23.19 39.58 29.22
C GLN A 166 24.25 40.52 28.69
N LEU A 167 25.10 40.04 27.78
CA LEU A 167 26.09 40.91 27.17
C LEU A 167 25.38 41.99 26.36
N ILE A 168 24.34 41.61 25.61
CA ILE A 168 23.55 42.61 24.87
C ILE A 168 22.91 43.61 25.82
N ILE A 169 22.11 43.10 26.74
CA ILE A 169 21.33 43.89 27.69
C ILE A 169 22.19 44.85 28.56
N LYS A 170 23.03 44.28 29.42
CA LYS A 170 23.67 45.00 30.52
C LYS A 170 24.86 45.86 30.11
N CYS A 171 25.64 45.30 29.20
CA CYS A 171 26.85 45.93 28.73
C CYS A 171 26.63 46.67 27.40
N GLY A 172 25.41 46.61 26.87
CA GLY A 172 25.05 47.43 25.72
C GLY A 172 25.65 46.97 24.40
N LEU A 173 26.14 45.74 24.39
CA LEU A 173 26.80 45.17 23.22
C LEU A 173 25.85 44.91 22.06
N THR A 174 26.40 45.01 20.86
CA THR A 174 25.71 44.58 19.65
C THR A 174 26.00 43.09 19.43
N PRO A 175 25.07 42.37 18.76
CA PRO A 175 25.15 40.92 18.55
C PRO A 175 26.49 40.44 18.03
N GLN A 176 27.11 41.19 17.13
CA GLN A 176 28.40 40.83 16.55
C GLN A 176 29.51 40.75 17.61
N GLU A 177 29.65 41.78 18.41
CA GLU A 177 30.76 41.80 19.35
C GLU A 177 30.42 40.96 20.57
N SER A 178 29.14 40.66 20.80
CA SER A 178 28.80 39.70 21.85
C SER A 178 29.12 38.30 21.35
N GLU A 179 28.87 38.10 20.07
CA GLU A 179 29.15 36.82 19.45
C GLU A 179 30.64 36.55 19.53
N LYS A 180 31.47 37.56 19.23
CA LYS A 180 32.93 37.31 19.27
C LYS A 180 33.33 37.16 20.74
N LYS A 181 32.80 38.03 21.61
CA LYS A 181 33.21 38.01 23.02
C LYS A 181 32.98 36.61 23.59
N LEU A 182 31.88 35.97 23.19
CA LEU A 182 31.55 34.64 23.68
C LEU A 182 32.29 33.50 22.95
N CYS A 183 32.73 33.78 21.73
CA CYS A 183 33.39 32.83 20.84
C CYS A 183 34.59 32.12 21.50
N GLY A 184 34.62 30.80 21.32
CA GLY A 184 35.67 29.97 21.90
C GLY A 184 35.77 29.85 23.42
N THR A 185 34.78 30.30 24.18
CA THR A 185 34.88 30.23 25.63
C THR A 185 34.65 28.82 26.17
N PHE A 186 34.78 28.66 27.49
CA PHE A 186 34.43 27.42 28.19
C PHE A 186 33.22 27.69 29.06
N SER A 187 32.67 26.65 29.67
CA SER A 187 31.56 26.82 30.59
C SER A 187 31.92 27.88 31.63
N ASN A 188 32.95 27.57 32.40
CA ASN A 188 33.28 28.41 33.55
C ASN A 188 33.61 29.83 33.14
N GLU A 189 34.25 29.97 31.98
CA GLU A 189 34.54 31.29 31.44
C GLU A 189 33.26 32.08 31.21
N LYS A 190 32.24 31.45 30.64
CA LYS A 190 30.95 32.08 30.37
C LYS A 190 30.25 32.47 31.64
N GLN A 191 30.30 31.59 32.63
CA GLN A 191 29.70 31.94 33.92
C GLN A 191 30.44 33.09 34.56
N GLU A 192 31.71 33.26 34.19
CA GLU A 192 32.49 34.39 34.67
C GLU A 192 32.01 35.64 34.00
N ILE A 193 31.84 35.57 32.68
CA ILE A 193 31.45 36.74 31.90
C ILE A 193 30.13 37.15 32.45
N LEU A 194 29.43 36.17 32.97
CA LEU A 194 28.14 36.41 33.55
C LEU A 194 28.28 37.14 34.91
N PHE A 195 29.19 36.69 35.78
CA PHE A 195 29.29 37.16 37.18
C PHE A 195 30.00 38.49 37.36
N SER A 196 31.09 38.70 36.62
CA SER A 196 31.91 39.91 36.75
C SER A 196 31.27 41.06 35.97
N GLU A 197 31.07 40.79 34.68
CA GLU A 197 30.59 41.80 33.73
C GLU A 197 29.04 42.03 33.68
N CYS A 198 28.24 40.98 33.75
CA CYS A 198 26.80 41.22 33.67
C CYS A 198 26.12 41.33 35.01
N GLY A 199 26.88 41.05 36.06
CA GLY A 199 26.30 40.94 37.39
C GLY A 199 25.15 39.96 37.59
N ILE A 200 25.35 38.68 37.24
CA ILE A 200 24.37 37.68 37.68
C ILE A 200 25.00 36.29 37.88
N ASN A 201 24.48 35.56 38.87
CA ASN A 201 24.99 34.25 39.20
C ASN A 201 24.16 33.17 38.55
N TYR A 202 24.83 32.29 37.81
CA TYR A 202 24.14 31.32 36.97
C TYR A 202 23.71 30.12 37.81
N ASN A 203 24.12 30.11 39.06
CA ASN A 203 23.70 29.03 39.93
C ASN A 203 22.31 29.32 40.42
N ASN A 204 21.97 30.59 40.49
CA ASN A 204 20.65 30.97 40.93
C ASN A 204 19.63 31.09 39.81
N GLU A 205 20.11 30.87 38.60
CA GLU A 205 19.24 30.72 37.46
C GLU A 205 18.32 29.52 37.72
N PRO A 206 17.03 29.67 37.33
CA PRO A 206 15.94 28.73 37.64
C PRO A 206 16.17 27.36 37.05
N GLU A 207 16.08 26.32 37.89
CA GLU A 207 16.40 24.96 37.47
C GLU A 207 15.55 24.50 36.26
N MET A 208 14.41 25.14 36.01
CA MET A 208 13.60 24.79 34.84
C MET A 208 14.20 25.35 33.55
N PHE A 209 14.96 26.44 33.68
CA PHE A 209 15.65 26.95 32.52
C PHE A 209 16.90 26.11 32.24
N LYS A 210 17.67 25.83 33.30
CA LYS A 210 18.97 25.16 33.19
C LYS A 210 18.81 23.67 32.83
N LYS A 211 18.07 22.94 33.66
CA LYS A 211 18.08 21.48 33.63
C LYS A 211 16.87 20.91 32.80
N GLY A 212 16.12 21.77 32.11
CA GLY A 212 15.04 21.33 31.24
C GLY A 212 13.79 20.83 31.95
N SER A 213 12.69 20.64 31.21
CA SER A 213 11.42 20.27 31.84
C SER A 213 10.98 18.81 31.58
N LEU A 214 11.03 18.00 32.64
CA LEU A 214 10.76 16.56 32.50
C LEU A 214 9.43 16.07 33.09
N VAL A 215 8.56 15.57 32.24
CA VAL A 215 7.33 14.98 32.69
C VAL A 215 7.48 13.50 32.82
N THR A 216 7.30 12.98 34.02
CA THR A 216 7.24 11.55 34.15
C THR A 216 5.76 11.33 33.95
N ARG A 217 5.28 10.09 34.04
CA ARG A 217 3.83 9.89 34.01
C ARG A 217 3.28 10.80 35.12
N LYS A 218 2.10 11.40 34.88
CA LYS A 218 1.48 12.48 35.69
C LYS A 218 2.33 13.78 36.01
N GLY A 219 2.53 14.11 37.28
CA GLY A 219 3.28 15.29 37.66
C GLY A 219 4.75 15.23 37.28
N GLU A 220 5.35 16.39 37.09
CA GLU A 220 6.63 16.54 36.38
C GLU A 220 7.70 17.41 37.09
N ILE A 221 8.98 17.14 36.79
CA ILE A 221 10.12 17.54 37.62
C ILE A 221 11.25 18.14 36.77
N LEU A 222 12.19 18.91 37.34
CA LEU A 222 13.35 19.44 36.59
C LEU A 222 14.68 19.06 37.25
N HIS A 223 15.35 17.94 36.89
CA HIS A 223 16.77 17.75 37.26
C HIS A 223 17.60 16.83 36.31
N ILE A 224 18.63 17.34 35.62
CA ILE A 224 19.83 16.61 35.06
C ILE A 224 19.68 15.24 34.25
N ASN A 225 20.61 14.32 34.47
CA ASN A 225 20.31 12.93 34.25
C ASN A 225 20.85 12.15 35.47
N VAL A 226 19.87 11.54 36.14
CA VAL A 226 20.07 10.42 37.03
C VAL A 226 19.03 9.46 36.51
N ILE A 227 19.41 8.35 35.91
CA ILE A 227 18.35 7.65 35.21
C ILE A 227 17.68 6.68 36.20
N ALA A 228 16.58 7.17 36.77
CA ALA A 228 15.73 6.36 37.61
C ALA A 228 14.57 5.97 36.71
N GLN A 229 14.60 6.52 35.50
CA GLN A 229 13.79 5.97 34.42
C GLN A 229 14.11 4.50 34.19
N ILE A 230 15.35 4.10 34.48
CA ILE A 230 15.76 2.69 34.43
C ILE A 230 14.80 1.80 35.24
N ASP A 231 14.43 2.22 36.44
CA ASP A 231 13.62 1.40 37.32
C ASP A 231 12.13 1.48 37.01
N GLU A 232 11.63 2.65 36.61
CA GLU A 232 10.18 2.81 36.39
C GLU A 232 9.62 1.89 35.29
N LEU A 233 10.46 1.56 34.31
CA LEU A 233 10.13 0.67 33.18
C LEU A 233 9.00 1.23 32.30
N LYS B 5 28.60 14.39 20.66
CA LYS B 5 28.75 13.71 21.96
C LYS B 5 27.68 12.65 22.20
N PHE B 6 26.41 13.07 22.32
CA PHE B 6 25.26 12.17 22.25
C PHE B 6 24.59 12.30 20.91
N GLY B 7 25.18 13.09 20.02
CA GLY B 7 24.47 13.55 18.86
C GLY B 7 24.20 12.48 17.83
N TYR B 8 24.91 11.36 17.98
CA TYR B 8 24.71 10.25 17.09
C TYR B 8 23.28 9.75 17.03
N VAL B 9 22.50 10.04 18.07
CA VAL B 9 21.15 9.49 18.06
C VAL B 9 20.40 10.12 16.88
N ARG B 10 20.87 11.28 16.43
CA ARG B 10 20.18 11.96 15.35
C ARG B 10 20.25 11.17 14.05
N GLN B 11 21.29 10.36 13.92
CA GLN B 11 21.52 9.57 12.72
C GLN B 11 20.42 8.48 12.58
N PHE B 12 19.60 8.33 13.61
CA PHE B 12 18.53 7.35 13.57
C PHE B 12 17.31 7.80 12.77
N GLU B 13 17.23 9.09 12.43
CA GLU B 13 16.01 9.63 11.83
C GLU B 13 15.85 9.18 10.43
N THR B 14 14.69 9.52 9.86
CA THR B 14 14.34 9.13 8.51
C THR B 14 13.82 10.32 7.76
N HIS B 15 14.48 10.63 6.67
CA HIS B 15 14.17 11.83 5.90
C HIS B 15 13.23 11.65 4.68
N ASP B 16 12.54 10.51 4.59
CA ASP B 16 11.73 10.14 3.41
C ASP B 16 10.69 11.15 2.84
N VAL B 17 10.69 11.19 1.51
CA VAL B 17 9.94 12.18 0.73
C VAL B 17 8.99 11.56 -0.30
N ILE B 18 8.04 12.36 -0.75
CA ILE B 18 7.12 11.94 -1.81
C ILE B 18 7.84 11.93 -3.15
N LEU B 19 7.69 10.81 -3.87
CA LEU B 19 8.22 10.67 -5.22
C LEU B 19 7.88 11.89 -6.07
N PRO B 20 8.89 12.45 -6.74
CA PRO B 20 8.74 13.64 -7.58
C PRO B 20 7.74 13.45 -8.70
N GLN B 21 7.15 14.57 -9.11
CA GLN B 21 6.16 14.72 -10.19
C GLN B 21 4.87 13.98 -9.91
N CYS B 22 4.45 14.01 -8.66
CA CYS B 22 3.18 13.46 -8.26
C CYS B 22 2.41 14.54 -7.59
N TYR B 23 1.15 14.73 -7.96
CA TYR B 23 0.27 15.53 -7.16
C TYR B 23 0.25 15.02 -5.71
N ILE B 24 0.13 15.92 -4.75
CA ILE B 24 0.08 15.52 -3.34
C ILE B 24 -1.24 15.85 -2.68
N VAL B 25 -1.83 14.88 -2.02
CA VAL B 25 -3.01 15.16 -1.22
C VAL B 25 -2.70 15.14 0.26
N VAL B 26 -3.15 16.16 0.99
CA VAL B 26 -3.02 16.12 2.43
C VAL B 26 -4.40 16.03 3.03
N ARG B 27 -4.71 14.90 3.69
CA ARG B 27 -6.06 14.74 4.24
C ARG B 27 -6.07 14.86 5.76
N ILE B 28 -7.01 15.68 6.21
CA ILE B 28 -7.17 15.94 7.62
C ILE B 28 -8.52 15.43 8.05
N ASP B 29 -8.53 14.64 9.13
CA ASP B 29 -9.75 14.03 9.66
C ASP B 29 -9.74 14.02 11.18
N GLY B 30 -10.70 14.68 11.81
CA GLY B 30 -10.70 14.76 13.27
C GLY B 30 -10.97 13.48 14.04
N LYS B 31 -10.13 13.18 15.03
CA LYS B 31 -10.30 11.93 15.78
C LYS B 31 -11.47 12.05 16.74
N LYS B 32 -12.19 10.94 16.85
CA LYS B 32 -13.36 10.83 17.69
C LYS B 32 -14.22 12.07 17.56
N PHE B 33 -14.72 12.33 16.36
CA PHE B 33 -15.57 13.50 16.20
C PHE B 33 -17.00 13.13 16.39
N HIS B 34 -17.26 11.83 16.46
CA HIS B 34 -18.58 11.39 16.80
C HIS B 34 -18.85 11.81 18.25
N GLU B 35 -17.95 11.39 19.12
CA GLU B 35 -18.08 11.63 20.55
C GLU B 35 -17.91 13.10 20.83
N PHE B 36 -17.05 13.73 20.04
CA PHE B 36 -16.81 15.14 20.14
C PHE B 36 -18.09 15.92 19.85
N SER B 37 -18.61 15.74 18.64
CA SER B 37 -19.84 16.42 18.22
C SER B 37 -21.00 16.08 19.14
N LYS B 38 -21.00 14.88 19.74
CA LYS B 38 -22.10 14.50 20.62
C LYS B 38 -21.97 15.28 21.92
N PHE B 39 -20.73 15.48 22.36
CA PHE B 39 -20.49 16.22 23.58
C PHE B 39 -20.89 17.69 23.45
N TYR B 40 -20.55 18.33 22.33
CA TYR B 40 -20.83 19.75 22.18
C TYR B 40 -22.21 20.07 21.57
N GLU B 41 -22.97 19.02 21.31
CA GLU B 41 -24.31 19.09 20.72
C GLU B 41 -24.27 19.83 19.38
N PHE B 42 -23.65 19.17 18.41
CA PHE B 42 -23.72 19.58 17.02
C PHE B 42 -25.06 19.29 16.45
N ALA B 43 -25.43 19.94 15.35
CA ALA B 43 -26.80 19.74 14.94
C ALA B 43 -26.93 18.61 13.95
N LYS B 44 -27.13 17.41 14.48
CA LYS B 44 -27.76 16.31 13.76
C LYS B 44 -26.80 16.01 12.60
N PRO B 45 -27.13 15.17 11.60
CA PRO B 45 -25.86 15.15 10.85
C PRO B 45 -25.60 16.39 9.94
N ASN B 46 -26.02 17.58 10.34
CA ASN B 46 -25.66 18.67 9.49
C ASN B 46 -25.50 19.93 10.37
N ASP B 47 -24.29 20.43 10.60
CA ASP B 47 -24.18 21.63 11.42
C ASP B 47 -23.51 22.76 10.65
N GLU B 48 -24.31 23.75 10.34
CA GLU B 48 -23.89 24.85 9.52
C GLU B 48 -22.62 25.52 10.08
N ASN B 49 -22.65 25.76 11.38
CA ASN B 49 -21.55 26.42 12.08
C ASN B 49 -20.24 25.61 12.04
N ALA B 50 -20.29 24.33 12.36
CA ALA B 50 -19.08 23.51 12.39
C ALA B 50 -18.38 23.45 11.04
N LEU B 51 -19.20 23.24 10.01
CA LEU B 51 -18.78 23.15 8.62
C LEU B 51 -18.19 24.45 8.12
N LYS B 52 -18.75 25.55 8.61
CA LYS B 52 -18.27 26.88 8.24
C LYS B 52 -16.96 27.19 8.93
N LEU B 53 -16.80 26.65 10.14
CA LEU B 53 -15.54 26.78 10.87
C LEU B 53 -14.44 26.02 10.10
N MET B 54 -14.76 24.79 9.72
CA MET B 54 -13.84 23.96 8.97
C MET B 54 -13.41 24.67 7.72
N ASN B 55 -14.39 25.21 7.01
CA ASN B 55 -14.11 25.85 5.76
C ASN B 55 -13.22 27.05 5.98
N ALA B 56 -13.47 27.78 7.07
CA ALA B 56 -12.67 28.97 7.38
C ALA B 56 -11.22 28.61 7.60
N CYS B 57 -10.98 27.61 8.44
CA CYS B 57 -9.63 27.07 8.63
C CYS B 57 -8.96 26.77 7.28
N ALA B 58 -9.60 25.93 6.47
CA ALA B 58 -9.04 25.56 5.16
C ALA B 58 -8.73 26.78 4.26
N LYS B 59 -9.63 27.77 4.29
CA LYS B 59 -9.44 29.04 3.59
C LYS B 59 -8.14 29.71 4.06
N ASN B 60 -7.93 29.68 5.39
CA ASN B 60 -6.70 30.21 5.97
C ASN B 60 -5.50 29.46 5.44
N LEU B 61 -5.66 28.16 5.25
CA LEU B 61 -4.51 27.34 4.92
C LEU B 61 -4.09 27.54 3.46
N VAL B 62 -5.05 27.48 2.55
CA VAL B 62 -4.71 27.73 1.16
C VAL B 62 -4.28 29.18 1.00
N LEU B 63 -4.74 30.03 1.91
CA LEU B 63 -4.20 31.38 1.98
C LEU B 63 -2.70 31.27 2.28
N LYS B 64 -2.34 30.50 3.32
CA LYS B 64 -0.95 30.39 3.80
C LYS B 64 0.00 29.85 2.72
N TYR B 65 -0.28 28.68 2.18
CA TYR B 65 0.45 28.26 0.99
C TYR B 65 -0.43 28.47 -0.20
N LYS B 66 -0.28 29.64 -0.80
CA LYS B 66 -1.08 30.04 -1.94
C LYS B 66 -0.33 29.51 -3.13
N ASN B 67 0.94 29.19 -2.89
CA ASN B 67 1.82 28.80 -3.97
C ASN B 67 1.79 27.34 -4.31
N ASP B 68 1.61 26.50 -3.31
CA ASP B 68 1.63 25.08 -3.57
C ASP B 68 0.24 24.40 -3.69
N ILE B 69 -0.83 25.13 -3.39
CA ILE B 69 -2.15 24.50 -3.35
C ILE B 69 -3.00 24.82 -4.57
N ILE B 70 -3.50 23.78 -5.24
CA ILE B 70 -4.44 23.96 -6.34
C ILE B 70 -5.82 24.27 -5.80
N LEU B 71 -6.25 23.47 -4.84
CA LEU B 71 -7.56 23.64 -4.22
C LEU B 71 -7.72 22.65 -3.09
N ALA B 72 -8.84 22.74 -2.38
CA ALA B 72 -9.07 21.92 -1.20
C ALA B 72 -10.56 21.60 -1.06
N PHE B 73 -10.91 20.39 -0.63
CA PHE B 73 -12.32 20.00 -0.49
C PHE B 73 -12.72 19.42 0.88
N GLY B 74 -13.59 20.15 1.59
CA GLY B 74 -14.15 19.69 2.86
C GLY B 74 -15.47 18.93 2.79
N GLU B 75 -15.63 17.97 3.69
CA GLU B 75 -16.84 17.21 3.77
C GLU B 75 -17.42 17.32 5.16
N SER B 76 -16.86 16.62 6.15
CA SER B 76 -17.49 16.67 7.45
C SER B 76 -16.55 17.19 8.49
N ASP B 77 -15.73 16.27 8.97
CA ASP B 77 -14.54 16.55 9.76
C ASP B 77 -13.34 16.48 8.85
N GLU B 78 -13.59 16.25 7.57
CA GLU B 78 -12.52 15.94 6.63
C GLU B 78 -12.20 17.18 5.83
N TYR B 79 -10.93 17.33 5.46
CA TYR B 79 -10.63 18.32 4.43
C TYR B 79 -9.41 17.81 3.60
N SER B 80 -9.50 17.87 2.27
CA SER B 80 -8.41 17.37 1.41
C SER B 80 -7.69 18.54 0.70
N PHE B 81 -6.36 18.63 0.78
CA PHE B 81 -5.65 19.70 0.08
C PHE B 81 -4.80 19.17 -1.06
N ILE B 82 -4.93 19.77 -2.24
CA ILE B 82 -4.21 19.29 -3.41
C ILE B 82 -3.04 20.20 -3.65
N LEU B 83 -1.85 19.64 -3.51
CA LEU B 83 -0.63 20.32 -3.84
C LEU B 83 -0.23 19.96 -5.25
N LYS B 84 0.21 20.95 -6.01
CA LYS B 84 0.62 20.76 -7.39
C LYS B 84 1.68 19.68 -7.50
N SER B 85 1.69 18.91 -8.60
CA SER B 85 2.63 17.81 -8.77
C SER B 85 4.08 18.28 -8.82
N SER B 86 4.28 19.56 -8.96
CA SER B 86 5.62 20.07 -9.05
C SER B 86 6.19 20.54 -7.70
N THR B 87 5.35 20.68 -6.68
CA THR B 87 5.70 21.45 -5.48
C THR B 87 6.96 20.94 -4.78
N THR B 88 7.79 21.89 -4.35
CA THR B 88 9.01 21.59 -3.62
C THR B 88 8.86 21.83 -2.12
N LEU B 89 7.65 22.23 -1.71
CA LEU B 89 7.40 22.58 -0.31
C LEU B 89 7.88 21.57 0.73
N PHE B 90 8.60 22.05 1.73
CA PHE B 90 9.10 21.13 2.75
C PHE B 90 9.90 20.03 2.10
N ASN B 91 10.46 20.37 0.95
CA ASN B 91 11.27 19.47 0.16
C ASN B 91 10.55 18.16 -0.07
N ARG B 92 9.24 18.20 -0.23
CA ARG B 92 8.53 17.00 -0.57
C ARG B 92 8.46 16.00 0.57
N ARG B 93 8.45 16.49 1.79
CA ARG B 93 8.66 15.56 2.86
C ARG B 93 7.35 15.16 3.58
N LYS B 94 7.14 13.87 3.87
CA LYS B 94 5.89 13.40 4.53
C LYS B 94 5.62 14.06 5.89
N ASP B 95 6.54 13.86 6.84
CA ASP B 95 6.39 14.39 8.21
C ASP B 95 6.00 15.84 8.23
N LYS B 96 6.76 16.63 7.47
CA LYS B 96 6.59 18.05 7.53
C LYS B 96 5.21 18.39 6.97
N LEU B 97 4.85 17.80 5.85
CA LEU B 97 3.59 18.14 5.19
C LEU B 97 2.32 17.78 5.98
N ALA B 98 2.27 16.52 6.42
CA ALA B 98 1.17 16.04 7.23
C ALA B 98 1.13 16.83 8.52
N THR B 99 2.22 16.81 9.28
CA THR B 99 2.13 17.31 10.64
C THR B 99 1.97 18.80 10.65
N LEU B 100 2.60 19.48 9.69
CA LEU B 100 2.55 20.94 9.68
C LEU B 100 1.20 21.40 9.22
N PHE B 101 0.65 20.78 8.16
CA PHE B 101 -0.72 21.13 7.76
C PHE B 101 -1.75 20.83 8.87
N GLY B 102 -1.68 19.62 9.40
CA GLY B 102 -2.48 19.24 10.56
C GLY B 102 -2.41 20.24 11.72
N SER B 103 -1.20 20.65 12.08
CA SER B 103 -1.03 21.57 13.20
C SER B 103 -1.66 22.87 12.86
N PHE B 104 -1.28 23.40 11.71
CA PHE B 104 -1.78 24.68 11.28
C PHE B 104 -3.28 24.69 11.38
N PHE B 105 -3.89 23.70 10.74
CA PHE B 105 -5.33 23.55 10.70
C PHE B 105 -5.93 23.53 12.10
N THR B 106 -5.51 22.55 12.90
CA THR B 106 -5.94 22.42 14.28
C THR B 106 -5.88 23.75 15.04
N SER B 107 -4.79 24.48 14.84
CA SER B 107 -4.61 25.76 15.48
C SER B 107 -5.65 26.76 15.01
N ASN B 108 -5.88 26.83 13.72
CA ASN B 108 -6.93 27.73 13.21
C ASN B 108 -8.32 27.33 13.70
N TYR B 109 -8.54 26.03 13.88
CA TYR B 109 -9.81 25.54 14.39
C TYR B 109 -10.01 26.12 15.76
N VAL B 110 -9.09 25.82 16.65
CA VAL B 110 -9.22 26.25 18.04
C VAL B 110 -9.27 27.78 18.18
N ALA B 111 -8.49 28.49 17.37
CA ALA B 111 -8.59 29.94 17.28
C ALA B 111 -10.03 30.41 17.00
N LEU B 112 -10.57 30.02 15.83
CA LEU B 112 -11.83 30.57 15.34
C LEU B 112 -13.11 29.95 15.96
N TRP B 113 -12.92 28.97 16.84
CA TRP B 113 -14.07 28.40 17.56
C TRP B 113 -14.97 29.43 18.26
N ALA B 114 -14.38 30.30 19.07
CA ALA B 114 -15.15 31.31 19.78
C ALA B 114 -16.07 32.07 18.81
N LYS B 115 -15.57 32.30 17.59
CA LYS B 115 -16.33 32.96 16.53
C LYS B 115 -17.55 32.14 16.20
N PHE B 116 -17.33 30.87 15.86
CA PHE B 116 -18.45 30.08 15.33
C PHE B 116 -19.37 29.47 16.42
N PHE B 117 -18.88 29.36 17.66
CA PHE B 117 -19.72 28.85 18.76
C PHE B 117 -19.68 29.67 20.04
N PRO B 118 -20.14 30.94 19.98
CA PRO B 118 -20.12 31.72 21.21
C PRO B 118 -21.14 31.13 22.19
N GLU B 119 -22.02 30.28 21.67
CA GLU B 119 -22.94 29.49 22.48
C GLU B 119 -22.19 28.72 23.57
N LYS B 120 -21.39 27.73 23.14
CA LYS B 120 -20.59 26.94 24.06
C LYS B 120 -19.09 27.07 23.84
N PRO B 121 -18.37 27.54 24.87
CA PRO B 121 -16.90 27.54 24.94
C PRO B 121 -16.33 26.13 24.99
N LEU B 122 -15.00 26.01 24.98
CA LEU B 122 -14.35 24.73 24.69
C LEU B 122 -14.20 23.67 25.76
N ASN B 123 -14.41 24.01 27.01
CA ASN B 123 -13.99 23.14 28.11
C ASN B 123 -12.47 22.87 27.95
N ILE B 124 -11.98 21.70 28.36
CA ILE B 124 -10.59 21.28 28.12
C ILE B 124 -10.59 19.83 27.76
N LYS B 125 -11.08 19.03 28.71
CA LYS B 125 -10.94 17.59 28.73
C LYS B 125 -11.34 16.98 27.38
N HIS B 126 -12.24 17.67 26.65
CA HIS B 126 -12.51 17.32 25.26
C HIS B 126 -12.11 18.38 24.27
N LEU B 127 -11.06 18.11 23.51
CA LEU B 127 -10.53 19.08 22.57
C LEU B 127 -10.45 18.51 21.18
N PRO B 128 -10.61 19.37 20.16
CA PRO B 128 -10.46 18.90 18.78
C PRO B 128 -9.04 18.48 18.49
N TYR B 129 -8.83 17.32 17.89
CA TYR B 129 -7.52 17.08 17.35
C TYR B 129 -7.54 16.16 16.16
N PHE B 130 -6.68 16.43 15.16
CA PHE B 130 -6.89 15.86 13.82
C PHE B 130 -5.77 14.95 13.29
N ASP B 131 -6.13 13.83 12.68
CA ASP B 131 -5.18 12.97 11.94
C ASP B 131 -4.87 13.56 10.57
N SER B 132 -3.60 13.51 10.15
CA SER B 132 -3.28 13.96 8.82
C SER B 132 -2.52 12.88 7.99
N ARG B 133 -2.67 12.95 6.67
CA ARG B 133 -2.13 11.91 5.77
C ARG B 133 -1.59 12.52 4.51
N CYS B 134 -0.53 11.89 4.02
CA CYS B 134 0.03 12.17 2.71
C CYS B 134 -0.21 11.10 1.67
N VAL B 135 -0.81 11.49 0.57
CA VAL B 135 -0.98 10.55 -0.55
C VAL B 135 -0.42 11.07 -1.87
N ALA B 136 0.28 10.20 -2.61
CA ALA B 136 0.83 10.61 -3.90
C ALA B 136 0.00 10.12 -5.06
N TYR B 137 -0.38 11.04 -5.95
CA TYR B 137 -1.10 10.70 -7.17
C TYR B 137 -0.32 11.16 -8.41
N PRO B 138 0.20 10.22 -9.20
CA PRO B 138 1.15 10.34 -10.30
C PRO B 138 0.66 11.04 -11.57
N ASN B 139 -0.65 11.26 -11.70
CA ASN B 139 -1.18 11.96 -12.86
C ASN B 139 -2.51 12.62 -12.59
N LEU B 140 -3.01 13.35 -13.58
CA LEU B 140 -4.27 14.08 -13.46
C LEU B 140 -5.46 13.23 -13.11
N GLN B 141 -5.65 12.18 -13.89
CA GLN B 141 -6.83 11.34 -13.76
C GLN B 141 -7.00 10.94 -12.30
N THR B 142 -5.94 10.42 -11.73
CA THR B 142 -5.97 9.91 -10.37
C THR B 142 -6.47 10.97 -9.40
N ILE B 143 -5.93 12.17 -9.51
CA ILE B 143 -6.28 13.32 -8.65
C ILE B 143 -7.72 13.71 -8.80
N LYS B 144 -8.12 13.91 -10.05
CA LYS B 144 -9.49 14.17 -10.36
C LYS B 144 -10.38 13.14 -9.69
N ASP B 145 -10.05 11.86 -9.88
CA ASP B 145 -10.88 10.77 -9.38
C ASP B 145 -10.90 10.75 -7.87
N TYR B 146 -9.81 11.18 -7.24
CA TYR B 146 -9.74 11.22 -5.79
C TYR B 146 -10.79 12.17 -5.35
N LEU B 147 -10.69 13.37 -5.89
CA LEU B 147 -11.60 14.43 -5.56
C LEU B 147 -13.03 13.97 -5.75
N SER B 148 -13.30 13.35 -6.90
CA SER B 148 -14.58 12.76 -7.21
C SER B 148 -15.04 11.88 -6.10
N TRP B 149 -14.21 10.92 -5.76
CA TRP B 149 -14.46 9.95 -4.72
C TRP B 149 -14.94 10.63 -3.45
N ARG B 150 -14.30 11.74 -3.12
CA ARG B 150 -14.69 12.50 -1.96
C ARG B 150 -16.08 13.12 -2.09
N TYR B 151 -16.28 13.87 -3.17
CA TYR B 151 -17.56 14.54 -3.44
C TYR B 151 -18.72 13.57 -3.43
N VAL B 152 -18.53 12.48 -4.14
CA VAL B 152 -19.35 11.31 -4.07
C VAL B 152 -19.70 11.02 -2.63
N ASP B 153 -18.69 10.68 -1.83
CA ASP B 153 -18.93 10.36 -0.44
C ASP B 153 -19.85 11.36 0.28
N THR B 154 -19.50 12.65 0.18
CA THR B 154 -20.28 13.67 0.88
C THR B 154 -21.74 13.63 0.43
N HIS B 155 -21.97 13.43 -0.88
CA HIS B 155 -23.33 13.47 -1.46
C HIS B 155 -24.21 12.32 -1.00
N ILE B 156 -23.65 11.14 -1.19
CA ILE B 156 -24.27 9.93 -0.71
C ILE B 156 -24.64 10.00 0.76
N ASN B 157 -23.64 10.23 1.59
CA ASN B 157 -23.85 10.23 3.04
C ASN B 157 -24.83 11.33 3.51
N ASN B 158 -24.79 12.49 2.83
CA ASN B 158 -25.69 13.58 3.15
C ASN B 158 -27.10 13.08 2.99
N LEU B 159 -27.34 12.42 1.86
CA LEU B 159 -28.64 11.81 1.67
C LEU B 159 -29.00 10.78 2.75
N TYR B 160 -28.18 9.74 2.93
CA TYR B 160 -28.54 8.67 3.85
C TYR B 160 -28.81 9.20 5.25
N ASN B 161 -27.88 9.95 5.80
CA ASN B 161 -28.02 10.42 7.16
C ASN B 161 -29.20 11.39 7.27
N THR B 162 -29.45 12.17 6.22
CA THR B 162 -30.55 13.13 6.27
C THR B 162 -31.85 12.37 6.47
N THR B 163 -32.12 11.41 5.59
CA THR B 163 -33.39 10.71 5.67
C THR B 163 -33.47 9.87 6.94
N PHE B 164 -32.33 9.35 7.37
CA PHE B 164 -32.26 8.62 8.62
C PHE B 164 -32.81 9.45 9.78
N TRP B 165 -32.22 10.63 9.93
CA TRP B 165 -32.54 11.50 11.03
C TRP B 165 -33.92 12.08 10.94
N GLN B 166 -34.43 12.20 9.73
CA GLN B 166 -35.82 12.59 9.62
C GLN B 166 -36.74 11.45 10.03
N LEU B 167 -36.30 10.22 9.83
CA LEU B 167 -37.11 9.08 10.21
C LEU B 167 -37.17 8.98 11.71
N ILE B 168 -36.05 9.29 12.35
CA ILE B 168 -36.02 9.29 13.80
C ILE B 168 -36.84 10.44 14.34
N ILE B 169 -36.45 11.65 13.92
CA ILE B 169 -37.04 12.91 14.37
C ILE B 169 -38.54 12.99 14.10
N LYS B 170 -38.91 13.03 12.83
CA LYS B 170 -40.28 13.24 12.40
C LYS B 170 -41.19 12.03 12.60
N CYS B 171 -40.70 10.85 12.28
CA CYS B 171 -41.53 9.66 12.33
C CYS B 171 -41.37 8.87 13.63
N GLY B 172 -40.49 9.33 14.51
CA GLY B 172 -40.32 8.72 15.82
C GLY B 172 -39.69 7.34 15.80
N LEU B 173 -38.99 7.04 14.72
CA LEU B 173 -38.38 5.72 14.60
C LEU B 173 -37.21 5.62 15.56
N THR B 174 -36.88 4.39 15.94
CA THR B 174 -35.62 4.09 16.63
C THR B 174 -34.59 3.78 15.53
N PRO B 175 -33.30 3.91 15.86
CA PRO B 175 -32.24 3.68 14.87
C PRO B 175 -32.36 2.37 14.11
N GLN B 176 -32.66 1.29 14.82
CA GLN B 176 -32.62 -0.02 14.22
C GLN B 176 -33.59 -0.16 13.07
N GLU B 177 -34.84 0.19 13.31
CA GLU B 177 -35.84 0.03 12.27
C GLU B 177 -35.72 1.13 11.25
N SER B 178 -35.04 2.23 11.61
CA SER B 178 -34.78 3.26 10.63
C SER B 178 -33.75 2.76 9.63
N GLU B 179 -32.86 1.91 10.14
CA GLU B 179 -31.77 1.33 9.38
C GLU B 179 -32.27 0.24 8.46
N LYS B 180 -33.09 -0.67 9.01
CA LYS B 180 -33.71 -1.71 8.20
C LYS B 180 -34.63 -1.02 7.19
N LYS B 181 -35.22 0.10 7.62
CA LYS B 181 -36.14 0.88 6.78
C LYS B 181 -35.46 1.40 5.54
N LEU B 182 -34.28 1.97 5.75
CA LEU B 182 -33.50 2.58 4.68
C LEU B 182 -32.73 1.54 3.86
N CYS B 183 -32.56 0.36 4.45
CA CYS B 183 -31.77 -0.70 3.82
C CYS B 183 -32.22 -1.02 2.40
N GLY B 184 -31.23 -1.24 1.53
CA GLY B 184 -31.49 -1.65 0.16
C GLY B 184 -32.04 -0.62 -0.81
N THR B 185 -32.39 0.56 -0.32
CA THR B 185 -33.13 1.55 -1.10
C THR B 185 -32.32 2.15 -2.25
N PHE B 186 -32.90 3.11 -2.94
CA PHE B 186 -32.17 3.88 -3.95
C PHE B 186 -32.17 5.36 -3.60
N SER B 187 -31.58 6.15 -4.49
CA SER B 187 -31.50 7.60 -4.34
C SER B 187 -32.88 8.26 -4.24
N ASN B 188 -33.64 8.17 -5.34
CA ASN B 188 -34.95 8.80 -5.44
C ASN B 188 -35.95 8.16 -4.50
N GLU B 189 -35.78 6.87 -4.23
CA GLU B 189 -36.56 6.21 -3.19
C GLU B 189 -36.40 6.98 -1.88
N LYS B 190 -35.16 7.31 -1.52
CA LYS B 190 -34.87 7.98 -0.24
C LYS B 190 -35.43 9.41 -0.23
N GLN B 191 -35.25 10.14 -1.34
CA GLN B 191 -35.79 11.49 -1.48
C GLN B 191 -37.29 11.51 -1.25
N GLU B 192 -37.95 10.44 -1.71
CA GLU B 192 -39.38 10.29 -1.54
C GLU B 192 -39.70 10.05 -0.08
N ILE B 193 -38.88 9.24 0.59
CA ILE B 193 -39.12 8.94 2.00
C ILE B 193 -38.99 10.26 2.74
N LEU B 194 -38.27 11.18 2.13
CA LEU B 194 -38.04 12.47 2.77
C LEU B 194 -39.23 13.37 2.56
N PHE B 195 -39.75 13.33 1.33
CA PHE B 195 -40.76 14.28 0.87
C PHE B 195 -42.19 13.97 1.34
N SER B 196 -42.61 12.72 1.22
CA SER B 196 -43.97 12.39 1.62
C SER B 196 -44.11 12.38 3.14
N GLU B 197 -43.41 11.47 3.80
CA GLU B 197 -43.60 11.23 5.25
C GLU B 197 -42.92 12.21 6.21
N CYS B 198 -41.70 12.61 5.89
CA CYS B 198 -40.93 13.43 6.79
C CYS B 198 -41.17 14.89 6.45
N GLY B 199 -41.88 15.12 5.35
CA GLY B 199 -42.25 16.46 4.93
C GLY B 199 -41.10 17.43 4.72
N ILE B 200 -40.16 17.05 3.85
CA ILE B 200 -39.13 17.99 3.38
C ILE B 200 -38.59 17.55 2.01
N ASN B 201 -38.17 18.54 1.22
CA ASN B 201 -37.65 18.28 -0.12
C ASN B 201 -36.12 18.43 -0.15
N TYR B 202 -35.44 17.46 -0.78
CA TYR B 202 -33.98 17.37 -0.66
C TYR B 202 -33.27 18.32 -1.64
N ASN B 203 -33.97 18.81 -2.64
CA ASN B 203 -33.33 19.72 -3.58
C ASN B 203 -33.10 21.09 -2.98
N ASN B 204 -33.86 21.39 -1.94
CA ASN B 204 -33.71 22.67 -1.28
C ASN B 204 -32.81 22.62 -0.06
N GLU B 205 -32.31 21.42 0.23
CA GLU B 205 -31.19 21.30 1.15
C GLU B 205 -30.09 22.22 0.65
N PRO B 206 -29.35 22.84 1.60
CA PRO B 206 -28.30 23.83 1.31
C PRO B 206 -27.15 23.25 0.47
N GLU B 207 -26.78 23.92 -0.61
CA GLU B 207 -25.82 23.37 -1.57
C GLU B 207 -24.47 23.00 -0.97
N MET B 208 -24.13 23.63 0.16
CA MET B 208 -22.93 23.30 0.91
C MET B 208 -23.00 21.90 1.54
N PHE B 209 -24.21 21.45 1.89
CA PHE B 209 -24.39 20.12 2.49
C PHE B 209 -24.30 19.05 1.41
N LYS B 210 -25.05 19.28 0.33
CA LYS B 210 -25.16 18.33 -0.78
C LYS B 210 -23.86 18.18 -1.58
N LYS B 211 -23.37 19.28 -2.13
CA LYS B 211 -22.31 19.20 -3.12
C LYS B 211 -20.92 19.36 -2.45
N GLY B 212 -20.91 19.36 -1.13
CA GLY B 212 -19.69 19.46 -0.37
C GLY B 212 -19.11 20.85 -0.49
N SER B 213 -18.10 21.12 0.33
CA SER B 213 -17.49 22.44 0.37
C SER B 213 -16.18 22.45 -0.42
N LEU B 214 -16.02 23.39 -1.35
CA LEU B 214 -14.77 23.49 -2.14
C LEU B 214 -14.14 24.87 -2.14
N VAL B 215 -12.85 24.93 -1.82
CA VAL B 215 -12.10 26.18 -1.84
C VAL B 215 -11.00 26.16 -2.90
N THR B 216 -11.13 27.04 -3.88
CA THR B 216 -10.05 27.18 -4.86
C THR B 216 -9.03 28.05 -4.15
N ARG B 217 -8.00 28.53 -4.83
CA ARG B 217 -7.19 29.60 -4.24
C ARG B 217 -8.21 30.72 -3.88
N LYS B 218 -7.98 31.43 -2.78
CA LYS B 218 -8.85 32.52 -2.24
C LYS B 218 -10.37 32.20 -2.02
N GLY B 219 -11.27 32.82 -2.79
CA GLY B 219 -12.73 32.63 -2.63
C GLY B 219 -13.20 31.20 -2.90
N GLU B 220 -14.26 30.79 -2.21
CA GLU B 220 -14.62 29.38 -2.26
C GLU B 220 -16.10 29.15 -2.57
N ILE B 221 -16.39 27.99 -3.17
CA ILE B 221 -17.64 27.74 -3.91
C ILE B 221 -18.11 26.28 -3.67
N LEU B 222 -19.38 26.00 -3.95
CA LEU B 222 -19.88 24.64 -3.77
C LEU B 222 -20.58 24.15 -5.05
N HIS B 223 -19.99 23.32 -5.93
CA HIS B 223 -20.76 22.52 -6.89
C HIS B 223 -20.12 21.25 -7.44
N ILE B 224 -20.68 20.08 -7.15
CA ILE B 224 -20.52 18.82 -7.95
C ILE B 224 -19.07 18.35 -8.43
N ASN B 225 -19.02 17.80 -9.65
CA ASN B 225 -17.86 17.86 -10.51
C ASN B 225 -18.28 18.34 -11.90
N VAL B 226 -17.76 19.51 -12.17
CA VAL B 226 -17.51 20.02 -13.48
C VAL B 226 -16.05 20.37 -13.33
N ILE B 227 -15.13 19.67 -13.97
CA ILE B 227 -13.78 19.94 -13.57
C ILE B 227 -13.30 21.11 -14.38
N ALA B 228 -13.42 22.26 -13.75
CA ALA B 228 -12.94 23.51 -14.30
C ALA B 228 -11.64 23.79 -13.62
N GLN B 229 -11.29 22.92 -12.68
CA GLN B 229 -9.92 22.89 -12.19
C GLN B 229 -8.98 22.54 -13.34
N ILE B 230 -9.57 22.00 -14.40
CA ILE B 230 -8.86 21.70 -15.64
C ILE B 230 -8.05 22.92 -16.13
N ASP B 231 -8.65 24.11 -16.08
CA ASP B 231 -8.06 25.29 -16.71
C ASP B 231 -6.98 25.99 -15.87
N GLU B 232 -7.20 26.07 -14.56
CA GLU B 232 -6.38 26.88 -13.65
C GLU B 232 -4.85 26.68 -13.76
N LEU B 233 -4.44 25.42 -13.97
CA LEU B 233 -3.02 25.03 -14.10
C LEU B 233 -2.17 25.44 -12.89
N LYS C 5 4.12 -19.76 16.65
CA LYS C 5 5.10 -20.24 17.63
C LYS C 5 6.28 -19.28 17.89
N PHE C 6 7.19 -19.19 16.91
CA PHE C 6 8.18 -18.11 16.72
C PHE C 6 7.79 -17.12 15.63
N GLY C 7 6.63 -17.34 15.02
CA GLY C 7 6.29 -16.75 13.73
C GLY C 7 6.28 -15.24 13.69
N TYR C 8 6.19 -14.64 14.87
CA TYR C 8 6.17 -13.20 15.01
C TYR C 8 7.38 -12.49 14.45
N VAL C 9 8.46 -13.22 14.15
CA VAL C 9 9.64 -12.54 13.61
C VAL C 9 9.26 -12.05 12.22
N ARG C 10 8.24 -12.66 11.60
CA ARG C 10 7.89 -12.24 10.24
C ARG C 10 7.26 -10.86 10.31
N GLN C 11 6.77 -10.54 11.51
CA GLN C 11 6.26 -9.23 11.87
C GLN C 11 7.29 -8.14 11.51
N PHE C 12 8.56 -8.50 11.37
CA PHE C 12 9.59 -7.46 11.18
C PHE C 12 9.85 -7.11 9.72
N GLU C 13 9.23 -7.79 8.75
CA GLU C 13 9.68 -7.58 7.36
C GLU C 13 9.03 -6.35 6.72
N THR C 14 9.43 -6.05 5.48
CA THR C 14 8.75 -4.98 4.76
C THR C 14 8.48 -5.39 3.33
N HIS C 15 7.22 -5.30 2.98
CA HIS C 15 6.67 -5.73 1.71
C HIS C 15 6.37 -4.55 0.81
N ASP C 16 6.90 -3.39 1.18
CA ASP C 16 6.60 -2.15 0.45
C ASP C 16 6.69 -2.30 -1.09
N VAL C 17 5.75 -1.59 -1.75
CA VAL C 17 5.43 -1.77 -3.17
C VAL C 17 5.39 -0.48 -3.98
N ILE C 18 5.84 -0.57 -5.23
CA ILE C 18 5.94 0.62 -6.06
C ILE C 18 4.55 1.20 -6.15
N LEU C 19 4.47 2.51 -5.97
CA LEU C 19 3.24 3.24 -6.20
C LEU C 19 2.55 2.87 -7.52
N PRO C 20 1.23 2.62 -7.48
CA PRO C 20 0.38 2.23 -8.62
C PRO C 20 0.43 3.24 -9.79
N GLN C 21 0.40 2.76 -11.05
CA GLN C 21 0.44 3.58 -12.28
C GLN C 21 1.75 4.29 -12.59
N CYS C 22 2.84 3.75 -12.05
CA CYS C 22 4.18 4.27 -12.31
C CYS C 22 5.01 3.28 -13.16
N TYR C 23 5.64 3.78 -14.22
CA TYR C 23 6.59 2.99 -14.97
C TYR C 23 7.70 2.53 -14.02
N ILE C 24 8.31 1.39 -14.31
CA ILE C 24 9.37 0.92 -13.43
C ILE C 24 10.69 0.70 -14.13
N VAL C 25 11.77 1.07 -13.45
CA VAL C 25 13.06 0.71 -14.00
C VAL C 25 13.77 -0.21 -13.06
N VAL C 26 14.08 -1.39 -13.56
CA VAL C 26 14.94 -2.22 -12.78
C VAL C 26 16.32 -2.12 -13.40
N ARG C 27 17.23 -1.55 -12.62
CA ARG C 27 18.58 -1.39 -13.13
C ARG C 27 19.53 -2.37 -12.49
N ILE C 28 20.38 -2.92 -13.36
CA ILE C 28 21.45 -3.80 -12.97
C ILE C 28 22.79 -3.24 -13.31
N ASP C 29 23.69 -3.25 -12.33
CA ASP C 29 25.04 -2.73 -12.49
C ASP C 29 26.03 -3.66 -11.80
N GLY C 30 26.93 -4.28 -12.55
CA GLY C 30 27.87 -5.22 -11.95
C GLY C 30 28.74 -4.65 -10.84
N LYS C 31 29.00 -5.44 -9.78
CA LYS C 31 29.88 -4.99 -8.68
C LYS C 31 31.33 -5.26 -9.04
N LYS C 32 32.18 -4.31 -8.69
CA LYS C 32 33.62 -4.43 -8.86
C LYS C 32 33.95 -5.06 -10.23
N PHE C 33 33.53 -4.38 -11.29
CA PHE C 33 33.64 -4.91 -12.64
C PHE C 33 34.87 -4.37 -13.28
N HIS C 34 35.52 -3.45 -12.57
CA HIS C 34 36.83 -2.99 -12.98
C HIS C 34 37.83 -4.13 -12.77
N GLU C 35 37.87 -4.64 -11.55
CA GLU C 35 38.70 -5.77 -11.16
C GLU C 35 38.30 -7.04 -11.90
N PHE C 36 37.00 -7.14 -12.16
CA PHE C 36 36.49 -8.29 -12.85
C PHE C 36 36.97 -8.31 -14.27
N SER C 37 36.94 -7.14 -14.87
CA SER C 37 37.28 -7.06 -16.27
C SER C 37 38.79 -7.10 -16.37
N LYS C 38 39.48 -6.75 -15.30
CA LYS C 38 40.93 -6.75 -15.42
C LYS C 38 41.43 -8.18 -15.28
N PHE C 39 40.92 -8.90 -14.29
CA PHE C 39 41.38 -10.26 -14.06
C PHE C 39 41.23 -11.17 -15.29
N TYR C 40 40.06 -11.14 -15.90
CA TYR C 40 39.78 -12.01 -17.04
C TYR C 40 40.28 -11.38 -18.32
N GLU C 41 40.95 -10.23 -18.16
CA GLU C 41 41.61 -9.51 -19.24
C GLU C 41 40.61 -9.30 -20.36
N PHE C 42 39.58 -8.53 -20.02
CA PHE C 42 38.62 -8.03 -20.98
C PHE C 42 39.33 -7.07 -21.91
N ALA C 43 38.67 -6.84 -23.03
CA ALA C 43 39.16 -6.04 -24.10
C ALA C 43 39.25 -4.57 -23.81
N LYS C 44 39.70 -4.24 -22.62
CA LYS C 44 39.88 -2.87 -22.20
C LYS C 44 38.66 -1.97 -22.45
N PRO C 45 38.85 -0.90 -23.22
CA PRO C 45 37.83 0.09 -23.57
C PRO C 45 36.51 -0.56 -23.88
N ASN C 46 36.56 -1.52 -24.78
CA ASN C 46 35.38 -2.31 -25.06
C ASN C 46 35.64 -3.82 -25.33
N ASP C 47 35.00 -4.75 -24.61
CA ASP C 47 35.14 -6.15 -25.02
C ASP C 47 33.90 -6.66 -25.72
N GLU C 48 34.04 -6.88 -27.02
CA GLU C 48 32.93 -7.29 -27.89
C GLU C 48 32.16 -8.46 -27.27
N ASN C 49 32.89 -9.50 -26.88
CA ASN C 49 32.30 -10.69 -26.27
C ASN C 49 31.55 -10.34 -25.00
N ALA C 50 32.17 -9.51 -24.16
CA ALA C 50 31.59 -9.16 -22.86
C ALA C 50 30.21 -8.51 -23.04
N LEU C 51 30.20 -7.42 -23.80
CA LEU C 51 29.00 -6.68 -24.14
C LEU C 51 27.92 -7.52 -24.76
N LYS C 52 28.33 -8.38 -25.71
CA LYS C 52 27.41 -9.31 -26.36
C LYS C 52 26.75 -10.27 -25.35
N LEU C 53 27.55 -10.77 -24.43
CA LEU C 53 27.09 -11.69 -23.41
C LEU C 53 26.01 -10.99 -22.57
N MET C 54 26.37 -9.80 -22.11
CA MET C 54 25.45 -8.95 -21.36
C MET C 54 24.12 -8.90 -22.10
N ASN C 55 24.23 -8.59 -23.39
CA ASN C 55 23.08 -8.52 -24.27
C ASN C 55 22.29 -9.83 -24.25
N ALA C 56 22.99 -10.96 -24.19
CA ALA C 56 22.30 -12.25 -24.24
C ALA C 56 21.41 -12.40 -23.02
N CYS C 57 21.99 -12.13 -21.84
CA CYS C 57 21.24 -12.20 -20.60
C CYS C 57 20.00 -11.31 -20.72
N ALA C 58 20.20 -10.08 -21.16
CA ALA C 58 19.07 -9.17 -21.35
C ALA C 58 17.97 -9.75 -22.24
N LYS C 59 18.34 -10.18 -23.45
CA LYS C 59 17.38 -10.77 -24.37
C LYS C 59 16.59 -11.87 -23.65
N ASN C 60 17.28 -12.69 -22.84
CA ASN C 60 16.60 -13.81 -22.18
C ASN C 60 15.68 -13.32 -21.05
N LEU C 61 16.02 -12.16 -20.48
CA LEU C 61 15.27 -11.60 -19.36
C LEU C 61 13.98 -10.90 -19.82
N VAL C 62 14.06 -10.14 -20.92
CA VAL C 62 12.82 -9.61 -21.48
C VAL C 62 12.01 -10.77 -22.12
N LEU C 63 12.68 -11.82 -22.57
CA LEU C 63 11.95 -12.98 -23.03
C LEU C 63 11.16 -13.49 -21.82
N LYS C 64 11.83 -13.65 -20.67
CA LYS C 64 11.23 -14.25 -19.46
C LYS C 64 9.98 -13.50 -19.01
N TYR C 65 10.09 -12.19 -18.86
CA TYR C 65 8.88 -11.42 -18.65
C TYR C 65 8.57 -10.58 -19.86
N LYS C 66 7.75 -11.18 -20.74
CA LYS C 66 7.45 -10.61 -22.04
C LYS C 66 6.33 -9.62 -21.85
N ASN C 67 5.48 -9.93 -20.88
CA ASN C 67 4.24 -9.20 -20.77
C ASN C 67 4.49 -7.87 -20.10
N ASP C 68 5.41 -7.87 -19.14
CA ASP C 68 5.61 -6.63 -18.42
C ASP C 68 6.76 -5.74 -18.94
N ILE C 69 7.67 -6.29 -19.74
CA ILE C 69 8.81 -5.48 -20.14
C ILE C 69 8.55 -4.78 -21.47
N ILE C 70 8.65 -3.45 -21.47
CA ILE C 70 8.63 -2.66 -22.70
C ILE C 70 9.92 -2.84 -23.43
N LEU C 71 11.01 -2.59 -22.70
CA LEU C 71 12.33 -2.68 -23.30
C LEU C 71 13.46 -2.48 -22.31
N ALA C 72 14.66 -2.76 -22.78
CA ALA C 72 15.87 -2.75 -21.98
C ALA C 72 16.97 -2.00 -22.72
N PHE C 73 17.92 -1.43 -21.98
CA PHE C 73 19.11 -0.83 -22.59
C PHE C 73 20.37 -1.08 -21.75
N GLY C 74 21.33 -1.78 -22.37
CA GLY C 74 22.65 -2.03 -21.79
C GLY C 74 23.84 -1.18 -22.19
N GLU C 75 24.72 -0.93 -21.22
CA GLU C 75 25.79 0.03 -21.44
C GLU C 75 27.17 -0.61 -21.27
N SER C 76 27.55 -0.93 -20.04
CA SER C 76 28.82 -1.62 -19.87
C SER C 76 28.59 -2.91 -19.14
N ASP C 77 28.56 -2.75 -17.81
CA ASP C 77 28.17 -3.79 -16.89
C ASP C 77 26.71 -3.54 -16.49
N GLU C 78 26.08 -2.54 -17.12
CA GLU C 78 24.73 -2.09 -16.75
C GLU C 78 23.65 -2.56 -17.74
N TYR C 79 22.43 -2.76 -17.21
CA TYR C 79 21.20 -2.94 -18.00
C TYR C 79 19.98 -2.38 -17.29
N SER C 80 19.09 -1.82 -18.10
CA SER C 80 17.97 -1.10 -17.55
C SER C 80 16.73 -1.71 -18.20
N PHE C 81 15.82 -2.23 -17.38
CA PHE C 81 14.64 -2.90 -17.87
C PHE C 81 13.43 -2.11 -17.47
N ILE C 82 12.63 -1.78 -18.47
CA ILE C 82 11.41 -1.02 -18.26
C ILE C 82 10.22 -1.91 -18.13
N LEU C 83 9.47 -1.63 -17.08
CA LEU C 83 8.21 -2.29 -16.83
C LEU C 83 7.07 -1.31 -17.06
N LYS C 84 5.97 -1.87 -17.61
CA LYS C 84 4.79 -1.09 -18.02
C LYS C 84 4.06 -0.50 -16.83
N SER C 85 3.67 0.76 -16.94
CA SER C 85 3.09 1.52 -15.83
C SER C 85 1.96 0.77 -15.15
N SER C 86 1.31 -0.11 -15.89
CA SER C 86 0.17 -0.86 -15.39
C SER C 86 0.48 -2.25 -14.83
N THR C 87 1.76 -2.64 -14.78
CA THR C 87 2.10 -4.02 -14.39
C THR C 87 1.78 -4.44 -12.95
N THR C 88 1.35 -5.69 -12.86
CA THR C 88 1.10 -6.33 -11.58
C THR C 88 2.26 -7.23 -11.20
N LEU C 89 3.37 -7.25 -11.96
CA LEU C 89 4.40 -8.30 -11.76
C LEU C 89 4.94 -8.40 -10.33
N PHE C 90 4.89 -9.61 -9.79
CA PHE C 90 5.29 -9.86 -8.41
C PHE C 90 4.54 -8.95 -7.44
N ASN C 91 3.33 -8.56 -7.85
CA ASN C 91 2.50 -7.65 -7.09
C ASN C 91 3.25 -6.34 -6.73
N ARG C 92 4.07 -5.86 -7.66
CA ARG C 92 4.66 -4.53 -7.56
C ARG C 92 5.64 -4.36 -6.39
N ARG C 93 6.21 -5.48 -5.96
CA ARG C 93 7.10 -5.46 -4.82
C ARG C 93 8.53 -5.08 -5.18
N LYS C 94 9.04 -4.00 -4.61
CA LYS C 94 10.40 -3.55 -4.85
C LYS C 94 11.43 -4.65 -4.67
N ASP C 95 11.38 -5.32 -3.51
CA ASP C 95 12.38 -6.32 -3.17
C ASP C 95 12.40 -7.38 -4.21
N LYS C 96 11.23 -7.95 -4.42
CA LYS C 96 11.10 -9.05 -5.34
C LYS C 96 11.48 -8.63 -6.78
N LEU C 97 11.02 -7.48 -7.25
CA LEU C 97 11.43 -7.02 -8.60
C LEU C 97 12.94 -6.97 -8.75
N ALA C 98 13.55 -6.19 -7.87
CA ALA C 98 14.98 -5.97 -7.85
C ALA C 98 15.73 -7.30 -7.75
N THR C 99 15.56 -7.97 -6.64
CA THR C 99 16.34 -9.17 -6.33
C THR C 99 16.17 -10.29 -7.35
N LEU C 100 14.95 -10.48 -7.82
CA LEU C 100 14.67 -11.56 -8.74
C LEU C 100 15.28 -11.32 -10.10
N PHE C 101 15.05 -10.12 -10.64
CA PHE C 101 15.72 -9.74 -11.88
C PHE C 101 17.24 -9.86 -11.78
N GLY C 102 17.77 -9.46 -10.63
CA GLY C 102 19.18 -9.56 -10.40
C GLY C 102 19.65 -11.00 -10.48
N SER C 103 19.05 -11.88 -9.67
CA SER C 103 19.47 -13.28 -9.69
C SER C 103 19.47 -13.76 -11.11
N PHE C 104 18.35 -13.56 -11.79
CA PHE C 104 18.12 -14.14 -13.09
C PHE C 104 19.24 -13.75 -14.04
N PHE C 105 19.45 -12.45 -14.18
CA PHE C 105 20.52 -11.91 -15.02
C PHE C 105 21.87 -12.52 -14.72
N THR C 106 22.27 -12.41 -13.46
CA THR C 106 23.47 -13.07 -12.99
C THR C 106 23.56 -14.53 -13.42
N SER C 107 22.53 -15.29 -13.09
CA SER C 107 22.46 -16.71 -13.47
C SER C 107 22.76 -16.89 -14.95
N ASN C 108 22.05 -16.14 -15.78
CA ASN C 108 22.31 -16.07 -17.22
C ASN C 108 23.74 -15.74 -17.65
N TYR C 109 24.35 -14.81 -16.93
CA TYR C 109 25.73 -14.45 -17.22
C TYR C 109 26.63 -15.65 -16.98
N VAL C 110 26.53 -16.25 -15.80
CA VAL C 110 27.45 -17.34 -15.48
C VAL C 110 27.22 -18.56 -16.38
N ALA C 111 25.97 -18.86 -16.69
CA ALA C 111 25.66 -19.88 -17.68
C ALA C 111 26.36 -19.61 -19.00
N LEU C 112 26.08 -18.45 -19.59
CA LEU C 112 26.53 -18.16 -20.94
C LEU C 112 28.01 -17.77 -21.05
N TRP C 113 28.68 -17.59 -19.91
CA TRP C 113 30.11 -17.35 -19.95
C TRP C 113 30.83 -18.44 -20.71
N ALA C 114 30.41 -19.68 -20.48
CA ALA C 114 31.03 -20.82 -21.15
C ALA C 114 31.05 -20.57 -22.66
N LYS C 115 29.92 -20.06 -23.17
CA LYS C 115 29.75 -19.71 -24.60
C LYS C 115 30.63 -18.56 -25.08
N PHE C 116 30.59 -17.43 -24.38
CA PHE C 116 31.30 -16.23 -24.87
C PHE C 116 32.80 -16.17 -24.58
N PHE C 117 33.27 -16.89 -23.57
CA PHE C 117 34.68 -16.90 -23.23
C PHE C 117 35.23 -18.31 -23.02
N PRO C 118 35.52 -19.03 -24.10
CA PRO C 118 36.30 -20.26 -23.97
C PRO C 118 37.75 -19.91 -23.63
N GLU C 119 38.11 -18.66 -23.89
CA GLU C 119 39.43 -18.14 -23.62
C GLU C 119 39.79 -18.40 -22.18
N LYS C 120 39.15 -17.65 -21.31
CA LYS C 120 39.49 -17.76 -19.91
C LYS C 120 38.24 -18.31 -19.22
N PRO C 121 38.33 -19.53 -18.65
CA PRO C 121 37.27 -20.11 -17.82
C PRO C 121 37.23 -19.40 -16.50
N LEU C 122 36.24 -19.67 -15.67
CA LEU C 122 35.87 -18.70 -14.62
C LEU C 122 36.72 -18.59 -13.40
N ASN C 123 37.65 -19.51 -13.22
CA ASN C 123 38.31 -19.62 -11.93
C ASN C 123 37.15 -19.75 -10.89
N ILE C 124 37.30 -19.24 -9.68
CA ILE C 124 36.20 -19.10 -8.72
C ILE C 124 36.30 -17.80 -8.00
N LYS C 125 37.46 -17.63 -7.35
CA LYS C 125 37.74 -16.55 -6.42
C LYS C 125 37.36 -15.21 -7.06
N HIS C 126 37.28 -15.17 -8.39
CA HIS C 126 36.70 -14.02 -9.07
C HIS C 126 35.46 -14.42 -9.83
N LEU C 127 34.32 -13.98 -9.30
CA LEU C 127 33.02 -14.27 -9.91
C LEU C 127 32.22 -13.01 -10.19
N PRO C 128 31.50 -13.01 -11.31
CA PRO C 128 30.63 -11.90 -11.63
C PRO C 128 29.45 -11.89 -10.71
N TYR C 129 29.16 -10.72 -10.15
CA TYR C 129 27.90 -10.51 -9.44
C TYR C 129 27.48 -9.05 -9.56
N PHE C 130 26.16 -8.84 -9.59
CA PHE C 130 25.60 -7.54 -9.96
C PHE C 130 24.66 -6.95 -8.87
N ASP C 131 24.66 -5.62 -8.76
CA ASP C 131 23.72 -4.81 -7.97
C ASP C 131 22.37 -4.62 -8.71
N SER C 132 21.28 -4.49 -7.95
CA SER C 132 19.96 -4.18 -8.55
C SER C 132 19.08 -3.18 -7.80
N ARG C 133 18.32 -2.38 -8.56
CA ARG C 133 17.47 -1.30 -7.99
C ARG C 133 16.13 -1.30 -8.68
N CYS C 134 15.10 -0.85 -7.97
CA CYS C 134 13.84 -0.40 -8.60
C CYS C 134 13.64 1.12 -8.59
N VAL C 135 13.19 1.68 -9.70
CA VAL C 135 12.82 3.10 -9.66
C VAL C 135 11.40 3.35 -10.20
N ALA C 136 10.74 4.34 -9.63
CA ALA C 136 9.35 4.61 -9.93
C ALA C 136 9.20 5.91 -10.74
N TYR C 137 8.71 5.79 -11.96
CA TYR C 137 8.53 6.99 -12.78
C TYR C 137 7.07 7.26 -13.15
N PRO C 138 6.55 8.37 -12.63
CA PRO C 138 5.12 8.66 -12.62
C PRO C 138 4.53 8.92 -14.01
N ASN C 139 5.38 9.19 -15.00
CA ASN C 139 4.83 9.44 -16.31
C ASN C 139 5.81 9.20 -17.41
N LEU C 140 5.30 9.13 -18.62
CA LEU C 140 6.08 8.69 -19.74
C LEU C 140 7.26 9.59 -20.02
N GLN C 141 7.06 10.88 -19.78
CA GLN C 141 8.13 11.80 -20.11
C GLN C 141 9.35 11.45 -19.26
N THR C 142 9.15 11.12 -17.99
CA THR C 142 10.29 10.87 -17.11
C THR C 142 11.03 9.60 -17.49
N ILE C 143 10.30 8.59 -17.90
CA ILE C 143 10.90 7.30 -18.21
C ILE C 143 11.69 7.46 -19.50
N LYS C 144 11.07 8.13 -20.46
CA LYS C 144 11.75 8.57 -21.66
C LYS C 144 13.08 9.29 -21.34
N ASP C 145 12.99 10.32 -20.52
CA ASP C 145 14.16 11.10 -20.13
C ASP C 145 15.18 10.19 -19.50
N TYR C 146 14.74 9.22 -18.73
CA TYR C 146 15.66 8.31 -18.06
C TYR C 146 16.50 7.60 -19.10
N LEU C 147 15.81 7.06 -20.10
CA LEU C 147 16.48 6.29 -21.11
C LEU C 147 17.49 7.17 -21.81
N SER C 148 17.03 8.38 -22.11
CA SER C 148 17.88 9.38 -22.71
C SER C 148 19.17 9.54 -21.89
N TRP C 149 19.00 9.81 -20.61
CA TRP C 149 20.11 9.96 -19.69
C TRP C 149 21.11 8.82 -19.80
N ARG C 150 20.61 7.60 -19.82
CA ARG C 150 21.53 6.46 -19.98
C ARG C 150 22.31 6.58 -21.27
N TYR C 151 21.60 6.73 -22.38
CA TYR C 151 22.25 6.86 -23.67
C TYR C 151 23.34 7.93 -23.66
N VAL C 152 22.99 9.13 -23.21
CA VAL C 152 23.97 10.20 -23.07
C VAL C 152 25.19 9.66 -22.34
N ASP C 153 24.96 9.00 -21.22
CA ASP C 153 26.05 8.54 -20.37
C ASP C 153 26.98 7.60 -21.16
N THR C 154 26.40 6.71 -21.96
CA THR C 154 27.24 5.79 -22.72
C THR C 154 28.00 6.51 -23.83
N HIS C 155 27.39 7.52 -24.46
CA HIS C 155 28.07 8.23 -25.56
C HIS C 155 29.28 8.94 -25.00
N ILE C 156 29.07 9.65 -23.89
CA ILE C 156 30.12 10.48 -23.35
C ILE C 156 31.25 9.60 -22.85
N ASN C 157 30.86 8.56 -22.15
CA ASN C 157 31.85 7.71 -21.57
C ASN C 157 32.66 7.07 -22.65
N ASN C 158 31.99 6.49 -23.62
CA ASN C 158 32.69 5.84 -24.69
C ASN C 158 33.66 6.79 -25.37
N LEU C 159 33.27 8.04 -25.62
CA LEU C 159 34.23 8.97 -26.22
C LEU C 159 35.43 9.17 -25.29
N TYR C 160 35.20 9.51 -24.03
CA TYR C 160 36.34 9.76 -23.14
C TYR C 160 37.26 8.55 -23.05
N ASN C 161 36.69 7.39 -22.71
CA ASN C 161 37.51 6.18 -22.61
C ASN C 161 38.24 5.82 -23.88
N THR C 162 37.56 5.93 -25.02
CA THR C 162 38.20 5.61 -26.28
C THR C 162 39.42 6.55 -26.54
N THR C 163 39.25 7.87 -26.46
CA THR C 163 40.41 8.73 -26.77
C THR C 163 41.48 8.53 -25.69
N PHE C 164 41.05 8.12 -24.51
CA PHE C 164 41.99 7.87 -23.41
C PHE C 164 42.93 6.71 -23.76
N TRP C 165 42.32 5.58 -24.10
CA TRP C 165 43.06 4.35 -24.31
C TRP C 165 43.85 4.35 -25.62
N GLN C 166 43.38 5.10 -26.62
CA GLN C 166 44.17 5.26 -27.86
C GLN C 166 45.38 6.18 -27.61
N LEU C 167 45.24 7.14 -26.70
CA LEU C 167 46.38 7.94 -26.25
C LEU C 167 47.44 7.03 -25.63
N ILE C 168 47.01 6.21 -24.66
CA ILE C 168 47.94 5.29 -23.99
C ILE C 168 48.62 4.31 -24.97
N ILE C 169 47.81 3.63 -25.78
CA ILE C 169 48.28 2.67 -26.77
C ILE C 169 49.22 3.28 -27.81
N LYS C 170 48.68 4.18 -28.63
CA LYS C 170 49.40 4.71 -29.78
C LYS C 170 50.54 5.65 -29.40
N CYS C 171 50.29 6.55 -28.46
CA CYS C 171 51.28 7.56 -28.16
C CYS C 171 52.12 7.20 -26.92
N GLY C 172 51.80 6.09 -26.29
CA GLY C 172 52.61 5.56 -25.19
C GLY C 172 52.64 6.40 -23.93
N LEU C 173 51.57 7.14 -23.69
CA LEU C 173 51.49 8.00 -22.49
C LEU C 173 51.22 7.19 -21.21
N THR C 174 51.56 7.79 -20.08
CA THR C 174 51.20 7.25 -18.77
C THR C 174 49.82 7.79 -18.44
N PRO C 175 49.08 7.11 -17.56
CA PRO C 175 47.71 7.51 -17.20
C PRO C 175 47.57 8.98 -16.81
N GLN C 176 48.58 9.51 -16.12
CA GLN C 176 48.53 10.87 -15.57
C GLN C 176 48.42 11.98 -16.63
N GLU C 177 49.41 12.06 -17.52
CA GLU C 177 49.42 13.14 -18.51
C GLU C 177 48.42 12.84 -19.62
N SER C 178 47.89 11.62 -19.61
CA SER C 178 46.77 11.28 -20.47
C SER C 178 45.50 11.88 -19.86
N GLU C 179 45.45 11.91 -18.54
CA GLU C 179 44.32 12.50 -17.86
C GLU C 179 44.34 14.03 -17.97
N LYS C 180 45.45 14.65 -17.56
CA LYS C 180 45.61 16.10 -17.67
C LYS C 180 45.48 16.53 -19.13
N LYS C 181 46.04 15.72 -20.04
CA LYS C 181 45.90 15.99 -21.47
C LYS C 181 44.41 16.05 -21.82
N LEU C 182 43.69 15.01 -21.42
CA LEU C 182 42.26 14.95 -21.73
C LEU C 182 41.44 15.89 -20.88
N CYS C 183 42.06 16.49 -19.87
CA CYS C 183 41.33 17.27 -18.89
C CYS C 183 40.77 18.54 -19.52
N GLY C 184 39.47 18.74 -19.32
CA GLY C 184 38.79 19.93 -19.79
C GLY C 184 38.62 20.07 -21.30
N THR C 185 38.78 18.98 -22.02
CA THR C 185 38.64 19.03 -23.47
C THR C 185 37.18 18.94 -23.85
N PHE C 186 36.92 19.01 -25.16
CA PHE C 186 35.56 18.98 -25.69
C PHE C 186 35.35 17.79 -26.62
N SER C 187 34.13 17.65 -27.12
CA SER C 187 33.80 16.61 -28.10
C SER C 187 34.74 16.61 -29.33
N ASN C 188 34.59 17.61 -30.18
CA ASN C 188 35.38 17.70 -31.40
C ASN C 188 36.88 17.69 -31.09
N GLU C 189 37.23 18.18 -29.90
CA GLU C 189 38.63 18.22 -29.50
C GLU C 189 39.17 16.84 -29.20
N LYS C 190 38.38 16.04 -28.50
CA LYS C 190 38.80 14.67 -28.21
C LYS C 190 38.93 13.97 -29.56
N GLN C 191 37.90 14.06 -30.39
CA GLN C 191 37.90 13.35 -31.66
C GLN C 191 39.06 13.80 -32.57
N GLU C 192 39.49 15.04 -32.39
CA GLU C 192 40.65 15.56 -33.08
C GLU C 192 41.93 14.95 -32.54
N ILE C 193 42.01 14.79 -31.22
CA ILE C 193 43.15 14.11 -30.63
C ILE C 193 43.20 12.72 -31.24
N LEU C 194 42.00 12.17 -31.41
CA LEU C 194 41.82 10.84 -31.92
C LEU C 194 42.34 10.63 -33.33
N PHE C 195 41.85 11.40 -34.29
CA PHE C 195 42.18 11.10 -35.69
C PHE C 195 43.63 11.45 -36.07
N SER C 196 44.16 12.55 -35.55
CA SER C 196 45.48 13.02 -35.95
C SER C 196 46.58 12.22 -35.26
N GLU C 197 46.60 12.35 -33.95
CA GLU C 197 47.66 11.79 -33.12
C GLU C 197 47.47 10.30 -32.86
N CYS C 198 46.23 9.86 -32.67
CA CYS C 198 45.95 8.45 -32.41
C CYS C 198 45.64 7.68 -33.69
N GLY C 199 45.63 8.40 -34.81
CA GLY C 199 45.45 7.81 -36.12
C GLY C 199 44.19 6.99 -36.32
N ILE C 200 43.09 7.38 -35.69
CA ILE C 200 41.84 6.64 -35.85
C ILE C 200 40.56 7.52 -35.86
N ASN C 201 39.69 7.25 -36.82
CA ASN C 201 38.44 7.99 -37.00
C ASN C 201 37.32 7.42 -36.17
N TYR C 202 36.66 8.27 -35.38
CA TYR C 202 35.73 7.78 -34.36
C TYR C 202 34.42 7.24 -34.93
N ASN C 203 33.97 7.79 -36.07
CA ASN C 203 32.68 7.38 -36.66
C ASN C 203 32.70 5.92 -37.12
N ASN C 204 33.90 5.42 -37.41
CA ASN C 204 34.07 4.05 -37.85
C ASN C 204 34.13 3.07 -36.67
N GLU C 205 33.96 3.58 -35.44
CA GLU C 205 33.85 2.71 -34.27
C GLU C 205 32.57 1.91 -34.29
N PRO C 206 32.63 0.62 -33.87
CA PRO C 206 31.42 -0.20 -33.97
C PRO C 206 30.24 0.50 -33.30
N GLU C 207 29.06 0.39 -33.91
CA GLU C 207 27.92 1.19 -33.45
C GLU C 207 27.50 0.82 -32.03
N MET C 208 27.71 -0.44 -31.69
CA MET C 208 27.25 -0.95 -30.41
C MET C 208 28.03 -0.32 -29.25
N PHE C 209 29.29 0.05 -29.51
CA PHE C 209 30.13 0.72 -28.52
C PHE C 209 29.64 2.15 -28.31
N LYS C 210 29.54 2.88 -29.42
CA LYS C 210 29.12 4.29 -29.42
C LYS C 210 27.76 4.49 -28.75
N LYS C 211 26.72 3.86 -29.30
CA LYS C 211 25.34 4.21 -28.91
C LYS C 211 24.68 3.23 -27.90
N GLY C 212 25.40 2.17 -27.53
CA GLY C 212 24.88 1.25 -26.53
C GLY C 212 24.03 0.16 -27.14
N SER C 213 23.53 -0.73 -26.29
CA SER C 213 22.77 -1.89 -26.75
C SER C 213 21.30 -1.73 -26.36
N LEU C 214 20.41 -1.54 -27.33
CA LEU C 214 18.95 -1.48 -27.03
C LEU C 214 18.08 -2.73 -27.34
N VAL C 215 17.61 -3.40 -26.29
CA VAL C 215 16.76 -4.56 -26.45
C VAL C 215 15.35 -4.10 -26.52
N THR C 216 14.71 -4.31 -27.65
CA THR C 216 13.28 -4.20 -27.60
C THR C 216 12.77 -5.58 -27.21
N ARG C 217 11.46 -5.78 -27.30
CA ARG C 217 10.91 -7.11 -27.15
C ARG C 217 11.60 -7.96 -28.21
N LYS C 218 11.83 -9.24 -27.87
CA LYS C 218 12.62 -10.22 -28.68
C LYS C 218 14.02 -9.69 -29.12
N GLY C 219 14.27 -9.59 -30.42
CA GLY C 219 15.54 -9.10 -30.92
C GLY C 219 15.81 -7.64 -30.58
N GLU C 220 17.05 -7.24 -30.73
CA GLU C 220 17.52 -5.96 -30.23
C GLU C 220 18.51 -5.23 -31.15
N ILE C 221 18.51 -3.90 -31.03
CA ILE C 221 19.09 -2.99 -32.01
C ILE C 221 19.88 -1.89 -31.30
N LEU C 222 20.64 -1.08 -32.04
CA LEU C 222 21.47 -0.05 -31.39
C LEU C 222 21.37 1.34 -32.07
N HIS C 223 20.50 2.28 -31.65
CA HIS C 223 20.60 3.71 -32.10
C HIS C 223 20.06 4.83 -31.19
N ILE C 224 20.93 5.70 -30.69
CA ILE C 224 20.57 7.04 -30.13
C ILE C 224 19.30 7.16 -29.18
N ASN C 225 18.58 8.27 -29.30
CA ASN C 225 17.20 8.39 -28.89
C ASN C 225 16.43 9.05 -30.03
N VAL C 226 15.55 8.24 -30.60
CA VAL C 226 14.46 8.67 -31.43
C VAL C 226 13.36 7.84 -30.80
N ILE C 227 12.29 8.47 -30.37
CA ILE C 227 11.32 7.67 -29.67
C ILE C 227 10.34 7.15 -30.71
N ALA C 228 10.57 5.90 -31.09
CA ALA C 228 9.62 5.09 -31.79
C ALA C 228 9.05 4.15 -30.76
N GLN C 229 9.62 4.19 -29.56
CA GLN C 229 8.98 3.52 -28.43
C GLN C 229 7.63 4.17 -28.16
N ILE C 230 7.51 5.46 -28.46
CA ILE C 230 6.25 6.21 -28.29
C ILE C 230 5.09 5.48 -28.99
N ASP C 231 5.39 4.85 -30.14
CA ASP C 231 4.36 4.28 -30.99
C ASP C 231 3.92 2.87 -30.57
N GLU C 232 4.87 2.06 -30.10
CA GLU C 232 4.59 0.66 -29.77
C GLU C 232 3.63 0.53 -28.57
N LEU C 233 3.57 1.56 -27.72
CA LEU C 233 2.68 1.53 -26.56
C LEU C 233 3.09 0.40 -25.61
N LYS D 5 21.77 17.47 -17.20
CA LYS D 5 21.03 17.42 -18.47
C LYS D 5 19.72 16.61 -18.35
N PHE D 6 19.81 15.30 -18.53
CA PHE D 6 18.71 14.39 -18.26
C PHE D 6 18.90 13.80 -16.88
N GLY D 7 19.90 14.32 -16.18
CA GLY D 7 20.32 13.71 -14.95
C GLY D 7 19.28 13.71 -13.86
N TYR D 8 18.32 14.61 -13.98
CA TYR D 8 17.31 14.77 -12.95
C TYR D 8 16.51 13.52 -12.60
N VAL D 9 16.49 12.55 -13.52
CA VAL D 9 15.76 11.32 -13.29
C VAL D 9 16.34 10.60 -12.08
N ARG D 10 17.59 10.90 -11.71
CA ARG D 10 18.20 10.16 -10.61
C ARG D 10 17.63 10.62 -9.29
N GLN D 11 16.91 11.73 -9.39
CA GLN D 11 16.12 12.29 -8.30
C GLN D 11 15.13 11.24 -7.78
N PHE D 12 14.69 10.32 -8.64
CA PHE D 12 13.54 9.51 -8.28
C PHE D 12 13.90 8.28 -7.49
N GLU D 13 15.19 8.08 -7.16
CA GLU D 13 15.56 6.77 -6.61
C GLU D 13 15.31 6.71 -5.10
N THR D 14 15.59 5.56 -4.50
CA THR D 14 15.49 5.45 -3.05
C THR D 14 16.58 4.60 -2.42
N HIS D 15 17.32 5.26 -1.55
CA HIS D 15 18.55 4.76 -0.96
C HIS D 15 18.37 4.30 0.45
N ASP D 16 17.14 4.06 0.84
CA ASP D 16 16.82 3.69 2.22
C ASP D 16 17.75 2.61 2.83
N VAL D 17 17.99 2.82 4.12
CA VAL D 17 18.98 2.14 4.92
C VAL D 17 18.34 1.43 6.10
N ILE D 18 18.97 0.36 6.58
CA ILE D 18 18.44 -0.38 7.72
C ILE D 18 18.83 0.39 8.97
N LEU D 19 17.91 0.44 9.93
CA LEU D 19 18.06 1.13 11.21
C LEU D 19 19.30 0.70 11.99
N PRO D 20 20.14 1.66 12.37
CA PRO D 20 21.36 1.53 13.18
C PRO D 20 21.21 0.70 14.49
N GLN D 21 22.24 -0.10 14.76
CA GLN D 21 22.30 -0.99 15.90
C GLN D 21 21.23 -2.06 15.80
N CYS D 22 20.83 -2.42 14.57
CA CYS D 22 19.98 -3.59 14.36
C CYS D 22 20.72 -4.74 13.68
N TYR D 23 20.40 -5.96 14.03
CA TYR D 23 20.88 -7.08 13.25
C TYR D 23 20.26 -7.03 11.89
N ILE D 24 20.98 -7.59 10.93
CA ILE D 24 20.42 -7.69 9.61
C ILE D 24 20.36 -9.14 9.16
N VAL D 25 19.15 -9.63 8.93
CA VAL D 25 18.99 -10.88 8.21
C VAL D 25 18.85 -10.59 6.72
N VAL D 26 19.68 -11.23 5.92
CA VAL D 26 19.43 -11.27 4.50
C VAL D 26 19.04 -12.69 4.22
N ARG D 27 17.83 -12.87 3.68
CA ARG D 27 17.38 -14.24 3.38
C ARG D 27 17.23 -14.42 1.89
N ILE D 28 17.62 -15.61 1.45
CA ILE D 28 17.58 -15.97 0.05
C ILE D 28 16.77 -17.23 -0.17
N ASP D 29 15.74 -17.14 -1.01
CA ASP D 29 14.78 -18.22 -1.19
C ASP D 29 14.57 -18.48 -2.67
N GLY D 30 15.05 -19.60 -3.20
CA GLY D 30 14.94 -19.90 -4.63
C GLY D 30 13.56 -19.86 -5.29
N LYS D 31 13.47 -19.26 -6.47
CA LYS D 31 12.17 -19.13 -7.17
C LYS D 31 11.81 -20.41 -7.90
N LYS D 32 10.59 -20.85 -7.62
CA LYS D 32 10.04 -22.05 -8.21
C LYS D 32 11.06 -23.17 -8.13
N PHE D 33 11.42 -23.57 -6.92
CA PHE D 33 12.38 -24.66 -6.75
C PHE D 33 11.66 -25.94 -6.59
N HIS D 34 10.35 -25.83 -6.67
CA HIS D 34 9.54 -27.00 -6.80
C HIS D 34 9.77 -27.55 -8.21
N GLU D 35 9.52 -26.72 -9.21
CA GLU D 35 9.61 -27.18 -10.60
C GLU D 35 11.05 -27.35 -11.00
N PHE D 36 11.91 -26.60 -10.36
CA PHE D 36 13.32 -26.67 -10.65
C PHE D 36 13.94 -27.98 -10.19
N SER D 37 13.55 -28.43 -9.01
CA SER D 37 14.05 -29.70 -8.53
C SER D 37 13.38 -30.84 -9.29
N LYS D 38 12.22 -30.57 -9.88
CA LYS D 38 11.51 -31.57 -10.68
C LYS D 38 12.26 -31.81 -12.00
N PHE D 39 12.60 -30.72 -12.69
CA PHE D 39 13.22 -30.80 -14.01
C PHE D 39 14.54 -31.56 -13.98
N TYR D 40 15.36 -31.30 -12.97
CA TYR D 40 16.69 -31.89 -12.98
C TYR D 40 16.63 -33.20 -12.22
N GLU D 41 15.41 -33.52 -11.82
CA GLU D 41 15.11 -34.77 -11.15
C GLU D 41 15.97 -34.86 -9.94
N PHE D 42 15.64 -34.02 -8.97
CA PHE D 42 16.36 -34.08 -7.72
C PHE D 42 15.87 -35.26 -6.95
N ALA D 43 16.49 -35.43 -5.80
CA ALA D 43 16.50 -36.66 -5.10
C ALA D 43 15.31 -36.81 -4.18
N LYS D 44 14.24 -36.05 -4.44
CA LYS D 44 12.99 -36.33 -3.72
C LYS D 44 13.23 -35.66 -2.40
N PRO D 45 12.51 -36.01 -1.30
CA PRO D 45 12.42 -34.88 -0.38
C PRO D 45 13.77 -34.19 -0.08
N ASN D 46 14.88 -34.90 -0.34
CA ASN D 46 16.15 -34.46 0.11
C ASN D 46 17.26 -34.74 -0.97
N ASP D 47 17.94 -33.77 -1.58
CA ASP D 47 19.03 -34.17 -2.48
C ASP D 47 20.37 -33.80 -1.88
N GLU D 48 21.10 -34.83 -1.45
CA GLU D 48 22.35 -34.66 -0.71
C GLU D 48 23.25 -33.65 -1.41
N ASN D 49 23.39 -33.78 -2.73
CA ASN D 49 24.23 -32.86 -3.47
C ASN D 49 23.61 -31.45 -3.54
N ALA D 50 22.34 -31.36 -3.93
CA ALA D 50 21.65 -30.08 -4.08
C ALA D 50 21.75 -29.21 -2.82
N LEU D 51 21.59 -29.86 -1.67
CA LEU D 51 21.72 -29.21 -0.38
C LEU D 51 23.17 -28.78 -0.07
N LYS D 52 24.12 -29.65 -0.42
CA LYS D 52 25.56 -29.42 -0.17
C LYS D 52 26.13 -28.26 -0.98
N LEU D 53 25.54 -28.07 -2.16
CA LEU D 53 25.94 -27.03 -3.10
C LEU D 53 25.50 -25.70 -2.52
N MET D 54 24.26 -25.69 -2.05
CA MET D 54 23.74 -24.56 -1.31
C MET D 54 24.69 -24.16 -0.19
N ASN D 55 25.09 -25.15 0.60
CA ASN D 55 26.11 -24.96 1.61
C ASN D 55 27.40 -24.37 1.02
N ALA D 56 27.78 -24.80 -0.17
CA ALA D 56 29.03 -24.30 -0.73
C ALA D 56 28.95 -22.81 -0.99
N CYS D 57 27.87 -22.43 -1.68
CA CYS D 57 27.65 -21.04 -2.02
C CYS D 57 27.60 -20.18 -0.75
N ALA D 58 26.86 -20.65 0.25
CA ALA D 58 26.79 -19.98 1.56
C ALA D 58 28.16 -19.80 2.22
N LYS D 59 28.98 -20.84 2.18
CA LYS D 59 30.27 -20.78 2.83
C LYS D 59 31.08 -19.69 2.12
N ASN D 60 31.13 -19.77 0.79
CA ASN D 60 31.88 -18.79 0.02
C ASN D 60 31.44 -17.38 0.31
N LEU D 61 30.13 -17.18 0.51
CA LEU D 61 29.60 -15.84 0.79
C LEU D 61 30.05 -15.37 2.17
N VAL D 62 29.87 -16.17 3.23
CA VAL D 62 30.28 -15.68 4.55
C VAL D 62 31.79 -15.53 4.55
N LEU D 63 32.48 -16.33 3.75
CA LEU D 63 33.91 -16.12 3.59
C LEU D 63 34.13 -14.73 3.00
N LYS D 64 33.39 -14.41 1.93
CA LYS D 64 33.46 -13.10 1.24
C LYS D 64 33.24 -11.92 2.20
N TYR D 65 32.14 -11.96 2.97
CA TYR D 65 31.99 -11.01 4.07
C TYR D 65 32.12 -11.65 5.43
N LYS D 66 33.37 -11.76 5.86
CA LYS D 66 33.75 -12.55 7.01
C LYS D 66 33.65 -11.66 8.22
N ASN D 67 33.66 -10.36 7.96
CA ASN D 67 33.59 -9.40 9.05
C ASN D 67 32.19 -9.11 9.48
N ASP D 68 31.29 -8.98 8.51
CA ASP D 68 29.97 -8.53 8.88
C ASP D 68 28.99 -9.67 9.19
N ILE D 69 29.35 -10.89 8.81
CA ILE D 69 28.44 -12.01 8.98
C ILE D 69 28.76 -12.83 10.22
N ILE D 70 27.80 -12.88 11.14
CA ILE D 70 27.92 -13.69 12.36
C ILE D 70 27.81 -15.17 12.05
N LEU D 71 26.84 -15.50 11.19
CA LEU D 71 26.62 -16.88 10.80
C LEU D 71 25.52 -16.99 9.74
N ALA D 72 25.33 -18.19 9.22
CA ALA D 72 24.29 -18.43 8.23
C ALA D 72 23.57 -19.75 8.49
N PHE D 73 22.33 -19.86 8.06
CA PHE D 73 21.61 -21.11 8.19
C PHE D 73 20.76 -21.43 6.94
N GLY D 74 21.08 -22.55 6.28
CA GLY D 74 20.32 -23.00 5.12
C GLY D 74 19.26 -24.09 5.26
N GLU D 75 18.23 -24.03 4.43
CA GLU D 75 17.13 -24.99 4.54
C GLU D 75 16.91 -25.71 3.22
N SER D 76 16.23 -25.09 2.26
CA SER D 76 15.88 -25.84 1.07
C SER D 76 16.46 -25.18 -0.13
N ASP D 77 15.71 -24.19 -0.58
CA ASP D 77 16.17 -23.27 -1.57
C ASP D 77 16.59 -22.01 -0.79
N GLU D 78 16.45 -22.06 0.53
CA GLU D 78 16.64 -20.86 1.36
C GLU D 78 17.93 -20.87 2.16
N TYR D 79 18.50 -19.69 2.40
CA TYR D 79 19.66 -19.60 3.26
C TYR D 79 19.58 -18.21 3.92
N SER D 80 20.07 -18.12 5.16
CA SER D 80 19.91 -16.90 5.92
C SER D 80 21.26 -16.41 6.45
N PHE D 81 21.51 -15.12 6.30
CA PHE D 81 22.76 -14.58 6.78
C PHE D 81 22.48 -13.49 7.81
N ILE D 82 23.18 -13.63 8.93
CA ILE D 82 23.05 -12.70 10.03
C ILE D 82 24.22 -11.75 9.99
N LEU D 83 23.88 -10.48 9.95
CA LEU D 83 24.80 -9.38 9.92
C LEU D 83 24.77 -8.74 11.28
N LYS D 84 25.97 -8.55 11.83
CA LYS D 84 26.14 -7.97 13.14
C LYS D 84 25.53 -6.59 13.20
N SER D 85 24.92 -6.27 14.34
CA SER D 85 24.16 -5.03 14.49
C SER D 85 25.01 -3.80 14.24
N SER D 86 26.31 -3.96 14.36
CA SER D 86 27.21 -2.83 14.27
C SER D 86 27.71 -2.60 12.86
N THR D 87 27.20 -3.37 11.91
CA THR D 87 27.80 -3.34 10.59
C THR D 87 27.63 -1.99 9.86
N THR D 88 28.70 -1.57 9.20
CA THR D 88 28.63 -0.45 8.28
C THR D 88 28.50 -0.94 6.83
N LEU D 89 28.41 -2.25 6.62
CA LEU D 89 28.48 -2.82 5.26
C LEU D 89 27.49 -2.16 4.28
N PHE D 90 27.98 -1.74 3.11
CA PHE D 90 27.12 -1.12 2.07
C PHE D 90 26.36 0.12 2.57
N ASN D 91 26.91 0.68 3.63
CA ASN D 91 26.36 1.85 4.31
C ASN D 91 24.93 1.53 4.76
N ARG D 92 24.68 0.23 4.98
CA ARG D 92 23.40 -0.27 5.45
C ARG D 92 22.28 -0.11 4.41
N ARG D 93 22.64 -0.13 3.13
CA ARG D 93 21.64 -0.02 2.08
C ARG D 93 20.87 -1.35 1.79
N LYS D 94 19.54 -1.30 1.89
CA LYS D 94 18.68 -2.51 1.80
C LYS D 94 18.85 -3.19 0.49
N ASP D 95 18.59 -2.41 -0.55
CA ASP D 95 18.76 -2.85 -1.93
C ASP D 95 20.11 -3.42 -2.14
N LYS D 96 21.16 -2.64 -1.83
CA LYS D 96 22.51 -3.16 -2.07
C LYS D 96 22.74 -4.48 -1.29
N LEU D 97 22.44 -4.49 -0.01
CA LEU D 97 22.56 -5.70 0.79
C LEU D 97 21.88 -6.95 0.20
N ALA D 98 20.57 -6.81 -0.03
CA ALA D 98 19.76 -7.91 -0.53
C ALA D 98 20.26 -8.34 -1.89
N THR D 99 20.22 -7.43 -2.84
CA THR D 99 20.53 -7.76 -4.23
C THR D 99 21.94 -8.33 -4.37
N LEU D 100 22.89 -7.73 -3.68
CA LEU D 100 24.27 -8.13 -3.87
C LEU D 100 24.47 -9.51 -3.32
N PHE D 101 24.00 -9.77 -2.09
CA PHE D 101 24.12 -11.12 -1.52
C PHE D 101 23.47 -12.12 -2.49
N GLY D 102 22.20 -11.89 -2.84
CA GLY D 102 21.53 -12.72 -3.81
C GLY D 102 22.29 -13.00 -5.11
N SER D 103 22.77 -11.96 -5.80
CA SER D 103 23.54 -12.16 -7.03
C SER D 103 24.73 -13.00 -6.78
N PHE D 104 25.49 -12.68 -5.73
CA PHE D 104 26.72 -13.40 -5.44
C PHE D 104 26.39 -14.88 -5.24
N PHE D 105 25.35 -15.14 -4.46
CA PHE D 105 24.91 -16.48 -4.16
C PHE D 105 24.52 -17.28 -5.40
N THR D 106 23.61 -16.69 -6.17
CA THR D 106 23.22 -17.17 -7.47
C THR D 106 24.43 -17.52 -8.33
N SER D 107 25.40 -16.61 -8.33
CA SER D 107 26.58 -16.71 -9.18
C SER D 107 27.40 -17.91 -8.75
N ASN D 108 27.49 -18.11 -7.44
CA ASN D 108 28.21 -19.27 -6.93
C ASN D 108 27.42 -20.56 -7.21
N TYR D 109 26.09 -20.49 -7.17
CA TYR D 109 25.26 -21.62 -7.47
C TYR D 109 25.59 -22.11 -8.88
N VAL D 110 25.26 -21.28 -9.88
CA VAL D 110 25.57 -21.61 -11.29
C VAL D 110 27.01 -22.09 -11.45
N ALA D 111 27.97 -21.32 -10.95
CA ALA D 111 29.39 -21.69 -11.04
C ALA D 111 29.71 -23.10 -10.54
N LEU D 112 29.23 -23.41 -9.34
CA LEU D 112 29.58 -24.68 -8.72
C LEU D 112 28.72 -25.85 -9.15
N TRP D 113 27.72 -25.59 -9.99
CA TRP D 113 26.86 -26.69 -10.44
C TRP D 113 27.67 -27.85 -10.99
N ALA D 114 28.60 -27.55 -11.90
CA ALA D 114 29.36 -28.59 -12.57
C ALA D 114 29.96 -29.63 -11.60
N LYS D 115 30.35 -29.19 -10.41
CA LYS D 115 31.03 -30.07 -9.44
C LYS D 115 30.05 -31.08 -8.83
N PHE D 116 28.91 -30.59 -8.38
CA PHE D 116 27.96 -31.41 -7.67
C PHE D 116 27.07 -32.23 -8.59
N PHE D 117 26.84 -31.74 -9.81
CA PHE D 117 26.03 -32.49 -10.75
C PHE D 117 26.61 -32.67 -12.14
N PRO D 118 27.68 -33.48 -12.29
CA PRO D 118 28.18 -33.76 -13.64
C PRO D 118 27.16 -34.56 -14.41
N GLU D 119 26.23 -35.16 -13.67
CA GLU D 119 25.15 -35.99 -14.18
C GLU D 119 24.30 -35.30 -15.23
N LYS D 120 23.52 -34.31 -14.80
CA LYS D 120 22.66 -33.53 -15.69
C LYS D 120 23.08 -32.04 -15.65
N PRO D 121 23.62 -31.51 -16.77
CA PRO D 121 23.97 -30.09 -16.91
C PRO D 121 22.75 -29.18 -16.97
N LEU D 122 22.95 -27.86 -17.12
CA LEU D 122 21.88 -26.87 -16.87
C LEU D 122 20.78 -26.62 -17.93
N ASN D 123 20.98 -27.12 -19.15
CA ASN D 123 20.14 -26.76 -20.28
C ASN D 123 20.14 -25.23 -20.31
N ILE D 124 19.03 -24.61 -20.67
CA ILE D 124 18.92 -23.14 -20.60
C ILE D 124 17.57 -22.74 -20.08
N LYS D 125 16.54 -23.20 -20.79
CA LYS D 125 15.16 -22.77 -20.62
C LYS D 125 14.79 -22.83 -19.12
N HIS D 126 15.44 -23.73 -18.40
CA HIS D 126 15.20 -23.87 -16.97
C HIS D 126 16.45 -23.58 -16.10
N LEU D 127 16.39 -22.46 -15.38
CA LEU D 127 17.53 -21.93 -14.61
C LEU D 127 17.20 -21.66 -13.16
N PRO D 128 18.23 -21.70 -12.29
CA PRO D 128 18.06 -21.26 -10.92
C PRO D 128 18.02 -19.75 -10.88
N TYR D 129 17.14 -19.16 -10.07
CA TYR D 129 17.24 -17.76 -9.73
C TYR D 129 16.56 -17.53 -8.39
N PHE D 130 17.05 -16.58 -7.58
CA PHE D 130 16.68 -16.56 -6.15
C PHE D 130 16.09 -15.22 -5.69
N ASP D 131 15.17 -15.25 -4.74
CA ASP D 131 14.64 -14.04 -4.09
C ASP D 131 15.67 -13.56 -3.07
N SER D 132 15.74 -12.26 -2.77
CA SER D 132 16.50 -11.86 -1.60
C SER D 132 15.85 -10.73 -0.77
N ARG D 133 16.06 -10.74 0.55
CA ARG D 133 15.32 -9.86 1.48
C ARG D 133 16.22 -9.30 2.57
N CYS D 134 15.93 -8.06 2.95
CA CYS D 134 16.55 -7.43 4.11
C CYS D 134 15.62 -7.24 5.31
N VAL D 135 15.93 -7.90 6.42
CA VAL D 135 15.05 -7.79 7.56
C VAL D 135 15.77 -7.30 8.82
N ALA D 136 15.16 -6.34 9.50
CA ALA D 136 15.78 -5.63 10.62
C ALA D 136 15.44 -6.24 11.95
N TYR D 137 16.45 -6.66 12.72
CA TYR D 137 16.14 -7.20 14.04
C TYR D 137 16.80 -6.38 15.13
N PRO D 138 15.98 -5.70 15.93
CA PRO D 138 16.46 -4.67 16.85
C PRO D 138 17.27 -5.19 18.02
N ASN D 139 16.98 -6.37 18.56
CA ASN D 139 17.71 -6.85 19.74
C ASN D 139 17.93 -8.32 19.62
N LEU D 140 18.89 -8.81 20.42
CA LEU D 140 19.40 -10.19 20.30
C LEU D 140 18.31 -11.25 20.39
N GLN D 141 17.37 -11.02 21.29
CA GLN D 141 16.33 -11.99 21.48
C GLN D 141 15.65 -12.26 20.13
N THR D 142 15.41 -11.20 19.36
CA THR D 142 14.68 -11.39 18.12
C THR D 142 15.48 -12.18 17.09
N ILE D 143 16.79 -11.96 17.00
CA ILE D 143 17.56 -12.65 15.97
C ILE D 143 17.50 -14.12 16.35
N LYS D 144 17.69 -14.38 17.64
CA LYS D 144 17.71 -15.75 18.13
C LYS D 144 16.41 -16.47 17.80
N ASP D 145 15.29 -15.81 18.05
CA ASP D 145 14.01 -16.40 17.74
C ASP D 145 13.84 -16.53 16.24
N TYR D 146 14.40 -15.63 15.43
CA TYR D 146 14.30 -15.75 13.97
C TYR D 146 14.95 -17.02 13.49
N LEU D 147 16.23 -17.12 13.81
CA LEU D 147 16.99 -18.33 13.59
C LEU D 147 16.26 -19.59 14.07
N SER D 148 15.72 -19.54 15.28
CA SER D 148 14.92 -20.66 15.77
C SER D 148 13.77 -21.00 14.81
N TRP D 149 13.05 -19.97 14.38
CA TRP D 149 11.90 -20.11 13.52
C TRP D 149 12.20 -20.84 12.28
N ARG D 150 13.33 -20.50 11.68
CA ARG D 150 13.78 -21.24 10.49
C ARG D 150 13.99 -22.68 10.90
N TYR D 151 14.76 -22.86 11.97
CA TYR D 151 15.03 -24.23 12.42
C TYR D 151 13.76 -25.11 12.61
N VAL D 152 12.76 -24.57 13.29
CA VAL D 152 11.44 -25.17 13.38
C VAL D 152 11.03 -25.55 11.99
N ASP D 153 11.05 -24.54 11.11
CA ASP D 153 10.51 -24.69 9.76
C ASP D 153 11.08 -25.91 9.10
N THR D 154 12.41 -26.01 9.13
CA THR D 154 13.06 -27.18 8.54
C THR D 154 12.61 -28.47 9.24
N HIS D 155 12.48 -28.43 10.56
CA HIS D 155 12.16 -29.66 11.28
C HIS D 155 10.83 -30.26 10.84
N ILE D 156 9.83 -29.41 10.87
CA ILE D 156 8.49 -29.75 10.48
C ILE D 156 8.42 -30.22 9.05
N ASN D 157 9.06 -29.46 8.17
CA ASN D 157 9.01 -29.79 6.75
C ASN D 157 9.66 -31.11 6.42
N ASN D 158 10.80 -31.40 7.03
CA ASN D 158 11.47 -32.65 6.74
C ASN D 158 10.63 -33.79 7.27
N LEU D 159 10.07 -33.60 8.45
CA LEU D 159 9.25 -34.64 9.01
C LEU D 159 8.13 -34.98 8.07
N TYR D 160 7.30 -33.99 7.81
CA TYR D 160 6.14 -34.20 6.96
C TYR D 160 6.55 -34.80 5.63
N ASN D 161 7.50 -34.17 4.94
CA ASN D 161 7.91 -34.65 3.62
C ASN D 161 8.42 -36.08 3.67
N THR D 162 9.23 -36.38 4.67
CA THR D 162 9.81 -37.71 4.79
C THR D 162 8.69 -38.74 4.98
N THR D 163 7.77 -38.52 5.91
CA THR D 163 6.79 -39.59 6.16
C THR D 163 5.78 -39.60 5.02
N PHE D 164 5.73 -38.52 4.23
CA PHE D 164 4.83 -38.44 3.09
C PHE D 164 5.35 -39.28 1.94
N TRP D 165 6.63 -39.12 1.64
CA TRP D 165 7.21 -39.71 0.44
C TRP D 165 7.58 -41.17 0.68
N GLN D 166 7.66 -41.57 1.94
CA GLN D 166 7.82 -42.98 2.29
C GLN D 166 6.55 -43.73 2.03
N LEU D 167 5.43 -43.09 2.33
CA LEU D 167 4.12 -43.70 2.12
C LEU D 167 3.89 -43.99 0.64
N ILE D 168 4.28 -43.04 -0.21
CA ILE D 168 4.12 -43.19 -1.65
C ILE D 168 5.05 -44.29 -2.11
N ILE D 169 6.32 -44.16 -1.77
CA ILE D 169 7.32 -45.14 -2.14
C ILE D 169 6.97 -46.54 -1.61
N LYS D 170 6.98 -46.68 -0.27
CA LYS D 170 6.86 -47.99 0.38
C LYS D 170 5.47 -48.63 0.26
N CYS D 171 4.46 -47.83 0.55
CA CYS D 171 3.11 -48.34 0.64
C CYS D 171 2.34 -48.10 -0.67
N GLY D 172 2.99 -47.46 -1.63
CA GLY D 172 2.42 -47.24 -2.95
C GLY D 172 1.28 -46.24 -3.05
N LEU D 173 1.21 -45.32 -2.10
CA LEU D 173 0.08 -44.41 -2.00
C LEU D 173 0.12 -43.28 -3.04
N THR D 174 -1.06 -42.69 -3.29
CA THR D 174 -1.17 -41.50 -4.12
C THR D 174 -1.05 -40.25 -3.25
N PRO D 175 -0.73 -39.09 -3.85
CA PRO D 175 -0.65 -37.84 -3.09
C PRO D 175 -1.85 -37.46 -2.20
N GLN D 176 -3.08 -37.87 -2.56
CA GLN D 176 -4.29 -37.50 -1.80
C GLN D 176 -4.44 -38.18 -0.45
N GLU D 177 -4.39 -39.51 -0.44
CA GLU D 177 -4.64 -40.26 0.78
C GLU D 177 -3.43 -40.27 1.70
N SER D 178 -2.25 -40.01 1.14
CA SER D 178 -1.05 -39.95 1.96
C SER D 178 -1.11 -38.67 2.79
N GLU D 179 -1.84 -37.69 2.26
CA GLU D 179 -2.14 -36.44 2.95
C GLU D 179 -3.17 -36.56 4.08
N LYS D 180 -4.25 -37.29 3.80
CA LYS D 180 -5.31 -37.53 4.78
C LYS D 180 -4.80 -38.38 5.94
N LYS D 181 -3.95 -39.36 5.64
CA LYS D 181 -3.33 -40.16 6.69
C LYS D 181 -2.53 -39.26 7.62
N LEU D 182 -1.82 -38.30 7.03
CA LEU D 182 -0.91 -37.41 7.77
C LEU D 182 -1.59 -36.23 8.47
N CYS D 183 -2.74 -35.81 7.93
CA CYS D 183 -3.56 -34.73 8.50
C CYS D 183 -3.86 -34.90 10.01
N GLY D 184 -3.58 -33.87 10.79
CA GLY D 184 -3.97 -33.85 12.20
C GLY D 184 -3.09 -34.65 13.15
N THR D 185 -1.88 -34.96 12.72
CA THR D 185 -0.95 -35.73 13.54
C THR D 185 -0.08 -34.82 14.38
N PHE D 186 0.85 -35.43 15.10
CA PHE D 186 1.86 -34.68 15.82
C PHE D 186 3.21 -34.95 15.19
N SER D 187 4.27 -34.41 15.79
CA SER D 187 5.60 -34.76 15.36
C SER D 187 5.80 -36.25 15.61
N ASN D 188 5.50 -36.69 16.82
CA ASN D 188 5.72 -38.08 17.23
C ASN D 188 4.88 -39.08 16.44
N GLU D 189 3.63 -38.71 16.17
CA GLU D 189 2.74 -39.58 15.42
C GLU D 189 3.34 -39.95 14.08
N LYS D 190 3.80 -38.95 13.36
CA LYS D 190 4.39 -39.19 12.05
C LYS D 190 5.61 -40.10 12.18
N GLN D 191 6.41 -39.92 13.24
CA GLN D 191 7.62 -40.73 13.47
C GLN D 191 7.23 -42.20 13.69
N GLU D 192 6.08 -42.42 14.30
CA GLU D 192 5.52 -43.76 14.41
C GLU D 192 5.09 -44.25 13.05
N ILE D 193 4.44 -43.38 12.28
CA ILE D 193 3.95 -43.77 10.97
C ILE D 193 5.14 -44.11 10.10
N LEU D 194 6.28 -43.58 10.48
CA LEU D 194 7.49 -43.82 9.76
C LEU D 194 8.04 -45.17 10.22
N PHE D 195 8.06 -45.32 11.54
CA PHE D 195 8.75 -46.43 12.19
C PHE D 195 8.08 -47.80 11.99
N SER D 196 6.75 -47.84 12.09
CA SER D 196 6.03 -49.10 11.92
C SER D 196 5.64 -49.37 10.46
N GLU D 197 4.84 -48.48 9.88
CA GLU D 197 4.23 -48.73 8.59
C GLU D 197 5.20 -48.48 7.43
N CYS D 198 6.07 -47.48 7.59
CA CYS D 198 7.12 -47.25 6.61
C CYS D 198 8.36 -48.06 7.02
N GLY D 199 8.40 -48.45 8.29
CA GLY D 199 9.46 -49.29 8.80
C GLY D 199 10.82 -48.65 8.96
N ILE D 200 10.84 -47.34 9.18
CA ILE D 200 12.12 -46.67 9.33
C ILE D 200 12.14 -45.67 10.49
N ASN D 201 13.16 -45.84 11.32
CA ASN D 201 13.41 -44.98 12.46
C ASN D 201 13.93 -43.63 12.01
N TYR D 202 13.32 -42.57 12.51
CA TYR D 202 13.58 -41.21 12.03
C TYR D 202 14.84 -40.62 12.62
N ASN D 203 15.34 -41.23 13.69
CA ASN D 203 16.59 -40.80 14.27
C ASN D 203 17.77 -41.30 13.44
N ASN D 204 17.54 -42.41 12.71
CA ASN D 204 18.52 -43.02 11.80
C ASN D 204 18.69 -42.16 10.55
N GLU D 205 17.87 -41.12 10.43
CA GLU D 205 17.98 -40.16 9.34
C GLU D 205 19.25 -39.34 9.48
N PRO D 206 19.83 -38.94 8.32
CA PRO D 206 21.08 -38.17 8.31
C PRO D 206 20.87 -36.80 8.92
N GLU D 207 21.89 -36.28 9.61
CA GLU D 207 21.70 -35.13 10.47
C GLU D 207 21.63 -33.80 9.74
N MET D 208 22.13 -33.74 8.51
CA MET D 208 22.05 -32.50 7.74
C MET D 208 20.62 -32.30 7.28
N PHE D 209 19.86 -33.38 7.25
CA PHE D 209 18.51 -33.32 6.72
C PHE D 209 17.50 -32.83 7.78
N LYS D 210 17.63 -33.36 9.00
CA LYS D 210 16.74 -33.03 10.11
C LYS D 210 17.01 -31.63 10.66
N LYS D 211 18.28 -31.36 11.00
CA LYS D 211 18.65 -30.17 11.78
C LYS D 211 19.17 -29.00 10.92
N GLY D 212 19.20 -29.15 9.60
CA GLY D 212 19.60 -28.04 8.73
C GLY D 212 21.07 -27.62 8.73
N SER D 213 21.46 -26.88 7.69
CA SER D 213 22.84 -26.52 7.49
C SER D 213 23.19 -25.17 8.12
N LEU D 214 23.96 -25.18 9.20
CA LEU D 214 24.41 -23.93 9.84
C LEU D 214 25.87 -23.56 9.62
N VAL D 215 26.15 -22.53 8.85
CA VAL D 215 27.54 -22.07 8.69
C VAL D 215 27.91 -21.00 9.70
N THR D 216 28.88 -21.30 10.55
CA THR D 216 29.46 -20.25 11.38
C THR D 216 30.43 -19.54 10.47
N ARG D 217 31.24 -18.61 10.96
CA ARG D 217 32.32 -18.10 10.11
C ARG D 217 33.11 -19.35 9.77
N LYS D 218 33.81 -19.36 8.64
CA LYS D 218 34.56 -20.54 8.14
C LYS D 218 33.80 -21.92 8.19
N GLY D 219 34.41 -22.92 8.82
CA GLY D 219 33.90 -24.28 8.85
C GLY D 219 32.48 -24.36 9.35
N GLU D 220 31.72 -25.31 8.83
CA GLU D 220 30.32 -25.29 9.18
C GLU D 220 29.80 -26.64 9.71
N ILE D 221 28.61 -26.61 10.33
CA ILE D 221 28.16 -27.65 11.26
C ILE D 221 26.64 -27.73 11.21
N LEU D 222 26.08 -28.83 11.74
CA LEU D 222 24.62 -29.08 11.78
C LEU D 222 24.12 -29.54 13.18
N HIS D 223 23.54 -28.69 14.04
CA HIS D 223 22.79 -29.14 15.25
C HIS D 223 21.74 -28.16 15.85
N ILE D 224 20.44 -28.47 15.82
CA ILE D 224 19.40 -27.91 16.76
C ILE D 224 19.40 -26.37 17.21
N ASN D 225 19.13 -26.13 18.49
CA ASN D 225 19.54 -24.90 19.12
C ASN D 225 20.08 -25.23 20.55
N VAL D 226 21.35 -24.94 20.67
CA VAL D 226 22.01 -24.60 21.91
C VAL D 226 22.52 -23.22 21.53
N ILE D 227 22.16 -22.16 22.22
CA ILE D 227 22.62 -20.89 21.69
C ILE D 227 23.95 -20.53 22.35
N ALA D 228 25.01 -20.95 21.69
CA ALA D 228 26.36 -20.64 22.06
C ALA D 228 26.82 -19.53 21.14
N GLN D 229 25.94 -19.13 20.22
CA GLN D 229 26.08 -17.88 19.48
C GLN D 229 26.15 -16.76 20.53
N ILE D 230 25.43 -16.94 21.66
CA ILE D 230 25.50 -16.00 22.80
C ILE D 230 26.96 -15.71 23.17
N ASP D 231 27.80 -16.72 23.03
CA ASP D 231 29.20 -16.64 23.45
C ASP D 231 30.08 -15.99 22.37
N GLU D 232 29.87 -16.37 21.10
CA GLU D 232 30.78 -16.05 19.98
C GLU D 232 30.97 -14.54 19.81
N LEU D 233 29.90 -13.79 20.05
CA LEU D 233 29.95 -12.32 19.98
C LEU D 233 30.26 -11.80 18.54
N LYS E 5 -69.25 -15.17 -12.78
CA LYS E 5 -70.25 -14.73 -11.81
C LYS E 5 -69.52 -14.04 -10.65
N PHE E 6 -68.59 -14.76 -10.03
CA PHE E 6 -67.69 -14.16 -9.07
C PHE E 6 -66.35 -13.84 -9.70
N GLY E 7 -66.22 -14.20 -10.98
CA GLY E 7 -64.95 -14.29 -11.66
C GLY E 7 -64.30 -12.98 -12.07
N TYR E 8 -65.03 -11.89 -11.92
CA TYR E 8 -64.49 -10.58 -12.24
C TYR E 8 -63.23 -10.27 -11.45
N VAL E 9 -63.04 -10.96 -10.33
CA VAL E 9 -61.91 -10.72 -9.46
C VAL E 9 -60.65 -11.06 -10.21
N ARG E 10 -60.73 -12.05 -11.10
CA ARG E 10 -59.52 -12.48 -11.80
C ARG E 10 -59.03 -11.39 -12.74
N GLN E 11 -59.90 -10.42 -12.99
CA GLN E 11 -59.59 -9.29 -13.86
C GLN E 11 -58.57 -8.36 -13.17
N PHE E 12 -58.35 -8.58 -11.87
CA PHE E 12 -57.51 -7.69 -11.07
C PHE E 12 -56.00 -7.98 -11.21
N GLU E 13 -55.64 -9.20 -11.61
CA GLU E 13 -54.24 -9.64 -11.52
C GLU E 13 -53.30 -8.94 -12.47
N THR E 14 -52.04 -9.32 -12.44
CA THR E 14 -51.06 -8.63 -13.27
C THR E 14 -50.11 -9.62 -13.94
N HIS E 15 -50.07 -9.53 -15.27
CA HIS E 15 -49.29 -10.43 -16.10
C HIS E 15 -47.92 -9.91 -16.56
N ASP E 16 -47.48 -8.80 -15.99
CA ASP E 16 -46.29 -8.06 -16.45
C ASP E 16 -44.98 -8.85 -16.68
N VAL E 17 -44.34 -8.53 -17.81
CA VAL E 17 -43.22 -9.30 -18.33
C VAL E 17 -41.96 -8.47 -18.38
N ILE E 18 -40.82 -9.17 -18.35
CA ILE E 18 -39.50 -8.63 -18.67
C ILE E 18 -39.42 -8.12 -20.10
N LEU E 19 -38.78 -6.95 -20.29
CA LEU E 19 -38.57 -6.35 -21.60
C LEU E 19 -37.91 -7.34 -22.56
N PRO E 20 -38.47 -7.49 -23.78
CA PRO E 20 -37.93 -8.53 -24.65
C PRO E 20 -36.53 -8.20 -25.12
N GLN E 21 -35.76 -9.26 -25.40
CA GLN E 21 -34.36 -9.20 -25.84
C GLN E 21 -33.41 -8.64 -24.79
N CYS E 22 -33.79 -8.79 -23.52
CA CYS E 22 -32.88 -8.48 -22.41
C CYS E 22 -32.53 -9.74 -21.68
N TYR E 23 -31.27 -9.83 -21.24
CA TYR E 23 -30.84 -10.94 -20.44
C TYR E 23 -31.52 -10.82 -19.08
N ILE E 24 -31.69 -11.94 -18.38
CA ILE E 24 -32.46 -11.96 -17.13
C ILE E 24 -31.60 -12.59 -16.04
N VAL E 25 -31.87 -12.24 -14.77
CA VAL E 25 -31.21 -12.88 -13.64
C VAL E 25 -32.19 -13.16 -12.54
N VAL E 26 -32.15 -14.38 -12.02
CA VAL E 26 -32.93 -14.65 -10.84
C VAL E 26 -32.00 -14.87 -9.66
N ARG E 27 -32.02 -13.95 -8.71
CA ARG E 27 -31.21 -14.15 -7.54
C ARG E 27 -32.07 -14.76 -6.47
N ILE E 28 -31.53 -15.81 -5.88
CA ILE E 28 -32.17 -16.51 -4.81
C ILE E 28 -31.31 -16.33 -3.58
N ASP E 29 -31.88 -15.68 -2.58
CA ASP E 29 -31.14 -15.38 -1.38
C ASP E 29 -31.95 -15.77 -0.16
N GLY E 30 -31.50 -16.80 0.57
CA GLY E 30 -32.25 -17.29 1.72
C GLY E 30 -32.49 -16.26 2.82
N LYS E 31 -33.76 -16.06 3.24
CA LYS E 31 -34.09 -15.08 4.32
C LYS E 31 -33.71 -15.63 5.70
N LYS E 32 -33.06 -14.74 6.45
CA LYS E 32 -32.52 -15.02 7.76
C LYS E 32 -31.72 -16.32 7.71
N PHE E 33 -30.63 -16.31 6.94
CA PHE E 33 -29.78 -17.47 6.84
C PHE E 33 -28.69 -17.36 7.89
N HIS E 34 -28.64 -16.20 8.54
CA HIS E 34 -27.74 -15.96 9.66
C HIS E 34 -28.15 -16.82 10.86
N GLU E 35 -29.42 -16.68 11.27
CA GLU E 35 -29.95 -17.41 12.41
C GLU E 35 -30.13 -18.88 12.06
N PHE E 36 -30.27 -19.15 10.76
CA PHE E 36 -30.33 -20.49 10.23
C PHE E 36 -28.98 -21.18 10.45
N SER E 37 -27.90 -20.58 9.93
CA SER E 37 -26.58 -21.20 10.10
C SER E 37 -26.11 -21.12 11.56
N LYS E 38 -26.73 -20.28 12.38
CA LYS E 38 -26.43 -20.26 13.82
C LYS E 38 -27.08 -21.45 14.53
N PHE E 39 -28.32 -21.75 14.14
CA PHE E 39 -29.13 -22.81 14.77
C PHE E 39 -28.56 -24.21 14.47
N TYR E 40 -28.27 -24.49 13.20
CA TYR E 40 -27.77 -25.81 12.78
C TYR E 40 -26.25 -25.87 12.92
N GLU E 41 -25.67 -24.72 13.27
CA GLU E 41 -24.24 -24.59 13.50
C GLU E 41 -23.43 -25.03 12.28
N PHE E 42 -23.52 -24.21 11.23
CA PHE E 42 -22.68 -24.34 10.03
C PHE E 42 -21.20 -24.04 10.28
N ALA E 43 -20.40 -24.57 9.38
CA ALA E 43 -18.96 -24.41 9.37
C ALA E 43 -18.50 -23.02 8.94
N LYS E 44 -18.22 -22.19 9.95
CA LYS E 44 -17.74 -20.78 9.89
C LYS E 44 -17.77 -19.97 8.61
N PRO E 45 -16.68 -19.33 8.18
CA PRO E 45 -17.01 -18.70 6.91
C PRO E 45 -17.39 -19.75 5.89
N ASN E 46 -16.85 -20.97 6.01
CA ASN E 46 -16.99 -21.72 4.82
C ASN E 46 -17.46 -23.17 5.17
N ASP E 47 -18.74 -23.53 4.98
CA ASP E 47 -19.16 -24.93 5.23
C ASP E 47 -19.22 -25.65 3.90
N GLU E 48 -18.32 -26.61 3.73
CA GLU E 48 -18.18 -27.35 2.48
C GLU E 48 -19.53 -27.98 2.06
N ASN E 49 -20.20 -28.57 3.04
CA ASN E 49 -21.44 -29.29 2.82
C ASN E 49 -22.59 -28.35 2.37
N ALA E 50 -22.82 -27.26 3.10
CA ALA E 50 -23.92 -26.32 2.78
C ALA E 50 -23.80 -25.77 1.36
N LEU E 51 -22.61 -25.27 1.06
CA LEU E 51 -22.25 -24.80 -0.26
C LEU E 51 -22.43 -25.87 -1.34
N LYS E 52 -22.00 -27.10 -1.05
CA LYS E 52 -22.11 -28.22 -2.00
C LYS E 52 -23.56 -28.61 -2.24
N LEU E 53 -24.37 -28.40 -1.21
CA LEU E 53 -25.79 -28.62 -1.27
C LEU E 53 -26.42 -27.61 -2.19
N MET E 54 -26.04 -26.35 -2.00
CA MET E 54 -26.50 -25.27 -2.85
C MET E 54 -26.15 -25.51 -4.29
N ASN E 55 -24.94 -26.00 -4.47
CA ASN E 55 -24.53 -26.46 -5.77
C ASN E 55 -25.49 -27.51 -6.29
N ALA E 56 -25.80 -28.49 -5.44
CA ALA E 56 -26.66 -29.60 -5.85
C ALA E 56 -27.92 -29.05 -6.46
N CYS E 57 -28.65 -28.27 -5.66
CA CYS E 57 -29.93 -27.68 -6.06
C CYS E 57 -29.81 -26.93 -7.36
N ALA E 58 -28.79 -26.09 -7.45
CA ALA E 58 -28.64 -25.28 -8.65
C ALA E 58 -28.37 -26.15 -9.87
N LYS E 59 -27.65 -27.25 -9.68
CA LYS E 59 -27.29 -28.16 -10.77
C LYS E 59 -28.52 -28.89 -11.30
N ASN E 60 -29.43 -29.18 -10.37
CA ASN E 60 -30.71 -29.78 -10.72
C ASN E 60 -31.62 -28.74 -11.37
N LEU E 61 -31.38 -27.47 -11.07
CA LEU E 61 -32.20 -26.42 -11.67
C LEU E 61 -31.73 -26.09 -13.09
N VAL E 62 -30.42 -26.03 -13.28
CA VAL E 62 -29.91 -25.78 -14.62
C VAL E 62 -30.20 -27.05 -15.42
N LEU E 63 -30.18 -28.19 -14.73
CA LEU E 63 -30.60 -29.44 -15.35
C LEU E 63 -32.02 -29.16 -15.89
N LYS E 64 -32.95 -28.75 -15.01
CA LYS E 64 -34.37 -28.61 -15.37
C LYS E 64 -34.63 -27.70 -16.59
N TYR E 65 -34.15 -26.46 -16.54
CA TYR E 65 -34.22 -25.64 -17.73
C TYR E 65 -32.81 -25.58 -18.28
N LYS E 66 -32.59 -26.40 -19.30
CA LYS E 66 -31.29 -26.51 -19.93
C LYS E 66 -31.30 -25.59 -21.13
N ASN E 67 -32.49 -25.10 -21.47
CA ASN E 67 -32.63 -24.30 -22.68
C ASN E 67 -32.21 -22.87 -22.51
N ASP E 68 -32.65 -22.24 -21.42
CA ASP E 68 -32.44 -20.79 -21.27
C ASP E 68 -31.31 -20.33 -20.32
N ILE E 69 -30.67 -21.26 -19.62
CA ILE E 69 -29.65 -20.93 -18.62
C ILE E 69 -28.22 -21.02 -19.21
N ILE E 70 -27.54 -19.88 -19.32
CA ILE E 70 -26.16 -19.88 -19.79
C ILE E 70 -25.27 -20.34 -18.65
N LEU E 71 -25.62 -19.89 -17.44
CA LEU E 71 -24.91 -20.32 -16.25
C LEU E 71 -25.58 -19.73 -15.02
N ALA E 72 -25.18 -20.27 -13.88
CA ALA E 72 -25.64 -19.79 -12.59
C ALA E 72 -24.51 -19.85 -11.57
N PHE E 73 -24.41 -18.80 -10.75
CA PHE E 73 -23.28 -18.58 -9.84
C PHE E 73 -23.74 -18.44 -8.37
N GLY E 74 -23.31 -19.38 -7.53
CA GLY E 74 -23.53 -19.27 -6.11
C GLY E 74 -22.42 -18.71 -5.26
N GLU E 75 -22.82 -18.03 -4.19
CA GLU E 75 -21.89 -17.41 -3.28
C GLU E 75 -22.09 -18.05 -1.94
N SER E 76 -23.13 -17.64 -1.23
CA SER E 76 -23.25 -18.05 0.15
C SER E 76 -24.53 -18.78 0.42
N ASP E 77 -25.57 -18.01 0.69
CA ASP E 77 -26.94 -18.49 0.70
C ASP E 77 -27.54 -18.05 -0.61
N GLU E 78 -26.73 -17.35 -1.38
CA GLU E 78 -27.22 -16.71 -2.58
C GLU E 78 -26.85 -17.53 -3.78
N TYR E 79 -27.77 -17.60 -4.75
CA TYR E 79 -27.43 -18.22 -5.98
C TYR E 79 -28.12 -17.44 -7.08
N SER E 80 -27.38 -17.10 -8.13
CA SER E 80 -27.94 -16.27 -9.20
C SER E 80 -28.01 -17.02 -10.53
N PHE E 81 -29.16 -16.96 -11.20
CA PHE E 81 -29.33 -17.71 -12.44
C PHE E 81 -29.48 -16.82 -13.66
N ILE E 82 -28.70 -17.17 -14.68
CA ILE E 82 -28.55 -16.37 -15.88
C ILE E 82 -29.41 -16.83 -17.02
N LEU E 83 -30.11 -15.89 -17.66
CA LEU E 83 -31.03 -16.19 -18.76
C LEU E 83 -30.79 -15.38 -20.05
N LYS E 84 -30.86 -16.06 -21.21
CA LYS E 84 -30.51 -15.45 -22.52
C LYS E 84 -31.52 -14.40 -23.01
N SER E 85 -31.05 -13.44 -23.81
CA SER E 85 -31.89 -12.30 -24.22
C SER E 85 -33.12 -12.76 -25.02
N SER E 86 -33.03 -13.93 -25.63
CA SER E 86 -34.11 -14.36 -26.49
C SER E 86 -35.16 -15.20 -25.76
N THR E 87 -35.00 -15.38 -24.46
CA THR E 87 -35.84 -16.35 -23.73
C THR E 87 -37.32 -15.92 -23.61
N THR E 88 -38.19 -16.82 -24.06
CA THR E 88 -39.65 -16.66 -23.90
C THR E 88 -40.25 -17.49 -22.75
N LEU E 89 -39.39 -18.17 -21.99
CA LEU E 89 -39.84 -19.03 -20.88
C LEU E 89 -40.80 -18.34 -19.89
N PHE E 90 -41.84 -19.06 -19.46
CA PHE E 90 -42.89 -18.53 -18.58
C PHE E 90 -43.48 -17.24 -19.15
N ASN E 91 -43.44 -17.15 -20.47
CA ASN E 91 -43.81 -15.96 -21.22
C ASN E 91 -43.21 -14.76 -20.51
N ARG E 92 -41.87 -14.78 -20.40
CA ARG E 92 -41.09 -13.64 -19.97
C ARG E 92 -41.56 -13.04 -18.66
N ARG E 93 -42.19 -13.84 -17.80
CA ARG E 93 -42.96 -13.23 -16.74
C ARG E 93 -42.19 -13.10 -15.43
N LYS E 94 -42.43 -12.02 -14.69
CA LYS E 94 -41.79 -11.85 -13.39
C LYS E 94 -42.12 -12.94 -12.38
N ASP E 95 -43.39 -12.96 -11.98
CA ASP E 95 -43.87 -13.77 -10.86
C ASP E 95 -43.46 -15.20 -11.05
N LYS E 96 -43.81 -15.75 -12.21
CA LYS E 96 -43.59 -17.16 -12.50
C LYS E 96 -42.10 -17.46 -12.26
N LEU E 97 -41.24 -16.67 -12.88
CA LEU E 97 -39.81 -16.93 -12.82
C LEU E 97 -39.24 -16.91 -11.39
N ALA E 98 -39.44 -15.80 -10.69
CA ALA E 98 -38.85 -15.70 -9.37
C ALA E 98 -39.47 -16.68 -8.36
N THR E 99 -40.79 -16.79 -8.32
CA THR E 99 -41.43 -17.70 -7.36
C THR E 99 -41.13 -19.15 -7.67
N LEU E 100 -41.23 -19.51 -8.95
CA LEU E 100 -41.01 -20.88 -9.35
C LEU E 100 -39.57 -21.31 -9.10
N PHE E 101 -38.61 -20.44 -9.40
CA PHE E 101 -37.23 -20.82 -9.12
C PHE E 101 -36.97 -20.88 -7.63
N GLY E 102 -37.44 -19.88 -6.90
CA GLY E 102 -37.31 -19.90 -5.44
C GLY E 102 -37.87 -21.15 -4.81
N SER E 103 -39.02 -21.59 -5.32
CA SER E 103 -39.71 -22.76 -4.80
C SER E 103 -39.07 -24.07 -5.25
N PHE E 104 -38.62 -24.15 -6.51
CA PHE E 104 -37.95 -25.34 -7.05
C PHE E 104 -36.63 -25.59 -6.35
N PHE E 105 -35.85 -24.52 -6.25
CA PHE E 105 -34.59 -24.52 -5.54
C PHE E 105 -34.88 -24.90 -4.10
N THR E 106 -35.85 -24.24 -3.46
CA THR E 106 -36.21 -24.52 -2.07
C THR E 106 -36.51 -26.02 -1.86
N SER E 107 -37.14 -26.61 -2.87
CA SER E 107 -37.53 -28.02 -2.79
C SER E 107 -36.27 -28.90 -2.90
N ASN E 108 -35.43 -28.63 -3.88
CA ASN E 108 -34.15 -29.33 -4.02
C ASN E 108 -33.27 -29.24 -2.78
N TYR E 109 -33.29 -28.09 -2.12
CA TYR E 109 -32.58 -27.90 -0.84
C TYR E 109 -33.11 -28.86 0.22
N VAL E 110 -34.36 -28.69 0.62
CA VAL E 110 -34.90 -29.54 1.69
C VAL E 110 -34.81 -31.03 1.35
N ALA E 111 -34.95 -31.30 0.06
CA ALA E 111 -34.75 -32.64 -0.50
C ALA E 111 -33.37 -33.22 -0.18
N LEU E 112 -32.33 -32.64 -0.79
CA LEU E 112 -30.97 -33.16 -0.69
C LEU E 112 -30.35 -32.96 0.68
N TRP E 113 -31.04 -32.23 1.55
CA TRP E 113 -30.62 -32.07 2.94
C TRP E 113 -30.35 -33.40 3.64
N ALA E 114 -31.05 -34.44 3.20
CA ALA E 114 -30.74 -35.81 3.60
C ALA E 114 -29.26 -36.08 3.35
N LYS E 115 -28.87 -36.02 2.08
CA LYS E 115 -27.50 -36.30 1.59
C LYS E 115 -26.42 -35.45 2.25
N PHE E 116 -26.61 -34.14 2.32
CA PHE E 116 -25.52 -33.27 2.77
C PHE E 116 -25.37 -33.03 4.29
N PHE E 117 -26.37 -33.40 5.09
CA PHE E 117 -26.30 -33.26 6.55
C PHE E 117 -27.01 -34.38 7.32
N PRO E 118 -26.46 -35.60 7.30
CA PRO E 118 -27.01 -36.66 8.16
C PRO E 118 -26.81 -36.35 9.64
N GLU E 119 -25.87 -35.45 9.93
CA GLU E 119 -25.53 -35.06 11.30
C GLU E 119 -26.75 -34.53 12.03
N LYS E 120 -27.17 -33.33 11.68
CA LYS E 120 -28.42 -32.82 12.20
C LYS E 120 -29.40 -32.58 11.05
N PRO E 121 -30.47 -33.38 10.98
CA PRO E 121 -31.60 -33.17 10.07
C PRO E 121 -32.43 -31.93 10.45
N LEU E 122 -33.55 -31.72 9.76
CA LEU E 122 -34.14 -30.39 9.57
C LEU E 122 -34.81 -29.63 10.75
N ASN E 123 -35.21 -30.33 11.81
CA ASN E 123 -36.13 -29.79 12.85
C ASN E 123 -37.47 -29.32 12.20
N ILE E 124 -38.18 -28.32 12.74
CA ILE E 124 -39.39 -27.73 12.05
C ILE E 124 -39.45 -26.21 12.19
N LYS E 125 -39.51 -25.73 13.43
CA LYS E 125 -39.72 -24.31 13.78
C LYS E 125 -38.66 -23.38 13.16
N HIS E 126 -37.53 -23.96 12.77
CA HIS E 126 -36.56 -23.24 11.96
C HIS E 126 -36.35 -23.95 10.63
N LEU E 127 -36.88 -23.33 9.56
CA LEU E 127 -36.83 -23.88 8.21
C LEU E 127 -36.15 -22.95 7.19
N PRO E 128 -35.48 -23.56 6.19
CA PRO E 128 -34.89 -22.73 5.13
C PRO E 128 -35.95 -22.15 4.21
N TYR E 129 -35.90 -20.87 3.88
CA TYR E 129 -36.72 -20.36 2.78
C TYR E 129 -36.07 -19.16 2.13
N PHE E 130 -36.22 -19.07 0.81
CA PHE E 130 -35.41 -18.16 -0.01
C PHE E 130 -36.24 -17.02 -0.60
N ASP E 131 -35.77 -15.78 -0.44
CA ASP E 131 -36.24 -14.68 -1.27
C ASP E 131 -35.81 -14.94 -2.71
N SER E 132 -36.60 -14.47 -3.68
CA SER E 132 -36.22 -14.62 -5.07
C SER E 132 -36.57 -13.38 -5.89
N ARG E 133 -35.67 -12.94 -6.77
CA ARG E 133 -35.98 -11.78 -7.60
C ARG E 133 -35.54 -11.93 -9.03
N CYS E 134 -36.14 -11.07 -9.85
CA CYS E 134 -35.92 -11.02 -11.28
C CYS E 134 -35.31 -9.68 -11.70
N VAL E 135 -34.22 -9.73 -12.46
CA VAL E 135 -33.54 -8.50 -12.85
C VAL E 135 -33.17 -8.55 -14.31
N ALA E 136 -33.58 -7.53 -15.07
CA ALA E 136 -33.29 -7.47 -16.51
C ALA E 136 -32.06 -6.61 -16.84
N TYR E 137 -31.16 -7.17 -17.66
CA TYR E 137 -29.99 -6.45 -18.18
C TYR E 137 -30.01 -6.31 -19.71
N PRO E 138 -30.01 -5.06 -20.22
CA PRO E 138 -30.26 -4.74 -21.62
C PRO E 138 -29.14 -5.12 -22.56
N ASN E 139 -27.94 -5.37 -22.07
CA ASN E 139 -26.88 -5.83 -22.95
C ASN E 139 -25.94 -6.80 -22.26
N LEU E 140 -25.00 -7.33 -23.04
CA LEU E 140 -24.08 -8.37 -22.61
C LEU E 140 -23.07 -7.89 -21.55
N GLN E 141 -22.57 -6.67 -21.73
CA GLN E 141 -21.56 -6.16 -20.82
C GLN E 141 -22.13 -6.10 -19.40
N THR E 142 -23.34 -5.58 -19.25
CA THR E 142 -23.93 -5.42 -17.93
C THR E 142 -24.12 -6.77 -17.24
N ILE E 143 -24.36 -7.82 -18.02
CA ILE E 143 -24.44 -9.17 -17.48
C ILE E 143 -23.09 -9.65 -17.01
N LYS E 144 -22.10 -9.48 -17.88
CA LYS E 144 -20.73 -9.81 -17.53
C LYS E 144 -20.38 -9.14 -16.21
N ASP E 145 -20.82 -7.90 -16.06
CA ASP E 145 -20.54 -7.07 -14.89
C ASP E 145 -21.32 -7.50 -13.65
N TYR E 146 -22.54 -8.00 -13.81
CA TYR E 146 -23.27 -8.53 -12.67
C TYR E 146 -22.52 -9.75 -12.17
N LEU E 147 -22.18 -10.62 -13.11
CA LEU E 147 -21.40 -11.80 -12.79
C LEU E 147 -20.11 -11.47 -12.07
N SER E 148 -19.38 -10.47 -12.59
CA SER E 148 -18.16 -9.95 -11.97
C SER E 148 -18.45 -9.53 -10.56
N TRP E 149 -19.49 -8.72 -10.44
CA TRP E 149 -19.93 -8.14 -9.18
C TRP E 149 -20.03 -9.20 -8.11
N ARG E 150 -20.78 -10.25 -8.41
CA ARG E 150 -20.94 -11.35 -7.47
C ARG E 150 -19.60 -12.02 -7.18
N TYR E 151 -18.79 -12.20 -8.23
CA TYR E 151 -17.48 -12.80 -8.07
C TYR E 151 -16.64 -12.00 -7.05
N VAL E 152 -16.57 -10.70 -7.27
CA VAL E 152 -15.82 -9.79 -6.42
C VAL E 152 -16.35 -9.88 -4.98
N ASP E 153 -17.66 -9.85 -4.81
CA ASP E 153 -18.28 -9.99 -3.49
C ASP E 153 -17.82 -11.23 -2.72
N THR E 154 -17.86 -12.37 -3.41
CA THR E 154 -17.38 -13.60 -2.81
C THR E 154 -15.89 -13.47 -2.43
N HIS E 155 -15.06 -12.93 -3.33
CA HIS E 155 -13.61 -12.80 -3.06
C HIS E 155 -13.34 -11.99 -1.80
N ILE E 156 -13.84 -10.76 -1.81
CA ILE E 156 -13.63 -9.82 -0.71
C ILE E 156 -14.17 -10.35 0.61
N ASN E 157 -15.38 -10.88 0.57
CA ASN E 157 -15.99 -11.39 1.79
C ASN E 157 -15.25 -12.60 2.34
N ASN E 158 -14.79 -13.49 1.46
CA ASN E 158 -14.07 -14.69 1.89
C ASN E 158 -12.78 -14.26 2.57
N LEU E 159 -12.07 -13.31 1.96
CA LEU E 159 -10.86 -12.80 2.58
C LEU E 159 -11.20 -12.24 3.96
N TYR E 160 -11.98 -11.16 4.00
CA TYR E 160 -12.24 -10.43 5.22
C TYR E 160 -12.78 -11.30 6.34
N ASN E 161 -13.82 -12.06 6.02
CA ASN E 161 -14.45 -12.85 7.06
C ASN E 161 -13.47 -14.00 7.45
N THR E 162 -12.69 -14.52 6.49
CA THR E 162 -11.73 -15.58 6.79
C THR E 162 -10.74 -15.09 7.85
N THR E 163 -10.10 -13.95 7.59
CA THR E 163 -9.09 -13.41 8.52
C THR E 163 -9.75 -12.91 9.81
N PHE E 164 -11.05 -12.66 9.76
CA PHE E 164 -11.79 -12.29 10.96
C PHE E 164 -11.85 -13.51 11.89
N TRP E 165 -12.23 -14.64 11.31
CA TRP E 165 -12.48 -15.88 12.04
C TRP E 165 -11.20 -16.57 12.47
N GLN E 166 -10.13 -16.35 11.73
CA GLN E 166 -8.84 -16.82 12.19
C GLN E 166 -8.35 -15.88 13.29
N LEU E 167 -8.68 -14.58 13.18
CA LEU E 167 -8.29 -13.63 14.22
C LEU E 167 -8.98 -13.95 15.55
N ILE E 168 -10.21 -14.43 15.47
CA ILE E 168 -10.92 -14.83 16.66
C ILE E 168 -10.49 -16.22 17.16
N ILE E 169 -10.27 -17.14 16.21
CA ILE E 169 -10.00 -18.56 16.51
C ILE E 169 -8.56 -18.82 17.04
N LYS E 170 -7.54 -18.33 16.34
CA LYS E 170 -6.16 -18.57 16.75
C LYS E 170 -5.74 -17.69 17.93
N CYS E 171 -6.01 -16.40 17.79
CA CYS E 171 -5.45 -15.38 18.67
C CYS E 171 -6.44 -14.96 19.76
N GLY E 172 -7.57 -15.67 19.82
CA GLY E 172 -8.52 -15.54 20.92
C GLY E 172 -9.14 -14.17 21.04
N LEU E 173 -9.19 -13.45 19.91
CA LEU E 173 -9.75 -12.11 19.86
C LEU E 173 -11.23 -12.05 20.18
N THR E 174 -11.62 -10.97 20.85
CA THR E 174 -13.00 -10.59 20.95
C THR E 174 -13.37 -9.90 19.62
N PRO E 175 -14.64 -10.01 19.18
CA PRO E 175 -15.09 -9.43 17.91
C PRO E 175 -14.69 -7.95 17.69
N GLN E 176 -14.83 -7.14 18.74
CA GLN E 176 -14.58 -5.70 18.66
C GLN E 176 -13.15 -5.38 18.25
N GLU E 177 -12.21 -5.94 19.00
CA GLU E 177 -10.81 -5.71 18.73
C GLU E 177 -10.46 -6.28 17.37
N SER E 178 -11.11 -7.37 16.97
CA SER E 178 -10.79 -7.96 15.67
C SER E 178 -11.25 -7.02 14.56
N GLU E 179 -12.38 -6.37 14.76
CA GLU E 179 -12.88 -5.45 13.76
C GLU E 179 -11.99 -4.21 13.68
N LYS E 180 -11.67 -3.62 14.84
CA LYS E 180 -10.84 -2.42 14.85
C LYS E 180 -9.55 -2.77 14.17
N LYS E 181 -9.04 -3.95 14.47
CA LYS E 181 -7.76 -4.41 13.93
C LYS E 181 -7.82 -4.60 12.42
N LEU E 182 -8.95 -5.08 11.92
CA LEU E 182 -9.05 -5.43 10.50
C LEU E 182 -9.46 -4.25 9.62
N CYS E 183 -9.71 -3.10 10.26
CA CYS E 183 -10.21 -1.92 9.57
C CYS E 183 -9.13 -1.24 8.74
N GLY E 184 -9.54 -0.54 7.69
CA GLY E 184 -8.64 0.25 6.90
C GLY E 184 -7.60 -0.52 6.11
N THR E 185 -7.54 -1.84 6.29
CA THR E 185 -6.47 -2.60 5.67
C THR E 185 -6.66 -2.72 4.19
N PHE E 186 -5.68 -3.31 3.53
CA PHE E 186 -5.81 -3.59 2.10
C PHE E 186 -5.90 -5.07 1.92
N SER E 187 -6.01 -5.51 0.67
CA SER E 187 -6.12 -6.92 0.35
C SER E 187 -4.92 -7.66 0.95
N ASN E 188 -3.72 -7.32 0.47
CA ASN E 188 -2.49 -8.01 0.86
C ASN E 188 -2.21 -7.88 2.36
N GLU E 189 -2.49 -6.70 2.90
CA GLU E 189 -2.39 -6.46 4.34
C GLU E 189 -3.17 -7.54 5.06
N LYS E 190 -4.40 -7.78 4.64
CA LYS E 190 -5.22 -8.79 5.31
C LYS E 190 -4.50 -10.14 5.30
N GLN E 191 -3.99 -10.52 4.14
CA GLN E 191 -3.28 -11.79 3.99
C GLN E 191 -2.06 -11.95 4.90
N GLU E 192 -1.38 -10.84 5.18
CA GLU E 192 -0.20 -10.89 6.03
C GLU E 192 -0.64 -11.22 7.44
N ILE E 193 -1.77 -10.66 7.87
CA ILE E 193 -2.32 -10.96 9.20
C ILE E 193 -2.62 -12.44 9.24
N LEU E 194 -2.77 -13.02 8.05
CA LEU E 194 -3.11 -14.41 7.91
C LEU E 194 -1.85 -15.31 8.03
N PHE E 195 -0.71 -14.80 7.57
CA PHE E 195 0.48 -15.63 7.38
C PHE E 195 1.47 -15.54 8.54
N SER E 196 1.21 -14.71 9.54
CA SER E 196 2.22 -14.57 10.59
C SER E 196 1.58 -14.75 11.96
N GLU E 197 0.62 -13.89 12.27
CA GLU E 197 -0.07 -13.98 13.54
C GLU E 197 -1.00 -15.18 13.58
N CYS E 198 -1.80 -15.34 12.54
CA CYS E 198 -2.85 -16.33 12.56
C CYS E 198 -2.38 -17.65 11.99
N GLY E 199 -1.24 -17.62 11.32
CA GLY E 199 -0.67 -18.83 10.75
C GLY E 199 -1.51 -19.68 9.80
N ILE E 200 -2.01 -19.09 8.70
CA ILE E 200 -2.61 -19.87 7.61
C ILE E 200 -2.38 -19.14 6.27
N ASN E 201 -2.22 -19.91 5.19
CA ASN E 201 -2.00 -19.32 3.85
C ASN E 201 -3.30 -19.26 3.07
N TYR E 202 -3.58 -18.10 2.48
CA TYR E 202 -4.85 -17.85 1.82
C TYR E 202 -4.79 -18.25 0.36
N ASN E 203 -3.60 -18.61 -0.12
CA ASN E 203 -3.48 -19.15 -1.47
C ASN E 203 -3.77 -20.63 -1.45
N ASN E 204 -3.71 -21.21 -0.25
CA ASN E 204 -4.02 -22.61 -0.04
C ASN E 204 -5.44 -22.83 0.47
N GLU E 205 -6.18 -21.76 0.78
CA GLU E 205 -7.60 -21.89 1.10
C GLU E 205 -8.30 -22.35 -0.16
N PRO E 206 -9.24 -23.32 0.00
CA PRO E 206 -9.84 -24.06 -1.13
C PRO E 206 -10.56 -23.14 -2.14
N GLU E 207 -10.47 -23.45 -3.44
CA GLU E 207 -10.85 -22.49 -4.50
C GLU E 207 -12.35 -22.32 -4.78
N MET E 208 -13.16 -23.24 -4.29
CA MET E 208 -14.61 -23.11 -4.32
C MET E 208 -15.03 -22.07 -3.28
N PHE E 209 -14.11 -21.80 -2.34
CA PHE E 209 -14.32 -20.78 -1.31
C PHE E 209 -13.91 -19.39 -1.82
N LYS E 210 -12.84 -19.40 -2.61
CA LYS E 210 -12.13 -18.22 -3.11
C LYS E 210 -12.81 -17.61 -4.35
N LYS E 211 -12.81 -18.35 -5.46
CA LYS E 211 -13.30 -17.81 -6.73
C LYS E 211 -14.82 -18.02 -6.89
N GLY E 212 -15.47 -18.53 -5.83
CA GLY E 212 -16.91 -18.73 -5.81
C GLY E 212 -17.33 -20.11 -6.27
N SER E 213 -18.64 -20.35 -6.37
CA SER E 213 -19.12 -21.61 -6.92
C SER E 213 -19.81 -21.33 -8.24
N LEU E 214 -19.24 -21.77 -9.35
CA LEU E 214 -19.88 -21.48 -10.64
C LEU E 214 -20.35 -22.73 -11.39
N VAL E 215 -21.60 -22.70 -11.88
CA VAL E 215 -22.13 -23.79 -12.68
C VAL E 215 -22.54 -23.39 -14.09
N THR E 216 -21.92 -24.05 -15.08
CA THR E 216 -22.27 -23.88 -16.48
C THR E 216 -23.46 -24.80 -16.68
N ARG E 217 -23.83 -25.08 -17.92
CA ARG E 217 -24.78 -26.14 -18.15
C ARG E 217 -24.17 -27.41 -17.54
N LYS E 218 -25.01 -28.30 -17.03
CA LYS E 218 -24.59 -29.60 -16.44
C LYS E 218 -23.49 -29.48 -15.36
N GLY E 219 -22.30 -30.01 -15.66
CA GLY E 219 -21.18 -30.01 -14.73
C GLY E 219 -20.52 -28.67 -14.45
N GLU E 220 -20.14 -28.48 -13.19
CA GLU E 220 -19.69 -27.17 -12.74
C GLU E 220 -18.19 -27.11 -12.43
N ILE E 221 -17.62 -25.91 -12.62
CA ILE E 221 -16.20 -25.61 -12.43
C ILE E 221 -16.07 -24.27 -11.72
N LEU E 222 -14.93 -24.03 -11.06
CA LEU E 222 -14.72 -22.80 -10.27
C LEU E 222 -13.46 -21.96 -10.72
N HIS E 223 -13.62 -20.87 -11.50
CA HIS E 223 -12.47 -19.98 -11.79
C HIS E 223 -12.75 -18.48 -12.03
N ILE E 224 -12.22 -17.61 -11.16
CA ILE E 224 -12.01 -16.16 -11.42
C ILE E 224 -13.18 -15.38 -12.13
N ASN E 225 -12.80 -14.50 -13.04
CA ASN E 225 -13.57 -14.12 -14.20
C ASN E 225 -12.56 -14.20 -15.34
N VAL E 226 -12.82 -15.16 -16.21
CA VAL E 226 -12.27 -15.18 -17.54
C VAL E 226 -13.55 -15.27 -18.30
N ILE E 227 -13.68 -14.58 -19.42
CA ILE E 227 -14.94 -14.74 -20.11
C ILE E 227 -14.74 -15.88 -21.11
N ALA E 228 -15.23 -17.05 -20.70
CA ALA E 228 -15.45 -18.20 -21.56
C ALA E 228 -16.93 -18.20 -21.81
N GLN E 229 -17.59 -17.24 -21.18
CA GLN E 229 -19.01 -17.00 -21.39
C GLN E 229 -19.18 -16.22 -22.69
N ILE E 230 -18.20 -15.36 -23.00
CA ILE E 230 -18.21 -14.57 -24.23
C ILE E 230 -18.22 -15.50 -25.44
N ASP E 231 -17.53 -16.63 -25.31
CA ASP E 231 -17.41 -17.62 -26.38
C ASP E 231 -18.63 -18.55 -26.45
N GLU E 232 -19.14 -18.99 -25.30
CA GLU E 232 -20.13 -20.07 -25.24
C GLU E 232 -21.46 -19.77 -25.96
N LEU E 233 -21.86 -18.49 -25.96
CA LEU E 233 -23.08 -18.05 -26.65
C LEU E 233 -24.33 -18.82 -26.20
N VAL F 9 -51.42 10.83 2.35
CA VAL F 9 -52.01 10.26 1.14
C VAL F 9 -51.17 10.59 -0.09
N ARG F 10 -50.06 11.28 0.10
CA ARG F 10 -49.07 11.35 -0.98
C ARG F 10 -48.56 9.94 -1.24
N GLN F 11 -48.59 9.13 -0.16
CA GLN F 11 -48.11 7.75 -0.13
C GLN F 11 -48.59 6.83 -1.29
N PHE F 12 -49.81 7.03 -1.80
CA PHE F 12 -50.42 6.12 -2.79
C PHE F 12 -49.96 6.36 -4.21
N GLU F 13 -49.09 7.35 -4.40
CA GLU F 13 -48.68 7.73 -5.74
C GLU F 13 -47.74 6.65 -6.28
N THR F 14 -47.33 6.81 -7.54
CA THR F 14 -46.30 5.94 -8.14
C THR F 14 -45.46 6.63 -9.22
N HIS F 15 -44.13 6.43 -9.15
CA HIS F 15 -43.18 6.93 -10.18
C HIS F 15 -42.28 5.78 -10.71
N ASP F 16 -42.29 5.56 -12.02
CA ASP F 16 -41.52 4.47 -12.61
C ASP F 16 -40.41 5.02 -13.49
N VAL F 17 -39.34 4.26 -13.67
CA VAL F 17 -38.23 4.72 -14.50
C VAL F 17 -38.05 3.78 -15.66
N ILE F 18 -37.56 4.29 -16.78
CA ILE F 18 -37.22 3.49 -17.94
C ILE F 18 -36.02 2.65 -17.49
N LEU F 19 -35.54 1.78 -18.36
CA LEU F 19 -34.38 1.01 -17.96
C LEU F 19 -33.15 1.85 -18.24
N PRO F 20 -32.22 1.82 -17.29
CA PRO F 20 -30.85 2.30 -17.46
C PRO F 20 -30.19 1.70 -18.72
N GLN F 21 -29.59 2.54 -19.56
CA GLN F 21 -28.90 2.11 -20.78
C GLN F 21 -29.86 1.53 -21.79
N CYS F 22 -31.04 2.14 -21.86
CA CYS F 22 -32.12 1.71 -22.75
C CYS F 22 -32.75 2.91 -23.44
N TYR F 23 -32.67 2.97 -24.76
CA TYR F 23 -33.24 4.10 -25.48
C TYR F 23 -34.70 4.30 -25.13
N ILE F 24 -35.05 5.52 -24.76
CA ILE F 24 -36.46 5.87 -24.69
C ILE F 24 -36.92 6.18 -26.12
N VAL F 25 -38.11 5.74 -26.50
CA VAL F 25 -38.79 6.21 -27.70
C VAL F 25 -40.13 6.75 -27.24
N VAL F 26 -40.47 7.98 -27.67
CA VAL F 26 -41.58 8.72 -27.08
C VAL F 26 -42.64 9.17 -28.13
N LYS F 32 -55.24 11.85 -31.72
CA LYS F 32 -54.64 11.14 -32.84
C LYS F 32 -55.51 9.94 -33.35
N PHE F 33 -55.52 9.77 -34.68
CA PHE F 33 -56.48 8.91 -35.37
C PHE F 33 -55.85 8.24 -36.60
N GLU F 35 -61.83 12.40 -37.39
CA GLU F 35 -62.68 13.57 -37.11
C GLU F 35 -61.89 14.87 -37.23
N PHE F 36 -60.94 15.07 -36.33
CA PHE F 36 -60.02 16.19 -36.46
C PHE F 36 -58.95 15.74 -37.44
N SER F 37 -58.83 14.42 -37.61
CA SER F 37 -57.98 13.84 -38.66
C SER F 37 -58.31 14.55 -39.98
N LYS F 38 -59.58 14.57 -40.34
CA LYS F 38 -60.06 15.48 -41.39
C LYS F 38 -61.31 16.23 -40.92
N PHE F 39 -61.15 17.53 -40.69
CA PHE F 39 -62.24 18.44 -40.30
C PHE F 39 -62.14 19.61 -41.25
N TYR F 40 -61.00 20.29 -41.15
CA TYR F 40 -60.64 21.40 -42.02
C TYR F 40 -60.01 20.84 -43.30
N GLU F 41 -58.82 20.26 -43.20
CA GLU F 41 -58.22 19.50 -44.31
C GLU F 41 -57.29 18.32 -43.93
N PHE F 42 -57.43 17.22 -44.68
CA PHE F 42 -56.58 16.01 -44.64
C PHE F 42 -56.10 15.63 -43.24
N VAL F 62 -37.81 22.25 -34.40
CA VAL F 62 -38.65 21.40 -33.54
C VAL F 62 -37.72 20.50 -32.69
N LEU F 63 -36.41 20.56 -32.94
CA LEU F 63 -35.45 19.80 -32.13
C LEU F 63 -35.09 20.69 -30.94
N LYS F 64 -35.71 20.35 -29.82
CA LYS F 64 -35.87 21.27 -28.70
C LYS F 64 -34.70 21.29 -27.72
N TYR F 65 -34.03 20.15 -27.56
CA TYR F 65 -33.01 19.99 -26.53
C TYR F 65 -31.69 19.41 -27.06
N LYS F 66 -31.75 18.20 -27.59
CA LYS F 66 -30.57 17.42 -28.01
C LYS F 66 -29.66 17.21 -26.79
N ASN F 67 -28.36 17.42 -26.96
CA ASN F 67 -27.37 17.14 -25.91
C ASN F 67 -27.54 15.69 -25.52
N ASP F 68 -28.06 15.47 -24.31
CA ASP F 68 -28.41 14.15 -23.82
C ASP F 68 -29.15 13.35 -24.90
N ILE F 69 -30.01 14.01 -25.67
CA ILE F 69 -30.99 13.33 -26.52
C ILE F 69 -30.82 13.58 -28.02
N ILE F 70 -31.43 12.72 -28.84
CA ILE F 70 -31.49 12.95 -30.27
C ILE F 70 -32.75 13.78 -30.53
N LEU F 83 -35.07 9.20 -28.51
CA LEU F 83 -34.24 9.73 -27.42
C LEU F 83 -32.83 9.10 -27.52
N LYS F 84 -32.20 8.83 -26.36
CA LYS F 84 -30.80 8.32 -26.30
C LYS F 84 -30.49 7.42 -25.07
N SER F 85 -29.58 6.46 -25.23
CA SER F 85 -29.28 5.40 -24.24
C SER F 85 -29.07 5.85 -22.78
N SER F 86 -27.94 6.50 -22.55
CA SER F 86 -27.53 6.81 -21.19
C SER F 86 -28.13 8.11 -20.75
N THR F 87 -28.90 8.70 -21.65
CA THR F 87 -29.63 9.92 -21.35
C THR F 87 -30.40 9.77 -20.08
N THR F 88 -30.12 10.65 -19.13
CA THR F 88 -30.79 10.60 -17.85
C THR F 88 -31.87 11.66 -17.75
N LEU F 89 -32.37 12.09 -18.89
CA LEU F 89 -33.36 13.14 -19.04
C LEU F 89 -34.34 13.36 -17.92
N PHE F 90 -34.06 14.38 -17.15
CA PHE F 90 -34.90 14.70 -15.99
C PHE F 90 -35.47 13.43 -15.39
N ASN F 91 -34.54 12.60 -14.87
CA ASN F 91 -34.77 11.40 -14.06
C ASN F 91 -35.13 10.13 -14.84
N ARG F 92 -35.39 10.23 -16.15
CA ARG F 92 -35.94 9.09 -16.93
C ARG F 92 -37.34 8.67 -16.48
N ARG F 93 -37.84 9.30 -15.41
CA ARG F 93 -39.16 9.09 -14.83
C ARG F 93 -40.23 9.15 -15.92
N LYS F 94 -41.02 8.08 -16.05
CA LYS F 94 -41.83 7.95 -17.25
C LYS F 94 -43.28 8.46 -17.16
N ASP F 95 -43.75 8.80 -15.96
CA ASP F 95 -45.08 9.39 -15.83
C ASP F 95 -44.99 10.89 -16.14
N LYS F 96 -43.78 11.31 -16.54
CA LYS F 96 -43.44 12.71 -16.70
C LYS F 96 -43.65 13.23 -18.13
N LEU F 97 -44.32 12.46 -18.96
CA LEU F 97 -44.97 13.04 -20.15
C LEU F 97 -46.29 13.71 -19.74
N ALA F 98 -46.73 13.44 -18.50
CA ALA F 98 -47.58 14.28 -17.60
C ALA F 98 -48.52 13.40 -16.77
N LEU F 100 -47.65 18.06 -16.81
CA LEU F 100 -47.52 18.81 -18.06
C LEU F 100 -46.58 18.18 -19.14
N PHE F 101 -46.89 18.48 -20.42
CA PHE F 101 -46.14 18.10 -21.66
C PHE F 101 -47.08 18.19 -22.88
N PHE F 105 -47.48 20.59 -25.57
CA PHE F 105 -46.84 20.48 -26.88
C PHE F 105 -47.69 21.16 -27.95
N THR F 106 -47.31 22.40 -28.30
CA THR F 106 -47.88 23.22 -29.39
C THR F 106 -47.14 23.25 -30.76
N SER F 107 -45.95 22.64 -30.83
CA SER F 107 -45.04 22.72 -32.00
C SER F 107 -45.52 21.96 -33.26
N ASN F 108 -44.69 22.04 -34.31
CA ASN F 108 -44.87 21.41 -35.65
C ASN F 108 -46.31 20.94 -35.98
N CYS F 134 -42.21 6.69 -24.19
CA CYS F 134 -43.09 5.60 -23.79
C CYS F 134 -42.36 4.27 -23.85
N VAL F 135 -41.49 4.10 -24.86
CA VAL F 135 -41.00 2.77 -25.24
C VAL F 135 -39.54 2.51 -24.98
N ALA F 136 -39.26 1.66 -23.99
CA ALA F 136 -37.88 1.36 -23.64
C ALA F 136 -37.32 0.29 -24.54
N TYR F 137 -36.30 0.66 -25.29
CA TYR F 137 -35.65 -0.28 -26.20
C TYR F 137 -34.26 -0.70 -25.78
N PRO F 138 -34.06 -2.02 -25.69
CA PRO F 138 -32.84 -2.79 -25.43
C PRO F 138 -31.81 -2.63 -26.54
N ASN F 139 -30.98 -3.65 -26.74
CA ASN F 139 -29.74 -3.61 -27.51
C ASN F 139 -29.87 -2.86 -28.82
N LEU F 140 -28.74 -2.32 -29.28
CA LEU F 140 -28.67 -1.36 -30.38
C LEU F 140 -29.51 -1.72 -31.61
N GLN F 141 -29.61 -3.02 -31.87
CA GLN F 141 -30.36 -3.50 -33.01
C GLN F 141 -31.88 -3.31 -32.87
N THR F 142 -32.41 -3.31 -31.64
CA THR F 142 -33.86 -3.22 -31.43
C THR F 142 -34.46 -1.86 -31.82
N ILE F 143 -33.74 -0.80 -31.51
CA ILE F 143 -34.20 0.52 -31.91
C ILE F 143 -33.78 0.74 -33.34
N LYS F 144 -32.78 -0.04 -33.76
CA LYS F 144 -32.36 -0.02 -35.14
C LYS F 144 -33.49 -0.63 -36.01
N ASP F 145 -34.22 -1.59 -35.45
CA ASP F 145 -35.34 -2.15 -36.18
C ASP F 145 -36.64 -1.49 -35.78
N TYR F 146 -36.61 -0.57 -34.81
CA TYR F 146 -37.78 0.28 -34.58
C TYR F 146 -37.83 1.35 -35.64
N LEU F 147 -36.66 1.82 -36.02
CA LEU F 147 -36.62 2.73 -37.13
C LEU F 147 -36.80 1.91 -38.41
N SER F 148 -36.11 0.78 -38.54
CA SER F 148 -36.21 -0.07 -39.75
C SER F 148 -37.63 -0.54 -40.07
N TRP F 149 -38.30 -1.04 -39.04
CA TRP F 149 -39.64 -1.63 -39.10
C TRP F 149 -40.69 -0.57 -39.49
N ARG F 150 -40.36 0.71 -39.29
CA ARG F 150 -41.27 1.79 -39.66
C ARG F 150 -41.01 2.48 -41.01
N TYR F 151 -40.08 1.96 -41.83
CA TYR F 151 -39.67 2.58 -43.12
C TYR F 151 -40.73 2.29 -44.20
N VAL F 152 -41.78 1.54 -43.84
CA VAL F 152 -42.82 1.16 -44.79
C VAL F 152 -44.03 2.12 -44.74
N ASP F 153 -44.63 2.40 -45.91
CA ASP F 153 -45.79 3.32 -46.00
C ASP F 153 -46.94 2.86 -46.95
N THR F 154 -47.93 3.74 -47.16
CA THR F 154 -49.13 3.43 -47.97
C THR F 154 -48.95 3.62 -49.49
PG GTP G . 12.17 26.14 12.55
O1G GTP G . 11.69 26.77 11.24
O2G GTP G . 11.47 24.81 12.71
O3G GTP G . 13.65 25.88 12.42
O3B GTP G . 11.86 27.01 13.92
PB GTP G . 12.52 28.43 14.40
O1B GTP G . 13.18 29.18 13.26
O2B GTP G . 11.45 29.33 14.99
O3A GTP G . 13.50 28.15 15.66
PA GTP G . 13.71 26.71 16.38
O1A GTP G . 12.34 26.23 16.80
O2A GTP G . 14.42 25.73 15.48
O5' GTP G . 14.68 26.92 17.65
C5' GTP G . 14.16 27.24 18.93
C4' GTP G . 13.60 28.66 18.92
O4' GTP G . 12.57 28.76 19.88
C3' GTP G . 14.59 29.79 19.25
O3' GTP G . 15.07 30.43 18.09
C2' GTP G . 13.73 30.78 20.03
O2' GTP G . 13.65 31.95 19.24
C1' GTP G . 12.37 30.11 20.24
N9 GTP G . 12.00 30.07 21.66
C8 GTP G . 11.68 28.94 22.37
N7 GTP G . 11.40 29.30 23.65
C5 GTP G . 11.53 30.66 23.78
C6 GTP G . 11.36 31.56 24.83
O6 GTP G . 11.05 31.18 25.96
N1 GTP G . 11.58 32.91 24.61
C2 GTP G . 11.95 33.38 23.34
N2 GTP G . 12.16 34.68 23.10
N3 GTP G . 12.10 32.47 22.30
C4 GTP G . 11.89 31.14 22.51
MG MG H . 14.82 23.44 18.74
MG MG I . 11.45 25.28 14.65
P PO4 J . -6.50 3.99 8.46
O1 PO4 J . -6.10 4.03 6.99
O2 PO4 J . -5.71 4.99 9.30
O3 PO4 J . -6.25 2.59 8.97
O4 PO4 J . -7.95 4.39 8.58
P PO4 K . 14.94 18.59 9.13
O1 PO4 K . 15.75 19.38 8.13
O2 PO4 K . 13.48 18.53 8.71
O3 PO4 K . 15.47 17.16 9.24
O4 PO4 K . 14.95 19.29 10.48
PG GTP L . -12.27 8.67 13.33
O1G GTP L . -11.05 9.24 12.61
O2G GTP L . -12.70 7.47 12.53
O3G GTP L . -11.88 8.24 14.75
O3B GTP L . -13.42 9.81 13.25
PB GTP L . -14.93 9.67 13.79
O1B GTP L . -15.13 10.62 14.94
O2B GTP L . -15.25 8.27 14.24
O3A GTP L . -15.91 10.11 12.59
PA GTP L . -15.59 10.11 11.00
O1A GTP L . -14.67 11.26 10.70
O2A GTP L . -14.97 8.82 10.53
O5' GTP L . -17.05 10.34 10.31
C5' GTP L . -17.77 11.56 10.34
C4' GTP L . -18.30 11.89 11.74
O4' GTP L . -18.12 13.27 11.99
C3' GTP L . -19.78 11.61 11.99
O3' GTP L . -19.95 10.40 12.70
C2' GTP L . -20.24 12.73 12.87
O2' GTP L . -20.42 12.23 14.18
C1' GTP L . -19.15 13.82 12.79
N9 GTP L . -19.67 15.03 12.10
C8 GTP L . -19.21 15.67 10.97
N7 GTP L . -20.00 16.75 10.70
C5 GTP L . -20.95 16.80 11.66
C6 GTP L . -22.01 17.66 11.92
O6 GTP L . -22.22 18.61 11.16
N1 GTP L . -22.84 17.43 13.01
C2 GTP L . -22.61 16.35 13.86
N2 GTP L . -23.35 16.06 14.94
N3 GTP L . -21.55 15.52 13.60
C4 GTP L . -20.75 15.74 12.54
MG MG M . -15.83 10.77 6.16
MG MG N . -12.26 11.04 12.19
PG GTP O . 30.90 -0.38 -8.26
O1G GTP O . 30.97 1.12 -8.14
O2G GTP O . 29.50 -0.73 -7.79
O3G GTP O . 31.90 -1.00 -7.30
O3B GTP O . 31.09 -0.80 -9.83
PB GTP O . 32.48 -0.96 -10.66
O1B GTP O . 33.69 -0.55 -9.86
O2B GTP O . 32.70 -2.40 -11.04
O3A GTP O . 32.46 -0.17 -12.07
PA GTP O . 31.21 0.63 -12.71
O1A GTP O . 30.76 1.81 -11.87
O2A GTP O . 30.10 -0.36 -12.94
O5' GTP O . 31.72 1.14 -14.16
C5' GTP O . 31.77 0.26 -15.26
C4' GTP O . 33.07 -0.54 -15.27
O4' GTP O . 32.82 -1.81 -15.85
C3' GTP O . 34.16 0.10 -16.10
O3' GTP O . 35.14 0.72 -15.29
C2' GTP O . 34.79 -1.03 -16.89
O2' GTP O . 36.07 -1.35 -16.42
C1' GTP O . 33.87 -2.24 -16.70
N9 GTP O . 33.42 -2.74 -18.03
C8 GTP O . 32.15 -2.92 -18.52
N7 GTP O . 32.21 -3.41 -19.78
C5 GTP O . 33.53 -3.56 -20.10
C6 GTP O . 34.20 -4.01 -21.23
O6 GTP O . 33.54 -4.37 -22.20
N1 GTP O . 35.59 -4.05 -21.25
C2 GTP O . 36.32 -3.63 -20.16
N2 GTP O . 37.65 -3.65 -20.15
N3 GTP O . 35.65 -3.19 -19.04
C4 GTP O . 34.29 -3.15 -19.01
MG MG P . 28.55 2.59 -14.54
MG MG Q . 29.52 -1.08 -11.04
P PO4 R . 6.78 -14.03 0.59
O1 PO4 R . 7.39 -13.06 -0.41
O2 PO4 R . 5.31 -14.05 0.35
O3 PO4 R . 7.00 -13.64 2.03
O4 PO4 R . 7.42 -15.41 0.43
P PO4 S . 25.12 4.21 -6.11
O1 PO4 S . 23.82 4.85 -6.58
O2 PO4 S . 24.82 3.10 -5.13
O3 PO4 S . 25.91 5.30 -5.41
O4 PO4 S . 25.80 3.60 -7.31
PG GTP T . 8.65 -19.86 -3.96
O1G GTP T . 8.23 -19.55 -5.40
O2G GTP T . 9.42 -18.68 -3.41
O3G GTP T . 7.43 -20.03 -3.09
O3B GTP T . 9.63 -21.14 -3.77
PB GTP T . 9.35 -22.67 -4.21
O1B GTP T . 8.06 -22.87 -4.98
O2B GTP T . 10.52 -23.05 -5.06
O3A GTP T . 9.32 -23.63 -2.94
PA GTP T . 9.62 -23.10 -1.45
O1A GTP T . 8.50 -22.26 -0.94
O2A GTP T . 10.90 -22.29 -1.50
O5' GTP T . 9.89 -24.45 -0.59
C5' GTP T . 11.05 -25.25 -0.82
C4' GTP T . 10.93 -26.05 -2.13
O4' GTP T . 12.20 -26.19 -2.74
C3' GTP T . 10.38 -27.46 -1.96
O3' GTP T . 9.02 -27.55 -2.29
C2' GTP T . 11.20 -28.30 -2.92
O2' GTP T . 10.46 -28.66 -4.06
C1' GTP T . 12.40 -27.46 -3.33
N9 GTP T . 13.55 -28.19 -2.78
C8 GTP T . 14.51 -27.76 -1.87
N7 GTP T . 15.39 -28.77 -1.63
C5 GTP T . 15.02 -29.84 -2.37
C6 GTP T . 15.54 -31.11 -2.52
O6 GTP T . 16.55 -31.45 -1.90
N1 GTP T . 14.92 -32.00 -3.38
C2 GTP T . 13.78 -31.62 -4.08
N2 GTP T . 13.15 -32.45 -4.91
N3 GTP T . 13.28 -30.36 -3.92
C4 GTP T . 13.88 -29.48 -3.08
MG MG U . 11.39 -22.16 1.98
MG MG V . 11.08 -20.68 -2.43
PG GTP W . -31.54 -10.95 5.00
O1G GTP W . -31.05 -9.53 4.98
O2G GTP W . -32.64 -11.07 3.97
O3G GTP W . -32.10 -11.23 6.37
O3B GTP W . -30.31 -11.96 4.63
PB GTP W . -29.19 -12.54 5.65
O1B GTP W . -28.59 -11.43 6.49
O2B GTP W . -29.80 -13.56 6.58
O3A GTP W . -28.05 -13.21 4.70
PA GTP W . -27.09 -12.44 3.63
O1A GTP W . -27.47 -11.00 3.41
O2A GTP W . -27.13 -13.16 2.31
O5' GTP W . -25.58 -12.51 4.20
C5' GTP W . -24.74 -13.63 4.02
C4' GTP W . -25.07 -14.64 5.09
O4' GTP W . -24.97 -15.96 4.59
C3' GTP W . -24.17 -14.60 6.32
O3' GTP W . -24.77 -13.87 7.36
C2' GTP W . -24.04 -16.06 6.74
O2' GTP W . -24.64 -16.25 7.99
C1' GTP W . -24.75 -16.86 5.66
N9 GTP W . -23.89 -17.91 5.12
C8 GTP W . -23.73 -18.16 3.78
N7 GTP W . -22.87 -19.19 3.62
C5 GTP W . -22.50 -19.63 4.84
C6 GTP W . -21.66 -20.66 5.22
O6 GTP W . -21.11 -21.35 4.36
N1 GTP W . -21.46 -20.89 6.59
C2 GTP W . -22.09 -20.08 7.53
N2 GTP W . -21.91 -20.29 8.84
N3 GTP W . -22.94 -19.06 7.12
C4 GTP W . -23.14 -18.83 5.80
MG MG X . -25.93 -12.58 0.31
MG MG Y . -30.20 -13.84 3.20
P PO4 Z . -34.11 -5.23 -0.88
O1 PO4 Z . -33.80 -4.91 -2.33
O2 PO4 Z . -35.26 -6.22 -0.81
O3 PO4 Z . -34.54 -4.00 -0.10
O4 PO4 Z . -32.88 -5.86 -0.27
#